data_3N90
# 
_entry.id   3N90 
# 
_audit_conform.dict_name       mmcif_pdbx.dic 
_audit_conform.dict_version    5.398 
_audit_conform.dict_location   http://mmcif.pdb.org/dictionaries/ascii/mmcif_pdbx.dic 
# 
loop_
_database_2.database_id 
_database_2.database_code 
_database_2.pdbx_database_accession 
_database_2.pdbx_DOI 
PDB   3N90         pdb_00003n90 10.2210/pdb3n90/pdb 
RCSB  RCSB059531   ?            ?                   
WWPDB D_1000059531 ?            ?                   
# 
loop_
_pdbx_audit_revision_history.ordinal 
_pdbx_audit_revision_history.data_content_type 
_pdbx_audit_revision_history.major_revision 
_pdbx_audit_revision_history.minor_revision 
_pdbx_audit_revision_history.revision_date 
1 'Structure model' 1 0 2011-06-29 
2 'Structure model' 1 1 2011-07-13 
3 'Structure model' 1 2 2024-11-06 
# 
_pdbx_audit_revision_details.ordinal             1 
_pdbx_audit_revision_details.revision_ordinal    1 
_pdbx_audit_revision_details.data_content_type   'Structure model' 
_pdbx_audit_revision_details.provider            repository 
_pdbx_audit_revision_details.type                'Initial release' 
_pdbx_audit_revision_details.description         ? 
_pdbx_audit_revision_details.details             ? 
# 
loop_
_pdbx_audit_revision_group.ordinal 
_pdbx_audit_revision_group.revision_ordinal 
_pdbx_audit_revision_group.data_content_type 
_pdbx_audit_revision_group.group 
1 2 'Structure model' 'Version format compliance' 
2 3 'Structure model' 'Data collection'           
3 3 'Structure model' 'Database references'       
4 3 'Structure model' 'Derived calculations'      
5 3 'Structure model' 'Structure summary'         
# 
loop_
_pdbx_audit_revision_category.ordinal 
_pdbx_audit_revision_category.revision_ordinal 
_pdbx_audit_revision_category.data_content_type 
_pdbx_audit_revision_category.category 
1 3 'Structure model' chem_comp_atom            
2 3 'Structure model' chem_comp_bond            
3 3 'Structure model' database_2                
4 3 'Structure model' pdbx_entry_details        
5 3 'Structure model' pdbx_modification_feature 
6 3 'Structure model' struct_ref_seq_dif        
7 3 'Structure model' struct_site               
# 
loop_
_pdbx_audit_revision_item.ordinal 
_pdbx_audit_revision_item.revision_ordinal 
_pdbx_audit_revision_item.data_content_type 
_pdbx_audit_revision_item.item 
1 3 'Structure model' '_database_2.pdbx_DOI'                
2 3 'Structure model' '_database_2.pdbx_database_accession' 
3 3 'Structure model' '_struct_ref_seq_dif.details'         
4 3 'Structure model' '_struct_site.pdbx_auth_asym_id'      
5 3 'Structure model' '_struct_site.pdbx_auth_comp_id'      
6 3 'Structure model' '_struct_site.pdbx_auth_seq_id'       
# 
_pdbx_database_status.status_code                     REL 
_pdbx_database_status.entry_id                        3N90 
_pdbx_database_status.recvd_initial_deposition_date   2010-05-28 
_pdbx_database_status.deposit_site                    RCSB 
_pdbx_database_status.process_site                    RCSB 
_pdbx_database_status.status_code_sf                  REL 
_pdbx_database_status.status_code_mr                  ? 
_pdbx_database_status.SG_entry                        ? 
_pdbx_database_status.status_code_cs                  ? 
_pdbx_database_status.pdb_format_compatible           Y 
_pdbx_database_status.status_code_nmr_data            ? 
_pdbx_database_status.methods_development_category    ? 
# 
loop_
_audit_author.name 
_audit_author.pdbx_ordinal 
'Ni, S.'        1 
'Mckgookey, M.' 2 
'Tinch, S.L.'   3 
'Jones, A.N.'   4 
'Jayaraman, S.' 5 
'Kennedy, M.A.' 6 
# 
_citation.id                        primary 
_citation.title                     
;The 1.7 Angstrom resolution crystal structure of AT2G44920, a pentapeptide repeat protein from Arabidopsis thaliana thylakoid lumen.
;
_citation.journal_abbrev            'To be Published' 
_citation.journal_volume            ? 
_citation.page_first                ? 
_citation.page_last                 ? 
_citation.year                      ? 
_citation.journal_id_ASTM           ? 
_citation.country                   ? 
_citation.journal_id_ISSN           ? 
_citation.journal_id_CSD            0353 
_citation.book_publisher            ? 
_citation.pdbx_database_id_PubMed   ? 
_citation.pdbx_database_id_DOI      ? 
# 
loop_
_citation_author.citation_id 
_citation_author.name 
_citation_author.ordinal 
_citation_author.identifier_ORCID 
primary 'Ni, S.'        1 ? 
primary 'Mckgookey, M.' 2 ? 
primary 'Tinch, S.L.'   3 ? 
primary 'Jones, A.N.'   4 ? 
primary 'Jayaraman, S.' 5 ? 
primary 'Kennedy, M.A.' 6 ? 
# 
loop_
_entity.id 
_entity.type 
_entity.src_method 
_entity.pdbx_description 
_entity.formula_weight 
_entity.pdbx_number_of_molecules 
_entity.pdbx_ec 
_entity.pdbx_mutation 
_entity.pdbx_fragment 
_entity.details 
1 polymer     man 'Thylakoid lumenal 15 kDa protein 1, chloroplastic' 16251.973 1   ? 'V173M, T174M' 'UNP residues 81-224' ? 
2 non-polymer syn 'SULFATE ION'                                       96.063    1   ? ?              ?                     ? 
3 water       nat water                                               18.015    103 ? ?              ?                     ? 
# 
_entity_name_com.entity_id   1 
_entity_name_com.name        p15 
# 
_entity_poly.entity_id                      1 
_entity_poly.type                           'polypeptide(L)' 
_entity_poly.nstd_linkage                   no 
_entity_poly.nstd_monomer                   no 
_entity_poly.pdbx_seq_one_letter_code       
;AFKGGGPYGQGVTRGQDLSGKDFSGQTLIRQDFKTSILRQANFKGAKLLGASFFDADLTGADLSEADLRGADFSLANVTK
VNLTNANLEGATMMGNTSFKGSNITGADFTDVPLRDDQRVYLCKVADGVNATTGNATRDTLLCNLEHHHHHH
;
_entity_poly.pdbx_seq_one_letter_code_can   
;AFKGGGPYGQGVTRGQDLSGKDFSGQTLIRQDFKTSILRQANFKGAKLLGASFFDADLTGADLSEADLRGADFSLANVTK
VNLTNANLEGATMMGNTSFKGSNITGADFTDVPLRDDQRVYLCKVADGVNATTGNATRDTLLCNLEHHHHHH
;
_entity_poly.pdbx_strand_id                 A 
_entity_poly.pdbx_target_identifier         ? 
# 
loop_
_pdbx_entity_nonpoly.entity_id 
_pdbx_entity_nonpoly.name 
_pdbx_entity_nonpoly.comp_id 
2 'SULFATE ION' SO4 
3 water         HOH 
# 
loop_
_entity_poly_seq.entity_id 
_entity_poly_seq.num 
_entity_poly_seq.mon_id 
_entity_poly_seq.hetero 
1 1   ALA n 
1 2   PHE n 
1 3   LYS n 
1 4   GLY n 
1 5   GLY n 
1 6   GLY n 
1 7   PRO n 
1 8   TYR n 
1 9   GLY n 
1 10  GLN n 
1 11  GLY n 
1 12  VAL n 
1 13  THR n 
1 14  ARG n 
1 15  GLY n 
1 16  GLN n 
1 17  ASP n 
1 18  LEU n 
1 19  SER n 
1 20  GLY n 
1 21  LYS n 
1 22  ASP n 
1 23  PHE n 
1 24  SER n 
1 25  GLY n 
1 26  GLN n 
1 27  THR n 
1 28  LEU n 
1 29  ILE n 
1 30  ARG n 
1 31  GLN n 
1 32  ASP n 
1 33  PHE n 
1 34  LYS n 
1 35  THR n 
1 36  SER n 
1 37  ILE n 
1 38  LEU n 
1 39  ARG n 
1 40  GLN n 
1 41  ALA n 
1 42  ASN n 
1 43  PHE n 
1 44  LYS n 
1 45  GLY n 
1 46  ALA n 
1 47  LYS n 
1 48  LEU n 
1 49  LEU n 
1 50  GLY n 
1 51  ALA n 
1 52  SER n 
1 53  PHE n 
1 54  PHE n 
1 55  ASP n 
1 56  ALA n 
1 57  ASP n 
1 58  LEU n 
1 59  THR n 
1 60  GLY n 
1 61  ALA n 
1 62  ASP n 
1 63  LEU n 
1 64  SER n 
1 65  GLU n 
1 66  ALA n 
1 67  ASP n 
1 68  LEU n 
1 69  ARG n 
1 70  GLY n 
1 71  ALA n 
1 72  ASP n 
1 73  PHE n 
1 74  SER n 
1 75  LEU n 
1 76  ALA n 
1 77  ASN n 
1 78  VAL n 
1 79  THR n 
1 80  LYS n 
1 81  VAL n 
1 82  ASN n 
1 83  LEU n 
1 84  THR n 
1 85  ASN n 
1 86  ALA n 
1 87  ASN n 
1 88  LEU n 
1 89  GLU n 
1 90  GLY n 
1 91  ALA n 
1 92  THR n 
1 93  MET n 
1 94  MET n 
1 95  GLY n 
1 96  ASN n 
1 97  THR n 
1 98  SER n 
1 99  PHE n 
1 100 LYS n 
1 101 GLY n 
1 102 SER n 
1 103 ASN n 
1 104 ILE n 
1 105 THR n 
1 106 GLY n 
1 107 ALA n 
1 108 ASP n 
1 109 PHE n 
1 110 THR n 
1 111 ASP n 
1 112 VAL n 
1 113 PRO n 
1 114 LEU n 
1 115 ARG n 
1 116 ASP n 
1 117 ASP n 
1 118 GLN n 
1 119 ARG n 
1 120 VAL n 
1 121 TYR n 
1 122 LEU n 
1 123 CYS n 
1 124 LYS n 
1 125 VAL n 
1 126 ALA n 
1 127 ASP n 
1 128 GLY n 
1 129 VAL n 
1 130 ASN n 
1 131 ALA n 
1 132 THR n 
1 133 THR n 
1 134 GLY n 
1 135 ASN n 
1 136 ALA n 
1 137 THR n 
1 138 ARG n 
1 139 ASP n 
1 140 THR n 
1 141 LEU n 
1 142 LEU n 
1 143 CYS n 
1 144 ASN n 
1 145 LEU n 
1 146 GLU n 
1 147 HIS n 
1 148 HIS n 
1 149 HIS n 
1 150 HIS n 
1 151 HIS n 
1 152 HIS n 
# 
_entity_src_gen.entity_id                          1 
_entity_src_gen.pdbx_src_id                        1 
_entity_src_gen.pdbx_alt_source_flag               sample 
_entity_src_gen.pdbx_seq_type                      ? 
_entity_src_gen.pdbx_beg_seq_num                   ? 
_entity_src_gen.pdbx_end_seq_num                   ? 
_entity_src_gen.gene_src_common_name               'mouse ear cress' 
_entity_src_gen.gene_src_genus                     ? 
_entity_src_gen.pdbx_gene_src_gene                 'At2g44920, T13E15.7' 
_entity_src_gen.gene_src_species                   ? 
_entity_src_gen.gene_src_strain                    ? 
_entity_src_gen.gene_src_tissue                    ? 
_entity_src_gen.gene_src_tissue_fraction           ? 
_entity_src_gen.gene_src_details                   T7 
_entity_src_gen.pdbx_gene_src_fragment             ? 
_entity_src_gen.pdbx_gene_src_scientific_name      'Arabidopsis thaliana' 
_entity_src_gen.pdbx_gene_src_ncbi_taxonomy_id     3702 
_entity_src_gen.pdbx_gene_src_variant              ? 
_entity_src_gen.pdbx_gene_src_cell_line            ? 
_entity_src_gen.pdbx_gene_src_atcc                 ? 
_entity_src_gen.pdbx_gene_src_organ                ? 
_entity_src_gen.pdbx_gene_src_organelle            ? 
_entity_src_gen.pdbx_gene_src_cell                 ? 
_entity_src_gen.pdbx_gene_src_cellular_location    ? 
_entity_src_gen.host_org_common_name               ? 
_entity_src_gen.pdbx_host_org_scientific_name      'Escherichia coli' 
_entity_src_gen.pdbx_host_org_ncbi_taxonomy_id     469008 
_entity_src_gen.host_org_genus                     ? 
_entity_src_gen.pdbx_host_org_gene                 ? 
_entity_src_gen.pdbx_host_org_organ                ? 
_entity_src_gen.host_org_species                   ? 
_entity_src_gen.pdbx_host_org_tissue               ? 
_entity_src_gen.pdbx_host_org_tissue_fraction      ? 
_entity_src_gen.pdbx_host_org_strain               BL21DE3 
_entity_src_gen.pdbx_host_org_variant              ? 
_entity_src_gen.pdbx_host_org_cell_line            ? 
_entity_src_gen.pdbx_host_org_atcc                 ? 
_entity_src_gen.pdbx_host_org_culture_collection   ? 
_entity_src_gen.pdbx_host_org_cell                 ? 
_entity_src_gen.pdbx_host_org_organelle            ? 
_entity_src_gen.pdbx_host_org_cellular_location    ? 
_entity_src_gen.pdbx_host_org_vector_type          plasmid 
_entity_src_gen.pdbx_host_org_vector               ? 
_entity_src_gen.host_org_details                   ? 
_entity_src_gen.expression_system_id               ? 
_entity_src_gen.plasmid_name                       pET28b 
_entity_src_gen.plasmid_details                    ? 
_entity_src_gen.pdbx_description                   ? 
# 
loop_
_chem_comp.id 
_chem_comp.type 
_chem_comp.mon_nstd_flag 
_chem_comp.name 
_chem_comp.pdbx_synonyms 
_chem_comp.formula 
_chem_comp.formula_weight 
ALA 'L-peptide linking' y ALANINE         ? 'C3 H7 N O2'     89.093  
ARG 'L-peptide linking' y ARGININE        ? 'C6 H15 N4 O2 1' 175.209 
ASN 'L-peptide linking' y ASPARAGINE      ? 'C4 H8 N2 O3'    132.118 
ASP 'L-peptide linking' y 'ASPARTIC ACID' ? 'C4 H7 N O4'     133.103 
CYS 'L-peptide linking' y CYSTEINE        ? 'C3 H7 N O2 S'   121.158 
GLN 'L-peptide linking' y GLUTAMINE       ? 'C5 H10 N2 O3'   146.144 
GLU 'L-peptide linking' y 'GLUTAMIC ACID' ? 'C5 H9 N O4'     147.129 
GLY 'peptide linking'   y GLYCINE         ? 'C2 H5 N O2'     75.067  
HIS 'L-peptide linking' y HISTIDINE       ? 'C6 H10 N3 O2 1' 156.162 
HOH non-polymer         . WATER           ? 'H2 O'           18.015  
ILE 'L-peptide linking' y ISOLEUCINE      ? 'C6 H13 N O2'    131.173 
LEU 'L-peptide linking' y LEUCINE         ? 'C6 H13 N O2'    131.173 
LYS 'L-peptide linking' y LYSINE          ? 'C6 H15 N2 O2 1' 147.195 
MET 'L-peptide linking' y METHIONINE      ? 'C5 H11 N O2 S'  149.211 
PHE 'L-peptide linking' y PHENYLALANINE   ? 'C9 H11 N O2'    165.189 
PRO 'L-peptide linking' y PROLINE         ? 'C5 H9 N O2'     115.130 
SER 'L-peptide linking' y SERINE          ? 'C3 H7 N O3'     105.093 
SO4 non-polymer         . 'SULFATE ION'   ? 'O4 S -2'        96.063  
THR 'L-peptide linking' y THREONINE       ? 'C4 H9 N O3'     119.119 
TYR 'L-peptide linking' y TYROSINE        ? 'C9 H11 N O3'    181.189 
VAL 'L-peptide linking' y VALINE          ? 'C5 H11 N O2'    117.146 
# 
loop_
_pdbx_poly_seq_scheme.asym_id 
_pdbx_poly_seq_scheme.entity_id 
_pdbx_poly_seq_scheme.seq_id 
_pdbx_poly_seq_scheme.mon_id 
_pdbx_poly_seq_scheme.ndb_seq_num 
_pdbx_poly_seq_scheme.pdb_seq_num 
_pdbx_poly_seq_scheme.auth_seq_num 
_pdbx_poly_seq_scheme.pdb_mon_id 
_pdbx_poly_seq_scheme.auth_mon_id 
_pdbx_poly_seq_scheme.pdb_strand_id 
_pdbx_poly_seq_scheme.pdb_ins_code 
_pdbx_poly_seq_scheme.hetero 
A 1 1   ALA 1   81  81  ALA ALA A . n 
A 1 2   PHE 2   82  82  PHE PHE A . n 
A 1 3   LYS 3   83  83  LYS LYS A . n 
A 1 4   GLY 4   84  84  GLY GLY A . n 
A 1 5   GLY 5   85  85  GLY GLY A . n 
A 1 6   GLY 6   86  86  GLY GLY A . n 
A 1 7   PRO 7   87  87  PRO PRO A . n 
A 1 8   TYR 8   88  88  TYR TYR A . n 
A 1 9   GLY 9   89  89  GLY GLY A . n 
A 1 10  GLN 10  90  90  GLN GLN A . n 
A 1 11  GLY 11  91  91  GLY GLY A . n 
A 1 12  VAL 12  92  92  VAL VAL A . n 
A 1 13  THR 13  93  93  THR THR A . n 
A 1 14  ARG 14  94  94  ARG ARG A . n 
A 1 15  GLY 15  95  95  GLY GLY A . n 
A 1 16  GLN 16  96  96  GLN GLN A . n 
A 1 17  ASP 17  97  97  ASP ASP A . n 
A 1 18  LEU 18  98  98  LEU LEU A . n 
A 1 19  SER 19  99  99  SER SER A . n 
A 1 20  GLY 20  100 100 GLY GLY A . n 
A 1 21  LYS 21  101 101 LYS LYS A . n 
A 1 22  ASP 22  102 102 ASP ASP A . n 
A 1 23  PHE 23  103 103 PHE PHE A . n 
A 1 24  SER 24  104 104 SER SER A . n 
A 1 25  GLY 25  105 105 GLY GLY A . n 
A 1 26  GLN 26  106 106 GLN GLN A . n 
A 1 27  THR 27  107 107 THR THR A . n 
A 1 28  LEU 28  108 108 LEU LEU A . n 
A 1 29  ILE 29  109 109 ILE ILE A . n 
A 1 30  ARG 30  110 110 ARG ARG A . n 
A 1 31  GLN 31  111 111 GLN GLN A . n 
A 1 32  ASP 32  112 112 ASP ASP A . n 
A 1 33  PHE 33  113 113 PHE PHE A . n 
A 1 34  LYS 34  114 114 LYS LYS A . n 
A 1 35  THR 35  115 115 THR THR A . n 
A 1 36  SER 36  116 116 SER SER A . n 
A 1 37  ILE 37  117 117 ILE ILE A . n 
A 1 38  LEU 38  118 118 LEU LEU A . n 
A 1 39  ARG 39  119 119 ARG ARG A . n 
A 1 40  GLN 40  120 120 GLN GLN A . n 
A 1 41  ALA 41  121 121 ALA ALA A . n 
A 1 42  ASN 42  122 122 ASN ASN A . n 
A 1 43  PHE 43  123 123 PHE PHE A . n 
A 1 44  LYS 44  124 124 LYS LYS A . n 
A 1 45  GLY 45  125 125 GLY GLY A . n 
A 1 46  ALA 46  126 126 ALA ALA A . n 
A 1 47  LYS 47  127 127 LYS LYS A . n 
A 1 48  LEU 48  128 128 LEU LEU A . n 
A 1 49  LEU 49  129 129 LEU LEU A . n 
A 1 50  GLY 50  130 130 GLY GLY A . n 
A 1 51  ALA 51  131 131 ALA ALA A . n 
A 1 52  SER 52  132 132 SER SER A . n 
A 1 53  PHE 53  133 133 PHE PHE A . n 
A 1 54  PHE 54  134 134 PHE PHE A . n 
A 1 55  ASP 55  135 135 ASP ASP A . n 
A 1 56  ALA 56  136 136 ALA ALA A . n 
A 1 57  ASP 57  137 137 ASP ASP A . n 
A 1 58  LEU 58  138 138 LEU LEU A . n 
A 1 59  THR 59  139 139 THR THR A . n 
A 1 60  GLY 60  140 140 GLY GLY A . n 
A 1 61  ALA 61  141 141 ALA ALA A . n 
A 1 62  ASP 62  142 142 ASP ASP A . n 
A 1 63  LEU 63  143 143 LEU LEU A . n 
A 1 64  SER 64  144 144 SER SER A . n 
A 1 65  GLU 65  145 145 GLU GLU A . n 
A 1 66  ALA 66  146 146 ALA ALA A . n 
A 1 67  ASP 67  147 147 ASP ASP A . n 
A 1 68  LEU 68  148 148 LEU LEU A . n 
A 1 69  ARG 69  149 149 ARG ARG A . n 
A 1 70  GLY 70  150 150 GLY GLY A . n 
A 1 71  ALA 71  151 151 ALA ALA A . n 
A 1 72  ASP 72  152 152 ASP ASP A . n 
A 1 73  PHE 73  153 153 PHE PHE A . n 
A 1 74  SER 74  154 154 SER SER A . n 
A 1 75  LEU 75  155 155 LEU LEU A . n 
A 1 76  ALA 76  156 156 ALA ALA A . n 
A 1 77  ASN 77  157 157 ASN ASN A . n 
A 1 78  VAL 78  158 158 VAL VAL A . n 
A 1 79  THR 79  159 159 THR THR A . n 
A 1 80  LYS 80  160 160 LYS LYS A . n 
A 1 81  VAL 81  161 161 VAL VAL A . n 
A 1 82  ASN 82  162 162 ASN ASN A . n 
A 1 83  LEU 83  163 163 LEU LEU A . n 
A 1 84  THR 84  164 164 THR THR A . n 
A 1 85  ASN 85  165 165 ASN ASN A . n 
A 1 86  ALA 86  166 166 ALA ALA A . n 
A 1 87  ASN 87  167 167 ASN ASN A . n 
A 1 88  LEU 88  168 168 LEU LEU A . n 
A 1 89  GLU 89  169 169 GLU GLU A . n 
A 1 90  GLY 90  170 170 GLY GLY A . n 
A 1 91  ALA 91  171 171 ALA ALA A . n 
A 1 92  THR 92  172 172 THR THR A . n 
A 1 93  MET 93  173 173 MET MET A . n 
A 1 94  MET 94  174 174 MET MET A . n 
A 1 95  GLY 95  175 175 GLY GLY A . n 
A 1 96  ASN 96  176 176 ASN ASN A . n 
A 1 97  THR 97  177 177 THR THR A . n 
A 1 98  SER 98  178 178 SER SER A . n 
A 1 99  PHE 99  179 179 PHE PHE A . n 
A 1 100 LYS 100 180 180 LYS LYS A . n 
A 1 101 GLY 101 181 181 GLY GLY A . n 
A 1 102 SER 102 182 182 SER SER A . n 
A 1 103 ASN 103 183 183 ASN ASN A . n 
A 1 104 ILE 104 184 184 ILE ILE A . n 
A 1 105 THR 105 185 185 THR THR A . n 
A 1 106 GLY 106 186 186 GLY GLY A . n 
A 1 107 ALA 107 187 187 ALA ALA A . n 
A 1 108 ASP 108 188 188 ASP ASP A . n 
A 1 109 PHE 109 189 189 PHE PHE A . n 
A 1 110 THR 110 190 190 THR THR A . n 
A 1 111 ASP 111 191 191 ASP ASP A . n 
A 1 112 VAL 112 192 192 VAL VAL A . n 
A 1 113 PRO 113 193 193 PRO PRO A . n 
A 1 114 LEU 114 194 194 LEU LEU A . n 
A 1 115 ARG 115 195 195 ARG ARG A . n 
A 1 116 ASP 116 196 196 ASP ASP A . n 
A 1 117 ASP 117 197 197 ASP ASP A . n 
A 1 118 GLN 118 198 198 GLN GLN A . n 
A 1 119 ARG 119 199 199 ARG ARG A . n 
A 1 120 VAL 120 200 200 VAL VAL A . n 
A 1 121 TYR 121 201 201 TYR TYR A . n 
A 1 122 LEU 122 202 202 LEU LEU A . n 
A 1 123 CYS 123 203 203 CYS CYS A . n 
A 1 124 LYS 124 204 204 LYS LYS A . n 
A 1 125 VAL 125 205 205 VAL VAL A . n 
A 1 126 ALA 126 206 206 ALA ALA A . n 
A 1 127 ASP 127 207 207 ASP ASP A . n 
A 1 128 GLY 128 208 208 GLY GLY A . n 
A 1 129 VAL 129 209 209 VAL VAL A . n 
A 1 130 ASN 130 210 210 ASN ASN A . n 
A 1 131 ALA 131 211 211 ALA ALA A . n 
A 1 132 THR 132 212 212 THR THR A . n 
A 1 133 THR 133 213 213 THR THR A . n 
A 1 134 GLY 134 214 214 GLY GLY A . n 
A 1 135 ASN 135 215 215 ASN ASN A . n 
A 1 136 ALA 136 216 216 ALA ALA A . n 
A 1 137 THR 137 217 217 THR THR A . n 
A 1 138 ARG 138 218 218 ARG ARG A . n 
A 1 139 ASP 139 219 219 ASP ASP A . n 
A 1 140 THR 140 220 220 THR THR A . n 
A 1 141 LEU 141 221 221 LEU LEU A . n 
A 1 142 LEU 142 222 222 LEU LEU A . n 
A 1 143 CYS 143 223 223 CYS CYS A . n 
A 1 144 ASN 144 224 224 ASN ASN A . n 
A 1 145 LEU 145 225 225 LEU LEU A . n 
A 1 146 GLU 146 226 ?   ?   ?   A . n 
A 1 147 HIS 147 227 ?   ?   ?   A . n 
A 1 148 HIS 148 228 ?   ?   ?   A . n 
A 1 149 HIS 149 229 ?   ?   ?   A . n 
A 1 150 HIS 150 230 ?   ?   ?   A . n 
A 1 151 HIS 151 231 ?   ?   ?   A . n 
A 1 152 HIS 152 232 ?   ?   ?   A . n 
# 
loop_
_pdbx_nonpoly_scheme.asym_id 
_pdbx_nonpoly_scheme.entity_id 
_pdbx_nonpoly_scheme.mon_id 
_pdbx_nonpoly_scheme.ndb_seq_num 
_pdbx_nonpoly_scheme.pdb_seq_num 
_pdbx_nonpoly_scheme.auth_seq_num 
_pdbx_nonpoly_scheme.pdb_mon_id 
_pdbx_nonpoly_scheme.auth_mon_id 
_pdbx_nonpoly_scheme.pdb_strand_id 
_pdbx_nonpoly_scheme.pdb_ins_code 
B 2 SO4 1   500 500 SO4 SO4 A . 
C 3 HOH 1   233 1   HOH HOH A . 
C 3 HOH 2   234 2   HOH HOH A . 
C 3 HOH 3   235 3   HOH HOH A . 
C 3 HOH 4   236 4   HOH HOH A . 
C 3 HOH 5   237 5   HOH HOH A . 
C 3 HOH 6   238 6   HOH HOH A . 
C 3 HOH 7   239 7   HOH HOH A . 
C 3 HOH 8   240 8   HOH HOH A . 
C 3 HOH 9   241 9   HOH HOH A . 
C 3 HOH 10  242 10  HOH HOH A . 
C 3 HOH 11  243 11  HOH HOH A . 
C 3 HOH 12  244 12  HOH HOH A . 
C 3 HOH 13  245 13  HOH HOH A . 
C 3 HOH 14  246 14  HOH HOH A . 
C 3 HOH 15  247 15  HOH HOH A . 
C 3 HOH 16  248 16  HOH HOH A . 
C 3 HOH 17  249 17  HOH HOH A . 
C 3 HOH 18  250 18  HOH HOH A . 
C 3 HOH 19  251 19  HOH HOH A . 
C 3 HOH 20  252 20  HOH HOH A . 
C 3 HOH 21  253 21  HOH HOH A . 
C 3 HOH 22  254 22  HOH HOH A . 
C 3 HOH 23  255 23  HOH HOH A . 
C 3 HOH 24  256 24  HOH HOH A . 
C 3 HOH 25  257 25  HOH HOH A . 
C 3 HOH 26  258 26  HOH HOH A . 
C 3 HOH 27  259 27  HOH HOH A . 
C 3 HOH 28  260 28  HOH HOH A . 
C 3 HOH 29  261 29  HOH HOH A . 
C 3 HOH 30  262 30  HOH HOH A . 
C 3 HOH 31  263 31  HOH HOH A . 
C 3 HOH 32  264 32  HOH HOH A . 
C 3 HOH 33  265 33  HOH HOH A . 
C 3 HOH 34  266 34  HOH HOH A . 
C 3 HOH 35  267 35  HOH HOH A . 
C 3 HOH 36  268 36  HOH HOH A . 
C 3 HOH 37  269 37  HOH HOH A . 
C 3 HOH 38  270 38  HOH HOH A . 
C 3 HOH 39  271 39  HOH HOH A . 
C 3 HOH 40  272 40  HOH HOH A . 
C 3 HOH 41  273 41  HOH HOH A . 
C 3 HOH 42  274 42  HOH HOH A . 
C 3 HOH 43  275 43  HOH HOH A . 
C 3 HOH 44  276 44  HOH HOH A . 
C 3 HOH 45  277 45  HOH HOH A . 
C 3 HOH 46  278 46  HOH HOH A . 
C 3 HOH 47  279 47  HOH HOH A . 
C 3 HOH 48  280 48  HOH HOH A . 
C 3 HOH 49  281 49  HOH HOH A . 
C 3 HOH 50  282 50  HOH HOH A . 
C 3 HOH 51  283 51  HOH HOH A . 
C 3 HOH 52  284 52  HOH HOH A . 
C 3 HOH 53  285 53  HOH HOH A . 
C 3 HOH 54  286 54  HOH HOH A . 
C 3 HOH 55  287 55  HOH HOH A . 
C 3 HOH 56  288 56  HOH HOH A . 
C 3 HOH 57  289 57  HOH HOH A . 
C 3 HOH 58  290 58  HOH HOH A . 
C 3 HOH 59  291 59  HOH HOH A . 
C 3 HOH 60  292 60  HOH HOH A . 
C 3 HOH 61  293 61  HOH HOH A . 
C 3 HOH 62  294 62  HOH HOH A . 
C 3 HOH 63  295 63  HOH HOH A . 
C 3 HOH 64  296 64  HOH HOH A . 
C 3 HOH 65  297 65  HOH HOH A . 
C 3 HOH 66  298 66  HOH HOH A . 
C 3 HOH 67  299 67  HOH HOH A . 
C 3 HOH 68  300 68  HOH HOH A . 
C 3 HOH 69  301 69  HOH HOH A . 
C 3 HOH 70  302 70  HOH HOH A . 
C 3 HOH 71  303 71  HOH HOH A . 
C 3 HOH 72  304 72  HOH HOH A . 
C 3 HOH 73  305 73  HOH HOH A . 
C 3 HOH 74  306 74  HOH HOH A . 
C 3 HOH 75  307 75  HOH HOH A . 
C 3 HOH 76  308 76  HOH HOH A . 
C 3 HOH 77  309 77  HOH HOH A . 
C 3 HOH 78  310 78  HOH HOH A . 
C 3 HOH 79  311 79  HOH HOH A . 
C 3 HOH 80  312 80  HOH HOH A . 
C 3 HOH 81  313 81  HOH HOH A . 
C 3 HOH 82  314 82  HOH HOH A . 
C 3 HOH 83  315 83  HOH HOH A . 
C 3 HOH 84  316 84  HOH HOH A . 
C 3 HOH 85  317 85  HOH HOH A . 
C 3 HOH 86  318 86  HOH HOH A . 
C 3 HOH 87  319 87  HOH HOH A . 
C 3 HOH 88  320 88  HOH HOH A . 
C 3 HOH 89  321 89  HOH HOH A . 
C 3 HOH 90  322 90  HOH HOH A . 
C 3 HOH 91  323 91  HOH HOH A . 
C 3 HOH 92  324 92  HOH HOH A . 
C 3 HOH 93  325 93  HOH HOH A . 
C 3 HOH 94  326 94  HOH HOH A . 
C 3 HOH 95  327 95  HOH HOH A . 
C 3 HOH 96  328 96  HOH HOH A . 
C 3 HOH 97  329 97  HOH HOH A . 
C 3 HOH 98  330 98  HOH HOH A . 
C 3 HOH 99  331 99  HOH HOH A . 
C 3 HOH 100 332 100 HOH HOH A . 
C 3 HOH 101 333 101 HOH HOH A . 
C 3 HOH 102 334 102 HOH HOH A . 
C 3 HOH 103 335 103 HOH HOH A . 
# 
loop_
_software.name 
_software.classification 
_software.version 
_software.citation_id 
_software.pdbx_ordinal 
HKL-2000 'data collection' .        ? 1 
SOLVE    phasing           .        ? 2 
REFMAC   refinement        5.2.0019 ? 3 
HKL-2000 'data reduction'  .        ? 4 
HKL-2000 'data scaling'    .        ? 5 
# 
_cell.entry_id           3N90 
_cell.length_a           59.064 
_cell.length_b           75.444 
_cell.length_c           59.901 
_cell.angle_alpha        90.00 
_cell.angle_beta         90.00 
_cell.angle_gamma        90.00 
_cell.Z_PDB              8 
_cell.pdbx_unique_axis   ? 
_cell.length_a_esd       ? 
_cell.length_b_esd       ? 
_cell.length_c_esd       ? 
_cell.angle_alpha_esd    ? 
_cell.angle_beta_esd     ? 
_cell.angle_gamma_esd    ? 
# 
_symmetry.entry_id                         3N90 
_symmetry.space_group_name_H-M             'C 2 2 21' 
_symmetry.pdbx_full_space_group_name_H-M   ? 
_symmetry.cell_setting                     ? 
_symmetry.Int_Tables_number                20 
_symmetry.space_group_name_Hall            ? 
# 
_exptl.entry_id          3N90 
_exptl.method            'X-RAY DIFFRACTION' 
_exptl.crystals_number   1 
# 
_exptl_crystal.id                    1 
_exptl_crystal.density_meas          ? 
_exptl_crystal.density_Matthews      2.1 
_exptl_crystal.density_percent_sol   40 
_exptl_crystal.description           ? 
_exptl_crystal.F_000                 ? 
_exptl_crystal.preparation           ? 
# 
_exptl_crystal_grow.crystal_id      1 
_exptl_crystal_grow.method          'VAPOR DIFFUSION, HANGING DROP' 
_exptl_crystal_grow.temp            293 
_exptl_crystal_grow.temp_details    ? 
_exptl_crystal_grow.pH              5.2 
_exptl_crystal_grow.pdbx_details    
;well buffer: 2.5M ammonium sulfate, 0.5M sodium acetate; Sample buffer: 0.25M sodium chloride, 10% glycerol, 0.02M Tris, pH 7.8  
protein concentration=15mg/mL, VAPOR DIFFUSION, HANGING DROP, temperature 293K
;
_exptl_crystal_grow.pdbx_pH_range   ? 
# 
_diffrn.id                     1 
_diffrn.ambient_temp           100 
_diffrn.ambient_temp_details   ? 
_diffrn.crystal_id             1 
# 
_diffrn_detector.diffrn_id              1 
_diffrn_detector.detector               CCD 
_diffrn_detector.type                   'ADSC QUANTUM 315' 
_diffrn_detector.pdbx_collection_date   2009-12-11 
_diffrn_detector.details                
;Cryogenically-cooled single crystal Si(111) side bounce monochromator. Optional Si(311) to achive 13.474 keV. Vertical and horizantal focussing mirrors in Kirkpatrick-Baez geometry.
;
# 
_diffrn_radiation.diffrn_id                        1 
_diffrn_radiation.wavelength_id                    1 
_diffrn_radiation.pdbx_monochromatic_or_laue_m_l   M 
_diffrn_radiation.monochromator                    
'Cryogenically-cooled single crystal Si(111) side bounce monochromator. Optional Si(311) to achive 13.474 keV.' 
_diffrn_radiation.pdbx_diffrn_protocol             'SINGLE WAVELENGTH' 
_diffrn_radiation.pdbx_scattering_type             x-ray 
# 
_diffrn_radiation_wavelength.id           1 
_diffrn_radiation_wavelength.wavelength   0.979 
_diffrn_radiation_wavelength.wt           1.0 
# 
_diffrn_source.diffrn_id                   1 
_diffrn_source.source                      SYNCHROTRON 
_diffrn_source.type                        'APS BEAMLINE 24-ID-E' 
_diffrn_source.pdbx_synchrotron_site       APS 
_diffrn_source.pdbx_synchrotron_beamline   24-ID-E 
_diffrn_source.pdbx_wavelength             ? 
_diffrn_source.pdbx_wavelength_list        0.979 
# 
_reflns.entry_id                     3N90 
_reflns.observed_criterion_sigma_I   ? 
_reflns.observed_criterion_sigma_F   2 
_reflns.d_resolution_low             50 
_reflns.d_resolution_high            1.70 
_reflns.number_obs                   14963 
_reflns.number_all                   14963 
_reflns.percent_possible_obs         99.2 
_reflns.pdbx_Rmerge_I_obs            ? 
_reflns.pdbx_Rsym_value              0.081 
_reflns.pdbx_netI_over_sigmaI        40.84 
_reflns.B_iso_Wilson_estimate        19.93 
_reflns.pdbx_redundancy              1.87 
_reflns.R_free_details               ? 
_reflns.limit_h_max                  ? 
_reflns.limit_h_min                  ? 
_reflns.limit_k_max                  ? 
_reflns.limit_k_min                  ? 
_reflns.limit_l_max                  ? 
_reflns.limit_l_min                  ? 
_reflns.observed_criterion_F_max     ? 
_reflns.observed_criterion_F_min     ? 
_reflns.pdbx_chi_squared             ? 
_reflns.pdbx_scaling_rejects         ? 
_reflns.pdbx_ordinal                 1 
_reflns.pdbx_diffrn_id               1 
# 
_reflns_shell.d_res_high             1.70 
_reflns_shell.d_res_low              1.79 
_reflns_shell.percent_possible_all   100 
_reflns_shell.Rmerge_I_obs           ? 
_reflns_shell.pdbx_Rsym_value        0.066 
_reflns_shell.meanI_over_sigI_obs    18.9 
_reflns_shell.pdbx_redundancy        1.92 
_reflns_shell.percent_possible_obs   ? 
_reflns_shell.number_unique_all      2143 
_reflns_shell.number_measured_all    ? 
_reflns_shell.number_measured_obs    ? 
_reflns_shell.number_unique_obs      ? 
_reflns_shell.pdbx_chi_squared       ? 
_reflns_shell.pdbx_ordinal           1 
_reflns_shell.pdbx_diffrn_id         1 
# 
_refine.entry_id                                 3N90 
_refine.ls_number_reflns_obs                     14963 
_refine.ls_number_reflns_all                     14963 
_refine.pdbx_ls_sigma_I                          ? 
_refine.pdbx_ls_sigma_F                          . 
_refine.pdbx_data_cutoff_high_absF               ? 
_refine.pdbx_data_cutoff_low_absF                ? 
_refine.pdbx_data_cutoff_high_rms_absF           ? 
_refine.ls_d_res_low                             50 
_refine.ls_d_res_high                            1.70 
_refine.ls_percent_reflns_obs                    99.20 
_refine.ls_R_factor_obs                          0.22790 
_refine.ls_R_factor_all                          ? 
_refine.ls_R_factor_R_work                       0.22631 
_refine.ls_R_factor_R_free                       0.25851 
_refine.ls_R_factor_R_free_error                 ? 
_refine.ls_R_factor_R_free_error_details         ? 
_refine.ls_percent_reflns_R_free                 5.0 
_refine.ls_number_reflns_R_free                  748 
_refine.ls_number_parameters                     ? 
_refine.ls_number_restraints                     ? 
_refine.occupancy_min                            ? 
_refine.occupancy_max                            ? 
_refine.correlation_coeff_Fo_to_Fc               0.934 
_refine.correlation_coeff_Fo_to_Fc_free          0.925 
_refine.B_iso_mean                               20.296 
_refine.aniso_B[1][1]                            0.41 
_refine.aniso_B[2][2]                            -0.44 
_refine.aniso_B[3][3]                            0.04 
_refine.aniso_B[1][2]                            0.00 
_refine.aniso_B[1][3]                            0.00 
_refine.aniso_B[2][3]                            0.00 
_refine.solvent_model_details                    MASK 
_refine.solvent_model_param_ksol                 ? 
_refine.solvent_model_param_bsol                 ? 
_refine.pdbx_solvent_vdw_probe_radii             1.40 
_refine.pdbx_solvent_ion_probe_radii             0.80 
_refine.pdbx_solvent_shrinkage_radii             0.80 
_refine.pdbx_ls_cross_valid_method               THROUGHOUT 
_refine.details                                  'HYDROGENS HAVE BEEN ADDED IN THE RIDING POSITIONS' 
_refine.pdbx_starting_model                      ? 
_refine.pdbx_method_to_determine_struct          SAD 
_refine.pdbx_isotropic_thermal_model             ? 
_refine.pdbx_stereochemistry_target_values       'MAXIMUM LIKELIHOOD' 
_refine.pdbx_stereochem_target_val_spec_case     ? 
_refine.pdbx_R_Free_selection_details            RANDOM 
_refine.pdbx_overall_ESU_R_Free                  0.129 
_refine.overall_SU_ML                            0.088 
_refine.overall_SU_B                             2.662 
_refine.overall_SU_R_Cruickshank_DPI             ? 
_refine.ls_redundancy_reflns_obs                 ? 
_refine.B_iso_min                                ? 
_refine.B_iso_max                                ? 
_refine.overall_SU_R_free                        ? 
_refine.ls_wR_factor_R_free                      ? 
_refine.ls_wR_factor_R_work                      ? 
_refine.overall_FOM_free_R_set                   ? 
_refine.overall_FOM_work_R_set                   ? 
_refine.pdbx_overall_phase_error                 ? 
_refine.pdbx_refine_id                           'X-RAY DIFFRACTION' 
_refine.pdbx_overall_ESU_R                       ? 
_refine.pdbx_diffrn_id                           1 
_refine.pdbx_TLS_residual_ADP_flag               ? 
_refine.pdbx_overall_SU_R_free_Cruickshank_DPI   ? 
_refine.pdbx_overall_SU_R_Blow_DPI               ? 
_refine.pdbx_overall_SU_R_free_Blow_DPI          ? 
# 
_refine_hist.pdbx_refine_id                   'X-RAY DIFFRACTION' 
_refine_hist.cycle_id                         LAST 
_refine_hist.pdbx_number_atoms_protein        1072 
_refine_hist.pdbx_number_atoms_nucleic_acid   0 
_refine_hist.pdbx_number_atoms_ligand         5 
_refine_hist.number_atoms_solvent             103 
_refine_hist.number_atoms_total               1180 
_refine_hist.d_res_high                       1.70 
_refine_hist.d_res_low                        50 
# 
loop_
_refine_ls_restr.type 
_refine_ls_restr.dev_ideal 
_refine_ls_restr.dev_ideal_target 
_refine_ls_restr.weight 
_refine_ls_restr.number 
_refine_ls_restr.pdbx_refine_id 
_refine_ls_restr.pdbx_restraint_function 
r_bond_refined_d             0.015  0.022  ? 1089 'X-RAY DIFFRACTION' ? 
r_bond_other_d               ?      ?      ? ?    'X-RAY DIFFRACTION' ? 
r_angle_refined_deg          1.593  1.962  ? 1469 'X-RAY DIFFRACTION' ? 
r_angle_other_deg            ?      ?      ? ?    'X-RAY DIFFRACTION' ? 
r_dihedral_angle_1_deg       6.189  5.000  ? 144  'X-RAY DIFFRACTION' ? 
r_dihedral_angle_2_deg       30.265 25.000 ? 50   'X-RAY DIFFRACTION' ? 
r_dihedral_angle_3_deg       12.926 15.000 ? 179  'X-RAY DIFFRACTION' ? 
r_dihedral_angle_4_deg       22.876 15.000 ? 7    'X-RAY DIFFRACTION' ? 
r_chiral_restr               0.094  0.200  ? 167  'X-RAY DIFFRACTION' ? 
r_gen_planes_refined         0.006  0.020  ? 826  'X-RAY DIFFRACTION' ? 
r_gen_planes_other           ?      ?      ? ?    'X-RAY DIFFRACTION' ? 
r_nbd_refined                0.229  0.200  ? 536  'X-RAY DIFFRACTION' ? 
r_nbd_other                  ?      ?      ? ?    'X-RAY DIFFRACTION' ? 
r_nbtor_refined              0.312  0.200  ? 745  'X-RAY DIFFRACTION' ? 
r_nbtor_other                ?      ?      ? ?    'X-RAY DIFFRACTION' ? 
r_xyhbond_nbd_refined        0.145  0.200  ? 85   'X-RAY DIFFRACTION' ? 
r_xyhbond_nbd_other          ?      ?      ? ?    'X-RAY DIFFRACTION' ? 
r_metal_ion_refined          ?      ?      ? ?    'X-RAY DIFFRACTION' ? 
r_metal_ion_other            ?      ?      ? ?    'X-RAY DIFFRACTION' ? 
r_symmetry_vdw_refined       0.236  0.200  ? 37   'X-RAY DIFFRACTION' ? 
r_symmetry_vdw_other         ?      ?      ? ?    'X-RAY DIFFRACTION' ? 
r_symmetry_hbond_refined     0.205  0.200  ? 20   'X-RAY DIFFRACTION' ? 
r_symmetry_hbond_other       ?      ?      ? ?    'X-RAY DIFFRACTION' ? 
r_symmetry_metal_ion_refined ?      ?      ? ?    'X-RAY DIFFRACTION' ? 
r_symmetry_metal_ion_other   ?      ?      ? ?    'X-RAY DIFFRACTION' ? 
r_mcbond_it                  0.916  1.500  ? 716  'X-RAY DIFFRACTION' ? 
r_mcbond_other               ?      ?      ? ?    'X-RAY DIFFRACTION' ? 
r_mcangle_it                 1.548  2.000  ? 1118 'X-RAY DIFFRACTION' ? 
r_scbond_it                  2.630  3.000  ? 397  'X-RAY DIFFRACTION' ? 
r_scangle_it                 4.068  4.500  ? 351  'X-RAY DIFFRACTION' ? 
r_rigid_bond_restr           ?      ?      ? ?    'X-RAY DIFFRACTION' ? 
r_sphericity_free            ?      ?      ? ?    'X-RAY DIFFRACTION' ? 
r_sphericity_bonded          ?      ?      ? ?    'X-RAY DIFFRACTION' ? 
# 
_refine_ls_shell.pdbx_total_number_of_bins_used   20 
_refine_ls_shell.d_res_high                       1.700 
_refine_ls_shell.d_res_low                        1.774 
_refine_ls_shell.number_reflns_R_work             1053 
_refine_ls_shell.R_factor_R_work                  0.275 
_refine_ls_shell.percent_reflns_obs               99.91 
_refine_ls_shell.R_factor_R_free                  0.395 
_refine_ls_shell.R_factor_R_free_error            ? 
_refine_ls_shell.percent_reflns_R_free            ? 
_refine_ls_shell.number_reflns_R_free             1053 
_refine_ls_shell.number_reflns_all                ? 
_refine_ls_shell.R_factor_all                     ? 
_refine_ls_shell.number_reflns_obs                ? 
_refine_ls_shell.redundancy_reflns_obs            ? 
_refine_ls_shell.pdbx_refine_id                   'X-RAY DIFFRACTION' 
# 
_struct.entry_id                  3N90 
_struct.title                     
;The 1.7 Angstrom resolution crystal structure of AT2G44920, a pentapeptide repeat protein from Arabidopsis thaliana thylakoid lumen.
;
_struct.pdbx_model_details        ? 
_struct.pdbx_CASP_flag            ? 
_struct.pdbx_model_type_details   ? 
# 
_struct_keywords.entry_id        3N90 
_struct_keywords.pdbx_keywords   'UNKNOWN FUNCTION' 
_struct_keywords.text            
'right-handed quadrilateral beta helix, pentapeptide repeat protein, repeated-five residue fold, chloroplast lumen, UNKNOWN FUNCTION' 
# 
loop_
_struct_asym.id 
_struct_asym.pdbx_blank_PDB_chainid_flag 
_struct_asym.pdbx_modified 
_struct_asym.entity_id 
_struct_asym.details 
A N N 1 ? 
B N N 2 ? 
C N N 3 ? 
# 
_struct_ref.id                         1 
_struct_ref.db_name                    UNP 
_struct_ref.db_code                    TL15A_ARATH 
_struct_ref.pdbx_db_accession          O22160 
_struct_ref.entity_id                  1 
_struct_ref.pdbx_seq_one_letter_code   
;MVILSNVSLFSCCNISQKPSLFSPSSRSSHCPIRCSQSQEGKEVVTSPLRSVVWSLGEEVSKRSLFALVSASLFFVDPAL
AFKGGGPYGQGVTRGQDLSGKDFSGQTLIRQDFKTSILRQANFKGAKLLGASFFDADLTGADLSEADLRGADFSLANVTK
VNLTNANLEGATVTGNTSFKGSNITGADFTDVPLRDDQRVYLCKVADGVNATTGNATRDTLLCN
;
_struct_ref.pdbx_align_begin           1 
_struct_ref.pdbx_db_isoform            ? 
# 
_struct_ref_seq.align_id                      1 
_struct_ref_seq.ref_id                        1 
_struct_ref_seq.pdbx_PDB_id_code              3N90 
_struct_ref_seq.pdbx_strand_id                A 
_struct_ref_seq.seq_align_beg                 1 
_struct_ref_seq.pdbx_seq_align_beg_ins_code   ? 
_struct_ref_seq.seq_align_end                 144 
_struct_ref_seq.pdbx_seq_align_end_ins_code   ? 
_struct_ref_seq.pdbx_db_accession             O22160 
_struct_ref_seq.db_align_beg                  81 
_struct_ref_seq.pdbx_db_align_beg_ins_code    ? 
_struct_ref_seq.db_align_end                  224 
_struct_ref_seq.pdbx_db_align_end_ins_code    ? 
_struct_ref_seq.pdbx_auth_seq_align_beg       81 
_struct_ref_seq.pdbx_auth_seq_align_end       224 
# 
loop_
_struct_ref_seq_dif.align_id 
_struct_ref_seq_dif.pdbx_pdb_id_code 
_struct_ref_seq_dif.mon_id 
_struct_ref_seq_dif.pdbx_pdb_strand_id 
_struct_ref_seq_dif.seq_num 
_struct_ref_seq_dif.pdbx_pdb_ins_code 
_struct_ref_seq_dif.pdbx_seq_db_name 
_struct_ref_seq_dif.pdbx_seq_db_accession_code 
_struct_ref_seq_dif.db_mon_id 
_struct_ref_seq_dif.pdbx_seq_db_seq_num 
_struct_ref_seq_dif.details 
_struct_ref_seq_dif.pdbx_auth_seq_num 
_struct_ref_seq_dif.pdbx_ordinal 
1 3N90 MET A 93  ? UNP O22160 VAL 173 'engineered mutation' 173 1  
1 3N90 MET A 94  ? UNP O22160 THR 174 'engineered mutation' 174 2  
1 3N90 LEU A 145 ? UNP O22160 ?   ?   'expression tag'      225 3  
1 3N90 GLU A 146 ? UNP O22160 ?   ?   'expression tag'      226 4  
1 3N90 HIS A 147 ? UNP O22160 ?   ?   'expression tag'      227 5  
1 3N90 HIS A 148 ? UNP O22160 ?   ?   'expression tag'      228 6  
1 3N90 HIS A 149 ? UNP O22160 ?   ?   'expression tag'      229 7  
1 3N90 HIS A 150 ? UNP O22160 ?   ?   'expression tag'      230 8  
1 3N90 HIS A 151 ? UNP O22160 ?   ?   'expression tag'      231 9  
1 3N90 HIS A 152 ? UNP O22160 ?   ?   'expression tag'      232 10 
# 
_pdbx_struct_assembly.id                   1 
_pdbx_struct_assembly.details              author_defined_assembly 
_pdbx_struct_assembly.method_details       ? 
_pdbx_struct_assembly.oligomeric_details   monomeric 
_pdbx_struct_assembly.oligomeric_count     1 
# 
_pdbx_struct_assembly_gen.assembly_id       1 
_pdbx_struct_assembly_gen.oper_expression   1 
_pdbx_struct_assembly_gen.asym_id_list      A,B,C 
# 
_pdbx_struct_oper_list.id                   1 
_pdbx_struct_oper_list.type                 'identity operation' 
_pdbx_struct_oper_list.name                 1_555 
_pdbx_struct_oper_list.symmetry_operation   x,y,z 
_pdbx_struct_oper_list.matrix[1][1]         1.0000000000 
_pdbx_struct_oper_list.matrix[1][2]         0.0000000000 
_pdbx_struct_oper_list.matrix[1][3]         0.0000000000 
_pdbx_struct_oper_list.vector[1]            0.0000000000 
_pdbx_struct_oper_list.matrix[2][1]         0.0000000000 
_pdbx_struct_oper_list.matrix[2][2]         1.0000000000 
_pdbx_struct_oper_list.matrix[2][3]         0.0000000000 
_pdbx_struct_oper_list.vector[2]            0.0000000000 
_pdbx_struct_oper_list.matrix[3][1]         0.0000000000 
_pdbx_struct_oper_list.matrix[3][2]         0.0000000000 
_pdbx_struct_oper_list.matrix[3][3]         1.0000000000 
_pdbx_struct_oper_list.vector[3]            0.0000000000 
# 
_struct_biol.id        1 
_struct_biol.details   ? 
# 
loop_
_struct_conf.conf_type_id 
_struct_conf.id 
_struct_conf.pdbx_PDB_helix_id 
_struct_conf.beg_label_comp_id 
_struct_conf.beg_label_asym_id 
_struct_conf.beg_label_seq_id 
_struct_conf.pdbx_beg_PDB_ins_code 
_struct_conf.end_label_comp_id 
_struct_conf.end_label_asym_id 
_struct_conf.end_label_seq_id 
_struct_conf.pdbx_end_PDB_ins_code 
_struct_conf.beg_auth_comp_id 
_struct_conf.beg_auth_asym_id 
_struct_conf.beg_auth_seq_id 
_struct_conf.end_auth_comp_id 
_struct_conf.end_auth_asym_id 
_struct_conf.end_auth_seq_id 
_struct_conf.pdbx_PDB_helix_class 
_struct_conf.details 
_struct_conf.pdbx_PDB_helix_length 
HELX_P HELX_P1 1 ALA A 1   ? GLY A 6   ? ALA A 81  GLY A 86  5 ? 6  
HELX_P HELX_P2 2 GLY A 9   ? ARG A 14  ? GLY A 89  ARG A 94  1 ? 6  
HELX_P HELX_P3 3 ARG A 115 ? ALA A 126 ? ARG A 195 ALA A 206 1 ? 12 
HELX_P HELX_P4 4 ALA A 136 ? LEU A 141 ? ALA A 216 LEU A 221 1 ? 6  
# 
_struct_conf_type.id          HELX_P 
_struct_conf_type.criteria    ? 
_struct_conf_type.reference   ? 
# 
_struct_conn.id                            disulf1 
_struct_conn.conn_type_id                  disulf 
_struct_conn.pdbx_leaving_atom_flag        ? 
_struct_conn.pdbx_PDB_id                   ? 
_struct_conn.ptnr1_label_asym_id           A 
_struct_conn.ptnr1_label_comp_id           CYS 
_struct_conn.ptnr1_label_seq_id            123 
_struct_conn.ptnr1_label_atom_id           SG 
_struct_conn.pdbx_ptnr1_label_alt_id       ? 
_struct_conn.pdbx_ptnr1_PDB_ins_code       ? 
_struct_conn.pdbx_ptnr1_standard_comp_id   ? 
_struct_conn.ptnr1_symmetry                1_555 
_struct_conn.ptnr2_label_asym_id           A 
_struct_conn.ptnr2_label_comp_id           CYS 
_struct_conn.ptnr2_label_seq_id            143 
_struct_conn.ptnr2_label_atom_id           SG 
_struct_conn.pdbx_ptnr2_label_alt_id       ? 
_struct_conn.pdbx_ptnr2_PDB_ins_code       ? 
_struct_conn.ptnr1_auth_asym_id            A 
_struct_conn.ptnr1_auth_comp_id            CYS 
_struct_conn.ptnr1_auth_seq_id             203 
_struct_conn.ptnr2_auth_asym_id            A 
_struct_conn.ptnr2_auth_comp_id            CYS 
_struct_conn.ptnr2_auth_seq_id             223 
_struct_conn.ptnr2_symmetry                1_555 
_struct_conn.pdbx_ptnr3_label_atom_id      ? 
_struct_conn.pdbx_ptnr3_label_seq_id       ? 
_struct_conn.pdbx_ptnr3_label_comp_id      ? 
_struct_conn.pdbx_ptnr3_label_asym_id      ? 
_struct_conn.pdbx_ptnr3_label_alt_id       ? 
_struct_conn.pdbx_ptnr3_PDB_ins_code       ? 
_struct_conn.details                       ? 
_struct_conn.pdbx_dist_value               2.064 
_struct_conn.pdbx_value_order              ? 
_struct_conn.pdbx_role                     ? 
# 
_struct_conn_type.id          disulf 
_struct_conn_type.criteria    ? 
_struct_conn_type.reference   ? 
# 
_pdbx_modification_feature.ordinal                            1 
_pdbx_modification_feature.label_comp_id                      CYS 
_pdbx_modification_feature.label_asym_id                      A 
_pdbx_modification_feature.label_seq_id                       123 
_pdbx_modification_feature.label_alt_id                       ? 
_pdbx_modification_feature.modified_residue_label_comp_id     CYS 
_pdbx_modification_feature.modified_residue_label_asym_id     A 
_pdbx_modification_feature.modified_residue_label_seq_id      143 
_pdbx_modification_feature.modified_residue_label_alt_id      ? 
_pdbx_modification_feature.auth_comp_id                       CYS 
_pdbx_modification_feature.auth_asym_id                       A 
_pdbx_modification_feature.auth_seq_id                        203 
_pdbx_modification_feature.PDB_ins_code                       ? 
_pdbx_modification_feature.symmetry                           1_555 
_pdbx_modification_feature.modified_residue_auth_comp_id      CYS 
_pdbx_modification_feature.modified_residue_auth_asym_id      A 
_pdbx_modification_feature.modified_residue_auth_seq_id       223 
_pdbx_modification_feature.modified_residue_PDB_ins_code      ? 
_pdbx_modification_feature.modified_residue_symmetry          1_555 
_pdbx_modification_feature.comp_id_linking_atom               SG 
_pdbx_modification_feature.modified_residue_id_linking_atom   SG 
_pdbx_modification_feature.modified_residue_id                . 
_pdbx_modification_feature.ref_pcm_id                         . 
_pdbx_modification_feature.ref_comp_id                        . 
_pdbx_modification_feature.type                               None 
_pdbx_modification_feature.category                           'Disulfide bridge' 
# 
_struct_mon_prot_cis.pdbx_id                1 
_struct_mon_prot_cis.label_comp_id          GLY 
_struct_mon_prot_cis.label_seq_id           6 
_struct_mon_prot_cis.label_asym_id          A 
_struct_mon_prot_cis.label_alt_id           . 
_struct_mon_prot_cis.pdbx_PDB_ins_code      ? 
_struct_mon_prot_cis.auth_comp_id           GLY 
_struct_mon_prot_cis.auth_seq_id            86 
_struct_mon_prot_cis.auth_asym_id           A 
_struct_mon_prot_cis.pdbx_label_comp_id_2   PRO 
_struct_mon_prot_cis.pdbx_label_seq_id_2    7 
_struct_mon_prot_cis.pdbx_label_asym_id_2   A 
_struct_mon_prot_cis.pdbx_PDB_ins_code_2    ? 
_struct_mon_prot_cis.pdbx_auth_comp_id_2    PRO 
_struct_mon_prot_cis.pdbx_auth_seq_id_2     87 
_struct_mon_prot_cis.pdbx_auth_asym_id_2    A 
_struct_mon_prot_cis.pdbx_PDB_model_num     1 
_struct_mon_prot_cis.pdbx_omega_angle       29.97 
# 
_struct_site.id                   AC1 
_struct_site.pdbx_evidence_code   Software 
_struct_site.pdbx_auth_asym_id    A 
_struct_site.pdbx_auth_comp_id    SO4 
_struct_site.pdbx_auth_seq_id     500 
_struct_site.pdbx_auth_ins_code   ? 
_struct_site.pdbx_num_residues    8 
_struct_site.details              'BINDING SITE FOR RESIDUE SO4 A 500' 
# 
loop_
_struct_site_gen.id 
_struct_site_gen.site_id 
_struct_site_gen.pdbx_num_res 
_struct_site_gen.label_comp_id 
_struct_site_gen.label_asym_id 
_struct_site_gen.label_seq_id 
_struct_site_gen.pdbx_auth_ins_code 
_struct_site_gen.auth_comp_id 
_struct_site_gen.auth_asym_id 
_struct_site_gen.auth_seq_id 
_struct_site_gen.label_atom_id 
_struct_site_gen.label_alt_id 
_struct_site_gen.symmetry 
_struct_site_gen.details 
1 AC1 8 TYR A 8  ? TYR A 88  . ? 1_555 ? 
2 AC1 8 GLY A 9  ? GLY A 89  . ? 1_555 ? 
3 AC1 8 GLN A 10 ? GLN A 90  . ? 1_555 ? 
4 AC1 8 ARG A 30 ? ARG A 110 . ? 4_566 ? 
5 AC1 8 GLY A 50 ? GLY A 130 . ? 4_566 ? 
6 AC1 8 HOH C .  ? HOH A 237 . ? 1_555 ? 
7 AC1 8 HOH C .  ? HOH A 282 . ? 1_555 ? 
8 AC1 8 HOH C .  ? HOH A 288 . ? 1_555 ? 
# 
_pdbx_entry_details.entry_id                   3N90 
_pdbx_entry_details.compound_details           ? 
_pdbx_entry_details.source_details             ? 
_pdbx_entry_details.nonpolymer_details         ? 
_pdbx_entry_details.sequence_details           ? 
_pdbx_entry_details.has_ligand_of_interest     ? 
_pdbx_entry_details.has_protein_modification   Y 
# 
loop_
_pdbx_validate_rmsd_angle.id 
_pdbx_validate_rmsd_angle.PDB_model_num 
_pdbx_validate_rmsd_angle.auth_atom_id_1 
_pdbx_validate_rmsd_angle.auth_asym_id_1 
_pdbx_validate_rmsd_angle.auth_comp_id_1 
_pdbx_validate_rmsd_angle.auth_seq_id_1 
_pdbx_validate_rmsd_angle.PDB_ins_code_1 
_pdbx_validate_rmsd_angle.label_alt_id_1 
_pdbx_validate_rmsd_angle.auth_atom_id_2 
_pdbx_validate_rmsd_angle.auth_asym_id_2 
_pdbx_validate_rmsd_angle.auth_comp_id_2 
_pdbx_validate_rmsd_angle.auth_seq_id_2 
_pdbx_validate_rmsd_angle.PDB_ins_code_2 
_pdbx_validate_rmsd_angle.label_alt_id_2 
_pdbx_validate_rmsd_angle.auth_atom_id_3 
_pdbx_validate_rmsd_angle.auth_asym_id_3 
_pdbx_validate_rmsd_angle.auth_comp_id_3 
_pdbx_validate_rmsd_angle.auth_seq_id_3 
_pdbx_validate_rmsd_angle.PDB_ins_code_3 
_pdbx_validate_rmsd_angle.label_alt_id_3 
_pdbx_validate_rmsd_angle.angle_value 
_pdbx_validate_rmsd_angle.angle_target_value 
_pdbx_validate_rmsd_angle.angle_deviation 
_pdbx_validate_rmsd_angle.angle_standard_deviation 
_pdbx_validate_rmsd_angle.linker_flag 
1 1 NE A ARG 119 ? ? CZ A ARG 119 ? ? NH1 A ARG 119 ? ? 126.36 120.30 6.06  0.50 N 
2 1 NE A ARG 119 ? ? CZ A ARG 119 ? ? NH2 A ARG 119 ? ? 112.17 120.30 -8.13 0.50 N 
# 
loop_
_pdbx_validate_torsion.id 
_pdbx_validate_torsion.PDB_model_num 
_pdbx_validate_torsion.auth_comp_id 
_pdbx_validate_torsion.auth_asym_id 
_pdbx_validate_torsion.auth_seq_id 
_pdbx_validate_torsion.PDB_ins_code 
_pdbx_validate_torsion.label_alt_id 
_pdbx_validate_torsion.phi 
_pdbx_validate_torsion.psi 
1 1 GLN A 120 ? ? 57.54   19.08 
2 1 GLU A 145 ? ? 58.41   14.71 
3 1 MET A 173 ? ? -150.31 61.92 
# 
loop_
_pdbx_unobs_or_zero_occ_residues.id 
_pdbx_unobs_or_zero_occ_residues.PDB_model_num 
_pdbx_unobs_or_zero_occ_residues.polymer_flag 
_pdbx_unobs_or_zero_occ_residues.occupancy_flag 
_pdbx_unobs_or_zero_occ_residues.auth_asym_id 
_pdbx_unobs_or_zero_occ_residues.auth_comp_id 
_pdbx_unobs_or_zero_occ_residues.auth_seq_id 
_pdbx_unobs_or_zero_occ_residues.PDB_ins_code 
_pdbx_unobs_or_zero_occ_residues.label_asym_id 
_pdbx_unobs_or_zero_occ_residues.label_comp_id 
_pdbx_unobs_or_zero_occ_residues.label_seq_id 
1 1 Y 1 A GLU 226 ? A GLU 146 
2 1 Y 1 A HIS 227 ? A HIS 147 
3 1 Y 1 A HIS 228 ? A HIS 148 
4 1 Y 1 A HIS 229 ? A HIS 149 
5 1 Y 1 A HIS 230 ? A HIS 150 
6 1 Y 1 A HIS 231 ? A HIS 151 
7 1 Y 1 A HIS 232 ? A HIS 152 
# 
loop_
_chem_comp_atom.comp_id 
_chem_comp_atom.atom_id 
_chem_comp_atom.type_symbol 
_chem_comp_atom.pdbx_aromatic_flag 
_chem_comp_atom.pdbx_stereo_config 
_chem_comp_atom.pdbx_ordinal 
ALA N    N N N 1   
ALA CA   C N S 2   
ALA C    C N N 3   
ALA O    O N N 4   
ALA CB   C N N 5   
ALA OXT  O N N 6   
ALA H    H N N 7   
ALA H2   H N N 8   
ALA HA   H N N 9   
ALA HB1  H N N 10  
ALA HB2  H N N 11  
ALA HB3  H N N 12  
ALA HXT  H N N 13  
ARG N    N N N 14  
ARG CA   C N S 15  
ARG C    C N N 16  
ARG O    O N N 17  
ARG CB   C N N 18  
ARG CG   C N N 19  
ARG CD   C N N 20  
ARG NE   N N N 21  
ARG CZ   C N N 22  
ARG NH1  N N N 23  
ARG NH2  N N N 24  
ARG OXT  O N N 25  
ARG H    H N N 26  
ARG H2   H N N 27  
ARG HA   H N N 28  
ARG HB2  H N N 29  
ARG HB3  H N N 30  
ARG HG2  H N N 31  
ARG HG3  H N N 32  
ARG HD2  H N N 33  
ARG HD3  H N N 34  
ARG HE   H N N 35  
ARG HH11 H N N 36  
ARG HH12 H N N 37  
ARG HH21 H N N 38  
ARG HH22 H N N 39  
ARG HXT  H N N 40  
ASN N    N N N 41  
ASN CA   C N S 42  
ASN C    C N N 43  
ASN O    O N N 44  
ASN CB   C N N 45  
ASN CG   C N N 46  
ASN OD1  O N N 47  
ASN ND2  N N N 48  
ASN OXT  O N N 49  
ASN H    H N N 50  
ASN H2   H N N 51  
ASN HA   H N N 52  
ASN HB2  H N N 53  
ASN HB3  H N N 54  
ASN HD21 H N N 55  
ASN HD22 H N N 56  
ASN HXT  H N N 57  
ASP N    N N N 58  
ASP CA   C N S 59  
ASP C    C N N 60  
ASP O    O N N 61  
ASP CB   C N N 62  
ASP CG   C N N 63  
ASP OD1  O N N 64  
ASP OD2  O N N 65  
ASP OXT  O N N 66  
ASP H    H N N 67  
ASP H2   H N N 68  
ASP HA   H N N 69  
ASP HB2  H N N 70  
ASP HB3  H N N 71  
ASP HD2  H N N 72  
ASP HXT  H N N 73  
CYS N    N N N 74  
CYS CA   C N R 75  
CYS C    C N N 76  
CYS O    O N N 77  
CYS CB   C N N 78  
CYS SG   S N N 79  
CYS OXT  O N N 80  
CYS H    H N N 81  
CYS H2   H N N 82  
CYS HA   H N N 83  
CYS HB2  H N N 84  
CYS HB3  H N N 85  
CYS HG   H N N 86  
CYS HXT  H N N 87  
GLN N    N N N 88  
GLN CA   C N S 89  
GLN C    C N N 90  
GLN O    O N N 91  
GLN CB   C N N 92  
GLN CG   C N N 93  
GLN CD   C N N 94  
GLN OE1  O N N 95  
GLN NE2  N N N 96  
GLN OXT  O N N 97  
GLN H    H N N 98  
GLN H2   H N N 99  
GLN HA   H N N 100 
GLN HB2  H N N 101 
GLN HB3  H N N 102 
GLN HG2  H N N 103 
GLN HG3  H N N 104 
GLN HE21 H N N 105 
GLN HE22 H N N 106 
GLN HXT  H N N 107 
GLU N    N N N 108 
GLU CA   C N S 109 
GLU C    C N N 110 
GLU O    O N N 111 
GLU CB   C N N 112 
GLU CG   C N N 113 
GLU CD   C N N 114 
GLU OE1  O N N 115 
GLU OE2  O N N 116 
GLU OXT  O N N 117 
GLU H    H N N 118 
GLU H2   H N N 119 
GLU HA   H N N 120 
GLU HB2  H N N 121 
GLU HB3  H N N 122 
GLU HG2  H N N 123 
GLU HG3  H N N 124 
GLU HE2  H N N 125 
GLU HXT  H N N 126 
GLY N    N N N 127 
GLY CA   C N N 128 
GLY C    C N N 129 
GLY O    O N N 130 
GLY OXT  O N N 131 
GLY H    H N N 132 
GLY H2   H N N 133 
GLY HA2  H N N 134 
GLY HA3  H N N 135 
GLY HXT  H N N 136 
HIS N    N N N 137 
HIS CA   C N S 138 
HIS C    C N N 139 
HIS O    O N N 140 
HIS CB   C N N 141 
HIS CG   C Y N 142 
HIS ND1  N Y N 143 
HIS CD2  C Y N 144 
HIS CE1  C Y N 145 
HIS NE2  N Y N 146 
HIS OXT  O N N 147 
HIS H    H N N 148 
HIS H2   H N N 149 
HIS HA   H N N 150 
HIS HB2  H N N 151 
HIS HB3  H N N 152 
HIS HD1  H N N 153 
HIS HD2  H N N 154 
HIS HE1  H N N 155 
HIS HE2  H N N 156 
HIS HXT  H N N 157 
HOH O    O N N 158 
HOH H1   H N N 159 
HOH H2   H N N 160 
ILE N    N N N 161 
ILE CA   C N S 162 
ILE C    C N N 163 
ILE O    O N N 164 
ILE CB   C N S 165 
ILE CG1  C N N 166 
ILE CG2  C N N 167 
ILE CD1  C N N 168 
ILE OXT  O N N 169 
ILE H    H N N 170 
ILE H2   H N N 171 
ILE HA   H N N 172 
ILE HB   H N N 173 
ILE HG12 H N N 174 
ILE HG13 H N N 175 
ILE HG21 H N N 176 
ILE HG22 H N N 177 
ILE HG23 H N N 178 
ILE HD11 H N N 179 
ILE HD12 H N N 180 
ILE HD13 H N N 181 
ILE HXT  H N N 182 
LEU N    N N N 183 
LEU CA   C N S 184 
LEU C    C N N 185 
LEU O    O N N 186 
LEU CB   C N N 187 
LEU CG   C N N 188 
LEU CD1  C N N 189 
LEU CD2  C N N 190 
LEU OXT  O N N 191 
LEU H    H N N 192 
LEU H2   H N N 193 
LEU HA   H N N 194 
LEU HB2  H N N 195 
LEU HB3  H N N 196 
LEU HG   H N N 197 
LEU HD11 H N N 198 
LEU HD12 H N N 199 
LEU HD13 H N N 200 
LEU HD21 H N N 201 
LEU HD22 H N N 202 
LEU HD23 H N N 203 
LEU HXT  H N N 204 
LYS N    N N N 205 
LYS CA   C N S 206 
LYS C    C N N 207 
LYS O    O N N 208 
LYS CB   C N N 209 
LYS CG   C N N 210 
LYS CD   C N N 211 
LYS CE   C N N 212 
LYS NZ   N N N 213 
LYS OXT  O N N 214 
LYS H    H N N 215 
LYS H2   H N N 216 
LYS HA   H N N 217 
LYS HB2  H N N 218 
LYS HB3  H N N 219 
LYS HG2  H N N 220 
LYS HG3  H N N 221 
LYS HD2  H N N 222 
LYS HD3  H N N 223 
LYS HE2  H N N 224 
LYS HE3  H N N 225 
LYS HZ1  H N N 226 
LYS HZ2  H N N 227 
LYS HZ3  H N N 228 
LYS HXT  H N N 229 
MET N    N N N 230 
MET CA   C N S 231 
MET C    C N N 232 
MET O    O N N 233 
MET CB   C N N 234 
MET CG   C N N 235 
MET SD   S N N 236 
MET CE   C N N 237 
MET OXT  O N N 238 
MET H    H N N 239 
MET H2   H N N 240 
MET HA   H N N 241 
MET HB2  H N N 242 
MET HB3  H N N 243 
MET HG2  H N N 244 
MET HG3  H N N 245 
MET HE1  H N N 246 
MET HE2  H N N 247 
MET HE3  H N N 248 
MET HXT  H N N 249 
PHE N    N N N 250 
PHE CA   C N S 251 
PHE C    C N N 252 
PHE O    O N N 253 
PHE CB   C N N 254 
PHE CG   C Y N 255 
PHE CD1  C Y N 256 
PHE CD2  C Y N 257 
PHE CE1  C Y N 258 
PHE CE2  C Y N 259 
PHE CZ   C Y N 260 
PHE OXT  O N N 261 
PHE H    H N N 262 
PHE H2   H N N 263 
PHE HA   H N N 264 
PHE HB2  H N N 265 
PHE HB3  H N N 266 
PHE HD1  H N N 267 
PHE HD2  H N N 268 
PHE HE1  H N N 269 
PHE HE2  H N N 270 
PHE HZ   H N N 271 
PHE HXT  H N N 272 
PRO N    N N N 273 
PRO CA   C N S 274 
PRO C    C N N 275 
PRO O    O N N 276 
PRO CB   C N N 277 
PRO CG   C N N 278 
PRO CD   C N N 279 
PRO OXT  O N N 280 
PRO H    H N N 281 
PRO HA   H N N 282 
PRO HB2  H N N 283 
PRO HB3  H N N 284 
PRO HG2  H N N 285 
PRO HG3  H N N 286 
PRO HD2  H N N 287 
PRO HD3  H N N 288 
PRO HXT  H N N 289 
SER N    N N N 290 
SER CA   C N S 291 
SER C    C N N 292 
SER O    O N N 293 
SER CB   C N N 294 
SER OG   O N N 295 
SER OXT  O N N 296 
SER H    H N N 297 
SER H2   H N N 298 
SER HA   H N N 299 
SER HB2  H N N 300 
SER HB3  H N N 301 
SER HG   H N N 302 
SER HXT  H N N 303 
SO4 S    S N N 304 
SO4 O1   O N N 305 
SO4 O2   O N N 306 
SO4 O3   O N N 307 
SO4 O4   O N N 308 
THR N    N N N 309 
THR CA   C N S 310 
THR C    C N N 311 
THR O    O N N 312 
THR CB   C N R 313 
THR OG1  O N N 314 
THR CG2  C N N 315 
THR OXT  O N N 316 
THR H    H N N 317 
THR H2   H N N 318 
THR HA   H N N 319 
THR HB   H N N 320 
THR HG1  H N N 321 
THR HG21 H N N 322 
THR HG22 H N N 323 
THR HG23 H N N 324 
THR HXT  H N N 325 
TYR N    N N N 326 
TYR CA   C N S 327 
TYR C    C N N 328 
TYR O    O N N 329 
TYR CB   C N N 330 
TYR CG   C Y N 331 
TYR CD1  C Y N 332 
TYR CD2  C Y N 333 
TYR CE1  C Y N 334 
TYR CE2  C Y N 335 
TYR CZ   C Y N 336 
TYR OH   O N N 337 
TYR OXT  O N N 338 
TYR H    H N N 339 
TYR H2   H N N 340 
TYR HA   H N N 341 
TYR HB2  H N N 342 
TYR HB3  H N N 343 
TYR HD1  H N N 344 
TYR HD2  H N N 345 
TYR HE1  H N N 346 
TYR HE2  H N N 347 
TYR HH   H N N 348 
TYR HXT  H N N 349 
VAL N    N N N 350 
VAL CA   C N S 351 
VAL C    C N N 352 
VAL O    O N N 353 
VAL CB   C N N 354 
VAL CG1  C N N 355 
VAL CG2  C N N 356 
VAL OXT  O N N 357 
VAL H    H N N 358 
VAL H2   H N N 359 
VAL HA   H N N 360 
VAL HB   H N N 361 
VAL HG11 H N N 362 
VAL HG12 H N N 363 
VAL HG13 H N N 364 
VAL HG21 H N N 365 
VAL HG22 H N N 366 
VAL HG23 H N N 367 
VAL HXT  H N N 368 
# 
loop_
_chem_comp_bond.comp_id 
_chem_comp_bond.atom_id_1 
_chem_comp_bond.atom_id_2 
_chem_comp_bond.value_order 
_chem_comp_bond.pdbx_aromatic_flag 
_chem_comp_bond.pdbx_stereo_config 
_chem_comp_bond.pdbx_ordinal 
ALA N   CA   sing N N 1   
ALA N   H    sing N N 2   
ALA N   H2   sing N N 3   
ALA CA  C    sing N N 4   
ALA CA  CB   sing N N 5   
ALA CA  HA   sing N N 6   
ALA C   O    doub N N 7   
ALA C   OXT  sing N N 8   
ALA CB  HB1  sing N N 9   
ALA CB  HB2  sing N N 10  
ALA CB  HB3  sing N N 11  
ALA OXT HXT  sing N N 12  
ARG N   CA   sing N N 13  
ARG N   H    sing N N 14  
ARG N   H2   sing N N 15  
ARG CA  C    sing N N 16  
ARG CA  CB   sing N N 17  
ARG CA  HA   sing N N 18  
ARG C   O    doub N N 19  
ARG C   OXT  sing N N 20  
ARG CB  CG   sing N N 21  
ARG CB  HB2  sing N N 22  
ARG CB  HB3  sing N N 23  
ARG CG  CD   sing N N 24  
ARG CG  HG2  sing N N 25  
ARG CG  HG3  sing N N 26  
ARG CD  NE   sing N N 27  
ARG CD  HD2  sing N N 28  
ARG CD  HD3  sing N N 29  
ARG NE  CZ   sing N N 30  
ARG NE  HE   sing N N 31  
ARG CZ  NH1  sing N N 32  
ARG CZ  NH2  doub N N 33  
ARG NH1 HH11 sing N N 34  
ARG NH1 HH12 sing N N 35  
ARG NH2 HH21 sing N N 36  
ARG NH2 HH22 sing N N 37  
ARG OXT HXT  sing N N 38  
ASN N   CA   sing N N 39  
ASN N   H    sing N N 40  
ASN N   H2   sing N N 41  
ASN CA  C    sing N N 42  
ASN CA  CB   sing N N 43  
ASN CA  HA   sing N N 44  
ASN C   O    doub N N 45  
ASN C   OXT  sing N N 46  
ASN CB  CG   sing N N 47  
ASN CB  HB2  sing N N 48  
ASN CB  HB3  sing N N 49  
ASN CG  OD1  doub N N 50  
ASN CG  ND2  sing N N 51  
ASN ND2 HD21 sing N N 52  
ASN ND2 HD22 sing N N 53  
ASN OXT HXT  sing N N 54  
ASP N   CA   sing N N 55  
ASP N   H    sing N N 56  
ASP N   H2   sing N N 57  
ASP CA  C    sing N N 58  
ASP CA  CB   sing N N 59  
ASP CA  HA   sing N N 60  
ASP C   O    doub N N 61  
ASP C   OXT  sing N N 62  
ASP CB  CG   sing N N 63  
ASP CB  HB2  sing N N 64  
ASP CB  HB3  sing N N 65  
ASP CG  OD1  doub N N 66  
ASP CG  OD2  sing N N 67  
ASP OD2 HD2  sing N N 68  
ASP OXT HXT  sing N N 69  
CYS N   CA   sing N N 70  
CYS N   H    sing N N 71  
CYS N   H2   sing N N 72  
CYS CA  C    sing N N 73  
CYS CA  CB   sing N N 74  
CYS CA  HA   sing N N 75  
CYS C   O    doub N N 76  
CYS C   OXT  sing N N 77  
CYS CB  SG   sing N N 78  
CYS CB  HB2  sing N N 79  
CYS CB  HB3  sing N N 80  
CYS SG  HG   sing N N 81  
CYS OXT HXT  sing N N 82  
GLN N   CA   sing N N 83  
GLN N   H    sing N N 84  
GLN N   H2   sing N N 85  
GLN CA  C    sing N N 86  
GLN CA  CB   sing N N 87  
GLN CA  HA   sing N N 88  
GLN C   O    doub N N 89  
GLN C   OXT  sing N N 90  
GLN CB  CG   sing N N 91  
GLN CB  HB2  sing N N 92  
GLN CB  HB3  sing N N 93  
GLN CG  CD   sing N N 94  
GLN CG  HG2  sing N N 95  
GLN CG  HG3  sing N N 96  
GLN CD  OE1  doub N N 97  
GLN CD  NE2  sing N N 98  
GLN NE2 HE21 sing N N 99  
GLN NE2 HE22 sing N N 100 
GLN OXT HXT  sing N N 101 
GLU N   CA   sing N N 102 
GLU N   H    sing N N 103 
GLU N   H2   sing N N 104 
GLU CA  C    sing N N 105 
GLU CA  CB   sing N N 106 
GLU CA  HA   sing N N 107 
GLU C   O    doub N N 108 
GLU C   OXT  sing N N 109 
GLU CB  CG   sing N N 110 
GLU CB  HB2  sing N N 111 
GLU CB  HB3  sing N N 112 
GLU CG  CD   sing N N 113 
GLU CG  HG2  sing N N 114 
GLU CG  HG3  sing N N 115 
GLU CD  OE1  doub N N 116 
GLU CD  OE2  sing N N 117 
GLU OE2 HE2  sing N N 118 
GLU OXT HXT  sing N N 119 
GLY N   CA   sing N N 120 
GLY N   H    sing N N 121 
GLY N   H2   sing N N 122 
GLY CA  C    sing N N 123 
GLY CA  HA2  sing N N 124 
GLY CA  HA3  sing N N 125 
GLY C   O    doub N N 126 
GLY C   OXT  sing N N 127 
GLY OXT HXT  sing N N 128 
HIS N   CA   sing N N 129 
HIS N   H    sing N N 130 
HIS N   H2   sing N N 131 
HIS CA  C    sing N N 132 
HIS CA  CB   sing N N 133 
HIS CA  HA   sing N N 134 
HIS C   O    doub N N 135 
HIS C   OXT  sing N N 136 
HIS CB  CG   sing N N 137 
HIS CB  HB2  sing N N 138 
HIS CB  HB3  sing N N 139 
HIS CG  ND1  sing Y N 140 
HIS CG  CD2  doub Y N 141 
HIS ND1 CE1  doub Y N 142 
HIS ND1 HD1  sing N N 143 
HIS CD2 NE2  sing Y N 144 
HIS CD2 HD2  sing N N 145 
HIS CE1 NE2  sing Y N 146 
HIS CE1 HE1  sing N N 147 
HIS NE2 HE2  sing N N 148 
HIS OXT HXT  sing N N 149 
HOH O   H1   sing N N 150 
HOH O   H2   sing N N 151 
ILE N   CA   sing N N 152 
ILE N   H    sing N N 153 
ILE N   H2   sing N N 154 
ILE CA  C    sing N N 155 
ILE CA  CB   sing N N 156 
ILE CA  HA   sing N N 157 
ILE C   O    doub N N 158 
ILE C   OXT  sing N N 159 
ILE CB  CG1  sing N N 160 
ILE CB  CG2  sing N N 161 
ILE CB  HB   sing N N 162 
ILE CG1 CD1  sing N N 163 
ILE CG1 HG12 sing N N 164 
ILE CG1 HG13 sing N N 165 
ILE CG2 HG21 sing N N 166 
ILE CG2 HG22 sing N N 167 
ILE CG2 HG23 sing N N 168 
ILE CD1 HD11 sing N N 169 
ILE CD1 HD12 sing N N 170 
ILE CD1 HD13 sing N N 171 
ILE OXT HXT  sing N N 172 
LEU N   CA   sing N N 173 
LEU N   H    sing N N 174 
LEU N   H2   sing N N 175 
LEU CA  C    sing N N 176 
LEU CA  CB   sing N N 177 
LEU CA  HA   sing N N 178 
LEU C   O    doub N N 179 
LEU C   OXT  sing N N 180 
LEU CB  CG   sing N N 181 
LEU CB  HB2  sing N N 182 
LEU CB  HB3  sing N N 183 
LEU CG  CD1  sing N N 184 
LEU CG  CD2  sing N N 185 
LEU CG  HG   sing N N 186 
LEU CD1 HD11 sing N N 187 
LEU CD1 HD12 sing N N 188 
LEU CD1 HD13 sing N N 189 
LEU CD2 HD21 sing N N 190 
LEU CD2 HD22 sing N N 191 
LEU CD2 HD23 sing N N 192 
LEU OXT HXT  sing N N 193 
LYS N   CA   sing N N 194 
LYS N   H    sing N N 195 
LYS N   H2   sing N N 196 
LYS CA  C    sing N N 197 
LYS CA  CB   sing N N 198 
LYS CA  HA   sing N N 199 
LYS C   O    doub N N 200 
LYS C   OXT  sing N N 201 
LYS CB  CG   sing N N 202 
LYS CB  HB2  sing N N 203 
LYS CB  HB3  sing N N 204 
LYS CG  CD   sing N N 205 
LYS CG  HG2  sing N N 206 
LYS CG  HG3  sing N N 207 
LYS CD  CE   sing N N 208 
LYS CD  HD2  sing N N 209 
LYS CD  HD3  sing N N 210 
LYS CE  NZ   sing N N 211 
LYS CE  HE2  sing N N 212 
LYS CE  HE3  sing N N 213 
LYS NZ  HZ1  sing N N 214 
LYS NZ  HZ2  sing N N 215 
LYS NZ  HZ3  sing N N 216 
LYS OXT HXT  sing N N 217 
MET N   CA   sing N N 218 
MET N   H    sing N N 219 
MET N   H2   sing N N 220 
MET CA  C    sing N N 221 
MET CA  CB   sing N N 222 
MET CA  HA   sing N N 223 
MET C   O    doub N N 224 
MET C   OXT  sing N N 225 
MET CB  CG   sing N N 226 
MET CB  HB2  sing N N 227 
MET CB  HB3  sing N N 228 
MET CG  SD   sing N N 229 
MET CG  HG2  sing N N 230 
MET CG  HG3  sing N N 231 
MET SD  CE   sing N N 232 
MET CE  HE1  sing N N 233 
MET CE  HE2  sing N N 234 
MET CE  HE3  sing N N 235 
MET OXT HXT  sing N N 236 
PHE N   CA   sing N N 237 
PHE N   H    sing N N 238 
PHE N   H2   sing N N 239 
PHE CA  C    sing N N 240 
PHE CA  CB   sing N N 241 
PHE CA  HA   sing N N 242 
PHE C   O    doub N N 243 
PHE C   OXT  sing N N 244 
PHE CB  CG   sing N N 245 
PHE CB  HB2  sing N N 246 
PHE CB  HB3  sing N N 247 
PHE CG  CD1  doub Y N 248 
PHE CG  CD2  sing Y N 249 
PHE CD1 CE1  sing Y N 250 
PHE CD1 HD1  sing N N 251 
PHE CD2 CE2  doub Y N 252 
PHE CD2 HD2  sing N N 253 
PHE CE1 CZ   doub Y N 254 
PHE CE1 HE1  sing N N 255 
PHE CE2 CZ   sing Y N 256 
PHE CE2 HE2  sing N N 257 
PHE CZ  HZ   sing N N 258 
PHE OXT HXT  sing N N 259 
PRO N   CA   sing N N 260 
PRO N   CD   sing N N 261 
PRO N   H    sing N N 262 
PRO CA  C    sing N N 263 
PRO CA  CB   sing N N 264 
PRO CA  HA   sing N N 265 
PRO C   O    doub N N 266 
PRO C   OXT  sing N N 267 
PRO CB  CG   sing N N 268 
PRO CB  HB2  sing N N 269 
PRO CB  HB3  sing N N 270 
PRO CG  CD   sing N N 271 
PRO CG  HG2  sing N N 272 
PRO CG  HG3  sing N N 273 
PRO CD  HD2  sing N N 274 
PRO CD  HD3  sing N N 275 
PRO OXT HXT  sing N N 276 
SER N   CA   sing N N 277 
SER N   H    sing N N 278 
SER N   H2   sing N N 279 
SER CA  C    sing N N 280 
SER CA  CB   sing N N 281 
SER CA  HA   sing N N 282 
SER C   O    doub N N 283 
SER C   OXT  sing N N 284 
SER CB  OG   sing N N 285 
SER CB  HB2  sing N N 286 
SER CB  HB3  sing N N 287 
SER OG  HG   sing N N 288 
SER OXT HXT  sing N N 289 
SO4 S   O1   doub N N 290 
SO4 S   O2   doub N N 291 
SO4 S   O3   sing N N 292 
SO4 S   O4   sing N N 293 
THR N   CA   sing N N 294 
THR N   H    sing N N 295 
THR N   H2   sing N N 296 
THR CA  C    sing N N 297 
THR CA  CB   sing N N 298 
THR CA  HA   sing N N 299 
THR C   O    doub N N 300 
THR C   OXT  sing N N 301 
THR CB  OG1  sing N N 302 
THR CB  CG2  sing N N 303 
THR CB  HB   sing N N 304 
THR OG1 HG1  sing N N 305 
THR CG2 HG21 sing N N 306 
THR CG2 HG22 sing N N 307 
THR CG2 HG23 sing N N 308 
THR OXT HXT  sing N N 309 
TYR N   CA   sing N N 310 
TYR N   H    sing N N 311 
TYR N   H2   sing N N 312 
TYR CA  C    sing N N 313 
TYR CA  CB   sing N N 314 
TYR CA  HA   sing N N 315 
TYR C   O    doub N N 316 
TYR C   OXT  sing N N 317 
TYR CB  CG   sing N N 318 
TYR CB  HB2  sing N N 319 
TYR CB  HB3  sing N N 320 
TYR CG  CD1  doub Y N 321 
TYR CG  CD2  sing Y N 322 
TYR CD1 CE1  sing Y N 323 
TYR CD1 HD1  sing N N 324 
TYR CD2 CE2  doub Y N 325 
TYR CD2 HD2  sing N N 326 
TYR CE1 CZ   doub Y N 327 
TYR CE1 HE1  sing N N 328 
TYR CE2 CZ   sing Y N 329 
TYR CE2 HE2  sing N N 330 
TYR CZ  OH   sing N N 331 
TYR OH  HH   sing N N 332 
TYR OXT HXT  sing N N 333 
VAL N   CA   sing N N 334 
VAL N   H    sing N N 335 
VAL N   H2   sing N N 336 
VAL CA  C    sing N N 337 
VAL CA  CB   sing N N 338 
VAL CA  HA   sing N N 339 
VAL C   O    doub N N 340 
VAL C   OXT  sing N N 341 
VAL CB  CG1  sing N N 342 
VAL CB  CG2  sing N N 343 
VAL CB  HB   sing N N 344 
VAL CG1 HG11 sing N N 345 
VAL CG1 HG12 sing N N 346 
VAL CG1 HG13 sing N N 347 
VAL CG2 HG21 sing N N 348 
VAL CG2 HG22 sing N N 349 
VAL CG2 HG23 sing N N 350 
VAL OXT HXT  sing N N 351 
# 
_atom_sites.entry_id                    3N90 
_atom_sites.fract_transf_matrix[1][1]   0.00904510 
_atom_sites.fract_transf_matrix[1][2]   -0.00830026 
_atom_sites.fract_transf_matrix[1][3]   0.01165979 
_atom_sites.fract_transf_matrix[2][1]   0.00360510 
_atom_sites.fract_transf_matrix[2][2]   -0.00890289 
_atom_sites.fract_transf_matrix[2][3]   -0.00913437 
_atom_sites.fract_transf_matrix[3][1]   0.01336168 
_atom_sites.fract_transf_matrix[3][2]   0.00927281 
_atom_sites.fract_transf_matrix[3][3]   -0.00376431 
_atom_sites.fract_transf_vector[1]      0.290526 
_atom_sites.fract_transf_vector[2]      0.690239 
_atom_sites.fract_transf_vector[3]      0.378302 
# 
loop_
_atom_type.symbol 
C 
N 
O 
S 
# 
loop_
_atom_site.group_PDB 
_atom_site.id 
_atom_site.type_symbol 
_atom_site.label_atom_id 
_atom_site.label_alt_id 
_atom_site.label_comp_id 
_atom_site.label_asym_id 
_atom_site.label_entity_id 
_atom_site.label_seq_id 
_atom_site.pdbx_PDB_ins_code 
_atom_site.Cartn_x 
_atom_site.Cartn_y 
_atom_site.Cartn_z 
_atom_site.occupancy 
_atom_site.B_iso_or_equiv 
_atom_site.pdbx_formal_charge 
_atom_site.auth_seq_id 
_atom_site.auth_comp_id 
_atom_site.auth_asym_id 
_atom_site.auth_atom_id 
_atom_site.pdbx_PDB_model_num 
ATOM   1    N N   . ALA A 1 1   ? -17.348 7.365   5.390   1.00 32.57 ? 81  ALA A N   1 
ATOM   2    C CA  . ALA A 1 1   ? -16.526 8.457   6.013   1.00 31.55 ? 81  ALA A CA  1 
ATOM   3    C C   . ALA A 1 1   ? -16.278 8.104   7.468   1.00 30.91 ? 81  ALA A C   1 
ATOM   4    O O   . ALA A 1 1   ? -17.108 8.410   8.356   1.00 30.80 ? 81  ALA A O   1 
ATOM   5    C CB  . ALA A 1 1   ? -17.219 9.816   5.881   1.00 32.02 ? 81  ALA A CB  1 
ATOM   6    N N   . PHE A 1 2   ? -15.144 7.441   7.700   1.00 29.57 ? 82  PHE A N   1 
ATOM   7    C CA  . PHE A 1 2   ? -14.847 6.877   9.003   1.00 28.58 ? 82  PHE A CA  1 
ATOM   8    C C   . PHE A 1 2   ? -14.879 7.955   10.077  1.00 28.42 ? 82  PHE A C   1 
ATOM   9    O O   . PHE A 1 2   ? -14.139 8.951   9.982   1.00 27.07 ? 82  PHE A O   1 
ATOM   10   C CB  . PHE A 1 2   ? -13.517 6.117   9.017   1.00 28.44 ? 82  PHE A CB  1 
ATOM   11   C CG  . PHE A 1 2   ? -13.174 5.547   10.363  1.00 28.07 ? 82  PHE A CG  1 
ATOM   12   C CD1 . PHE A 1 2   ? -13.921 4.500   10.911  1.00 27.42 ? 82  PHE A CD1 1 
ATOM   13   C CD2 . PHE A 1 2   ? -12.130 6.076   11.112  1.00 26.55 ? 82  PHE A CD2 1 
ATOM   14   C CE1 . PHE A 1 2   ? -13.619 4.012   12.178  1.00 27.48 ? 82  PHE A CE1 1 
ATOM   15   C CE2 . PHE A 1 2   ? -11.804 5.573   12.368  1.00 28.28 ? 82  PHE A CE2 1 
ATOM   16   C CZ  . PHE A 1 2   ? -12.553 4.536   12.902  1.00 28.54 ? 82  PHE A CZ  1 
ATOM   17   N N   . LYS A 1 3   ? -15.745 7.756   11.081  1.00 28.32 ? 83  LYS A N   1 
ATOM   18   C CA  . LYS A 1 3   ? -15.945 8.728   12.179  1.00 28.70 ? 83  LYS A CA  1 
ATOM   19   C C   . LYS A 1 3   ? -16.214 10.149  11.669  1.00 28.67 ? 83  LYS A C   1 
ATOM   20   O O   . LYS A 1 3   ? -15.736 11.129  12.263  1.00 28.71 ? 83  LYS A O   1 
ATOM   21   C CB  . LYS A 1 3   ? -14.746 8.747   13.143  1.00 28.64 ? 83  LYS A CB  1 
ATOM   22   C CG  . LYS A 1 3   ? -14.637 7.546   14.062  1.00 29.79 ? 83  LYS A CG  1 
ATOM   23   C CD  . LYS A 1 3   ? -13.506 7.749   15.084  1.00 29.90 ? 83  LYS A CD  1 
ATOM   24   C CE  . LYS A 1 3   ? -13.221 6.476   15.892  1.00 33.06 ? 83  LYS A CE  1 
ATOM   25   N NZ  . LYS A 1 3   ? -14.420 5.909   16.603  1.00 33.80 ? 83  LYS A NZ  1 
ATOM   26   N N   . GLY A 1 4   ? -16.949 10.254  10.561  1.00 28.69 ? 84  GLY A N   1 
ATOM   27   C CA  . GLY A 1 4   ? -17.271 11.551  9.949   1.00 29.39 ? 84  GLY A CA  1 
ATOM   28   C C   . GLY A 1 4   ? -16.168 12.263  9.167   1.00 30.26 ? 84  GLY A C   1 
ATOM   29   O O   . GLY A 1 4   ? -16.411 13.325  8.592   1.00 30.75 ? 84  GLY A O   1 
ATOM   30   N N   . GLY A 1 5   ? -14.955 11.716  9.154   1.00 30.80 ? 85  GLY A N   1 
ATOM   31   C CA  . GLY A 1 5   ? -13.879 12.306  8.354   1.00 31.22 ? 85  GLY A CA  1 
ATOM   32   C C   . GLY A 1 5   ? -12.530 12.685  8.962   1.00 31.79 ? 85  GLY A C   1 
ATOM   33   O O   . GLY A 1 5   ? -11.511 12.605  8.278   1.00 32.98 ? 85  GLY A O   1 
ATOM   34   N N   . GLY A 1 6   ? -12.470 13.133  10.208  1.00 32.22 ? 86  GLY A N   1 
ATOM   35   C CA  . GLY A 1 6   ? -11.146 13.576  10.714  1.00 32.38 ? 86  GLY A CA  1 
ATOM   36   C C   . GLY A 1 6   ? -10.591 14.852  10.067  1.00 31.72 ? 86  GLY A C   1 
ATOM   37   O O   . GLY A 1 6   ? -11.286 15.473  9.255   1.00 32.23 ? 86  GLY A O   1 
ATOM   38   N N   . PRO A 1 7   ? -9.308  15.210  10.331  1.00 30.61 ? 87  PRO A N   1 
ATOM   39   C CA  . PRO A 1 7   ? -8.107  14.410  10.648  1.00 29.53 ? 87  PRO A CA  1 
ATOM   40   C C   . PRO A 1 7   ? -8.234  13.503  11.854  1.00 28.07 ? 87  PRO A C   1 
ATOM   41   O O   . PRO A 1 7   ? -9.057  13.744  12.755  1.00 27.73 ? 87  PRO A O   1 
ATOM   42   C CB  . PRO A 1 7   ? -7.031  15.476  10.925  1.00 30.33 ? 87  PRO A CB  1 
ATOM   43   C CG  . PRO A 1 7   ? -7.812  16.675  11.371  1.00 30.45 ? 87  PRO A CG  1 
ATOM   44   C CD  . PRO A 1 7   ? -9.012  16.652  10.451  1.00 31.02 ? 87  PRO A CD  1 
ATOM   45   N N   . TYR A 1 8   ? -7.419  12.457  11.850  1.00 25.57 ? 88  TYR A N   1 
ATOM   46   C CA  . TYR A 1 8   ? -7.454  11.457  12.886  1.00 24.17 ? 88  TYR A CA  1 
ATOM   47   C C   . TYR A 1 8   ? -6.181  11.523  13.700  1.00 22.75 ? 88  TYR A C   1 
ATOM   48   O O   . TYR A 1 8   ? -5.062  11.420  13.146  1.00 22.14 ? 88  TYR A O   1 
ATOM   49   C CB  . TYR A 1 8   ? -7.623  10.045  12.291  1.00 23.80 ? 88  TYR A CB  1 
ATOM   50   C CG  . TYR A 1 8   ? -8.784  9.887   11.332  1.00 22.85 ? 88  TYR A CG  1 
ATOM   51   C CD1 . TYR A 1 8   ? -10.076 9.713   11.812  1.00 23.49 ? 88  TYR A CD1 1 
ATOM   52   C CD2 . TYR A 1 8   ? -8.590  9.905   9.952   1.00 21.82 ? 88  TYR A CD2 1 
ATOM   53   C CE1 . TYR A 1 8   ? -11.150 9.563   10.947  1.00 22.87 ? 88  TYR A CE1 1 
ATOM   54   C CE2 . TYR A 1 8   ? -9.653  9.749   9.079   1.00 22.06 ? 88  TYR A CE2 1 
ATOM   55   C CZ  . TYR A 1 8   ? -10.944 9.584   9.589   1.00 22.91 ? 88  TYR A CZ  1 
ATOM   56   O OH  . TYR A 1 8   ? -12.021 9.431   8.737   1.00 25.19 ? 88  TYR A OH  1 
ATOM   57   N N   . GLY A 1 9   ? -6.336  11.652  15.017  1.00 21.08 ? 89  GLY A N   1 
ATOM   58   C CA  . GLY A 1 9   ? -5.203  11.515  15.928  1.00 19.79 ? 89  GLY A CA  1 
ATOM   59   C C   . GLY A 1 9   ? -4.545  10.155  15.738  1.00 19.26 ? 89  GLY A C   1 
ATOM   60   O O   . GLY A 1 9   ? -5.203  9.209   15.314  1.00 19.79 ? 89  GLY A O   1 
ATOM   61   N N   . GLN A 1 10  ? -3.263  10.039  16.059  1.00 18.88 ? 90  GLN A N   1 
ATOM   62   C CA  . GLN A 1 10  ? -2.538  8.776   15.817  1.00 19.30 ? 90  GLN A CA  1 
ATOM   63   C C   . GLN A 1 10  ? -3.120  7.643   16.673  1.00 19.31 ? 90  GLN A C   1 
ATOM   64   O O   . GLN A 1 10  ? -3.114  6.472   16.259  1.00 19.06 ? 90  GLN A O   1 
ATOM   65   C CB  . GLN A 1 10  ? -1.049  8.948   16.071  1.00 19.30 ? 90  GLN A CB  1 
ATOM   66   C CG  . GLN A 1 10  ? -0.356  9.979   15.149  1.00 19.81 ? 90  GLN A CG  1 
ATOM   67   C CD  . GLN A 1 10  ? -0.296  9.550   13.687  1.00 17.98 ? 90  GLN A CD  1 
ATOM   68   O OE1 . GLN A 1 10  ? -1.157  8.810   13.198  1.00 17.60 ? 90  GLN A OE1 1 
ATOM   69   N NE2 . GLN A 1 10  ? 0.746   9.991   12.990  1.00 18.34 ? 90  GLN A NE2 1 
ATOM   70   N N   . GLY A 1 11  ? -3.668  8.007   17.839  1.00 19.27 ? 91  GLY A N   1 
ATOM   71   C CA  . GLY A 1 11  ? -4.253  6.992   18.758  1.00 19.33 ? 91  GLY A CA  1 
ATOM   72   C C   . GLY A 1 11  ? -5.501  6.320   18.219  1.00 20.14 ? 91  GLY A C   1 
ATOM   73   O O   . GLY A 1 11  ? -5.918  5.245   18.701  1.00 20.34 ? 91  GLY A O   1 
ATOM   74   N N   . VAL A 1 12  ? -6.092  6.942   17.203  1.00 19.01 ? 92  VAL A N   1 
ATOM   75   C CA  . VAL A 1 12  ? -7.299  6.472   16.589  1.00 19.56 ? 92  VAL A CA  1 
ATOM   76   C C   . VAL A 1 12  ? -6.981  5.315   15.630  1.00 18.44 ? 92  VAL A C   1 
ATOM   77   O O   . VAL A 1 12  ? -7.790  4.409   15.447  1.00 19.36 ? 92  VAL A O   1 
ATOM   78   C CB  . VAL A 1 12  ? -7.995  7.617   15.814  1.00 19.84 ? 92  VAL A CB  1 
ATOM   79   C CG1 . VAL A 1 12  ? -9.112  7.098   14.931  1.00 20.85 ? 92  VAL A CG1 1 
ATOM   80   C CG2 . VAL A 1 12  ? -8.458  8.734   16.767  1.00 20.53 ? 92  VAL A CG2 1 
ATOM   81   N N   . THR A 1 13  ? -5.783  5.356   15.042  1.00 17.08 ? 93  THR A N   1 
ATOM   82   C CA  . THR A 1 13  ? -5.440  4.438   13.973  1.00 14.84 ? 93  THR A CA  1 
ATOM   83   C C   . THR A 1 13  ? -4.382  3.393   14.369  1.00 15.05 ? 93  THR A C   1 
ATOM   84   O O   . THR A 1 13  ? -4.271  2.334   13.725  1.00 16.97 ? 93  THR A O   1 
ATOM   85   C CB  . THR A 1 13  ? -5.019  5.228   12.709  1.00 14.83 ? 93  THR A CB  1 
ATOM   86   O OG1 . THR A 1 13  ? -3.938  6.100   13.040  1.00 14.14 ? 93  THR A OG1 1 
ATOM   87   C CG2 . THR A 1 13  ? -6.205  6.063   12.158  1.00 16.71 ? 93  THR A CG2 1 
ATOM   88   N N   . ARG A 1 14  ? -3.612  3.652   15.416  1.00 14.04 ? 94  ARG A N   1 
ATOM   89   C CA  . ARG A 1 14  ? -2.511  2.752   15.741  1.00 15.41 ? 94  ARG A CA  1 
ATOM   90   C C   . ARG A 1 14  ? -2.948  1.577   16.641  1.00 15.24 ? 94  ARG A C   1 
ATOM   91   O O   . ARG A 1 14  ? -3.568  1.806   17.694  1.00 16.22 ? 94  ARG A O   1 
ATOM   92   C CB  . ARG A 1 14  ? -1.332  3.537   16.331  1.00 16.25 ? 94  ARG A CB  1 
ATOM   93   C CG  . ARG A 1 14  ? -1.542  3.945   17.753  1.00 20.77 ? 94  ARG A CG  1 
ATOM   94   C CD  . ARG A 1 14  ? -0.482  4.903   18.264  1.00 27.49 ? 94  ARG A CD  1 
ATOM   95   N NE  . ARG A 1 14  ? -0.990  5.602   19.455  1.00 31.61 ? 94  ARG A NE  1 
ATOM   96   C CZ  . ARG A 1 14  ? -0.521  6.763   19.912  1.00 34.21 ? 94  ARG A CZ  1 
ATOM   97   N NH1 . ARG A 1 14  ? 0.482   7.378   19.283  1.00 37.10 ? 94  ARG A NH1 1 
ATOM   98   N NH2 . ARG A 1 14  ? -1.058  7.312   20.997  1.00 35.25 ? 94  ARG A NH2 1 
ATOM   99   N N   . GLY A 1 15  ? -2.602  0.349   16.245  1.00 14.20 ? 95  GLY A N   1 
ATOM   100  C CA  . GLY A 1 15  ? -2.899  -0.857  17.035  1.00 14.64 ? 95  GLY A CA  1 
ATOM   101  C C   . GLY A 1 15  ? -4.400  -0.998  17.278  1.00 14.77 ? 95  GLY A C   1 
ATOM   102  O O   . GLY A 1 15  ? -4.844  -1.321  18.404  1.00 16.53 ? 95  GLY A O   1 
ATOM   103  N N   . GLN A 1 16  ? -5.174  -0.723  16.233  1.00 13.59 ? 96  GLN A N   1 
ATOM   104  C CA  . GLN A 1 16  ? -6.639  -0.793  16.319  1.00 14.43 ? 96  GLN A CA  1 
ATOM   105  C C   . GLN A 1 16  ? -7.217  -1.809  15.347  1.00 14.95 ? 96  GLN A C   1 
ATOM   106  O O   . GLN A 1 16  ? -6.606  -2.115  14.318  1.00 14.63 ? 96  GLN A O   1 
ATOM   107  C CB  . GLN A 1 16  ? -7.228  0.580   16.030  1.00 15.07 ? 96  GLN A CB  1 
ATOM   108  C CG  . GLN A 1 16  ? -6.869  1.630   17.085  1.00 16.85 ? 96  GLN A CG  1 
ATOM   109  C CD  . GLN A 1 16  ? -7.423  1.306   18.452  1.00 22.70 ? 96  GLN A CD  1 
ATOM   110  O OE1 . GLN A 1 16  ? -8.511  0.758   18.581  1.00 23.85 ? 96  GLN A OE1 1 
ATOM   111  N NE2 . GLN A 1 16  ? -6.675  1.646   19.481  1.00 28.87 ? 96  GLN A NE2 1 
ATOM   112  N N   . ASP A 1 17  ? -8.409  -2.327  15.666  1.00 14.46 ? 97  ASP A N   1 
ATOM   113  C CA  . ASP A 1 17  ? -9.129  -3.146  14.707  1.00 15.32 ? 97  ASP A CA  1 
ATOM   114  C C   . ASP A 1 17  ? -10.017 -2.245  13.877  1.00 16.12 ? 97  ASP A C   1 
ATOM   115  O O   . ASP A 1 17  ? -11.040 -1.753  14.370  1.00 17.37 ? 97  ASP A O   1 
ATOM   116  C CB  . ASP A 1 17  ? -9.956  -4.229  15.422  1.00 16.32 ? 97  ASP A CB  1 
ATOM   117  C CG  . ASP A 1 17  ? -10.646 -5.179  14.434  1.00 18.11 ? 97  ASP A CG  1 
ATOM   118  O OD1 . ASP A 1 17  ? -10.682 -4.885  13.212  1.00 16.85 ? 97  ASP A OD1 1 
ATOM   119  O OD2 . ASP A 1 17  ? -11.114 -6.253  14.869  1.00 21.16 ? 97  ASP A OD2 1 
ATOM   120  N N   . LEU A 1 18  ? -9.600  -2.009  12.629  1.00 14.70 ? 98  LEU A N   1 
ATOM   121  C CA  . LEU A 1 18  ? -10.267 -1.126  11.709  1.00 15.54 ? 98  LEU A CA  1 
ATOM   122  C C   . LEU A 1 18  ? -10.696 -1.895  10.470  1.00 15.46 ? 98  LEU A C   1 
ATOM   123  O O   . LEU A 1 18  ? -10.799 -1.342  9.373   1.00 15.49 ? 98  LEU A O   1 
ATOM   124  C CB  . LEU A 1 18  ? -9.317  0.038   11.320  1.00 14.84 ? 98  LEU A CB  1 
ATOM   125  C CG  . LEU A 1 18  ? -8.902  0.947   12.480  1.00 16.39 ? 98  LEU A CG  1 
ATOM   126  C CD1 . LEU A 1 18  ? -7.899  2.002   11.978  1.00 16.17 ? 98  LEU A CD1 1 
ATOM   127  C CD2 . LEU A 1 18  ? -10.112 1.615   13.107  1.00 17.78 ? 98  LEU A CD2 1 
ATOM   128  N N   . SER A 1 19  ? -10.991 -3.181  10.638  1.00 16.18 ? 99  SER A N   1 
ATOM   129  C CA  . SER A 1 19  ? -11.473 -3.958  9.505   1.00 16.80 ? 99  SER A CA  1 
ATOM   130  C C   . SER A 1 19  ? -12.739 -3.290  8.911   1.00 17.53 ? 99  SER A C   1 
ATOM   131  O O   . SER A 1 19  ? -13.593 -2.771  9.658   1.00 18.53 ? 99  SER A O   1 
ATOM   132  C CB  . SER A 1 19  ? -11.810 -5.394  9.894   1.00 17.83 ? 99  SER A CB  1 
ATOM   133  O OG  . SER A 1 19  ? -10.802 -6.012  10.661  1.00 20.39 ? 99  SER A OG  1 
ATOM   134  N N   . GLY A 1 20  ? -12.812 -3.278  7.583   1.00 18.10 ? 100 GLY A N   1 
ATOM   135  C CA  . GLY A 1 20  ? -13.977 -2.825  6.837   1.00 19.24 ? 100 GLY A CA  1 
ATOM   136  C C   . GLY A 1 20  ? -14.235 -1.338  6.945   1.00 19.47 ? 100 GLY A C   1 
ATOM   137  O O   . GLY A 1 20  ? -15.307 -0.881  6.536   1.00 20.54 ? 100 GLY A O   1 
ATOM   138  N N   . LYS A 1 21  ? -13.275 -0.566  7.471   1.00 17.86 ? 101 LYS A N   1 
ATOM   139  C CA  . LYS A 1 21  ? -13.500 0.864   7.646   1.00 17.87 ? 101 LYS A CA  1 
ATOM   140  C C   . LYS A 1 21  ? -13.225 1.642   6.363   1.00 18.48 ? 101 LYS A C   1 
ATOM   141  O O   . LYS A 1 21  ? -12.375 1.241   5.533   1.00 17.51 ? 101 LYS A O   1 
ATOM   142  C CB  . LYS A 1 21  ? -12.740 1.443   8.837   1.00 18.60 ? 101 LYS A CB  1 
ATOM   143  C CG  . LYS A 1 21  ? -13.048 0.794   10.202  1.00 19.92 ? 101 LYS A CG  1 
ATOM   144  C CD  . LYS A 1 21  ? -14.548 0.697   10.458  1.00 24.65 ? 101 LYS A CD  1 
ATOM   145  C CE  . LYS A 1 21  ? -14.890 0.636   11.935  1.00 27.38 ? 101 LYS A CE  1 
ATOM   146  N NZ  . LYS A 1 21  ? -16.340 1.027   12.097  1.00 29.59 ? 101 LYS A NZ  1 
ATOM   147  N N   . ASP A 1 22  ? -13.969 2.734   6.177   1.00 18.44 ? 102 ASP A N   1 
ATOM   148  C CA  . ASP A 1 22  ? -13.864 3.488   4.929   1.00 18.93 ? 102 ASP A CA  1 
ATOM   149  C C   . ASP A 1 22  ? -13.050 4.763   5.093   1.00 17.83 ? 102 ASP A C   1 
ATOM   150  O O   . ASP A 1 22  ? -13.483 5.729   5.706   1.00 17.85 ? 102 ASP A O   1 
ATOM   151  C CB  . ASP A 1 22  ? -15.261 3.749   4.317   1.00 20.04 ? 102 ASP A CB  1 
ATOM   152  C CG  . ASP A 1 22  ? -15.195 4.272   2.884   1.00 23.45 ? 102 ASP A CG  1 
ATOM   153  O OD1 . ASP A 1 22  ? -14.144 4.819   2.476   1.00 22.40 ? 102 ASP A OD1 1 
ATOM   154  O OD2 . ASP A 1 22  ? -16.210 4.138   2.151   1.00 27.80 ? 102 ASP A OD2 1 
ATOM   155  N N   . PHE A 1 23  ? -11.823 4.731   4.563   1.00 16.89 ? 103 PHE A N   1 
ATOM   156  C CA  . PHE A 1 23  ? -10.936 5.871   4.566   1.00 15.76 ? 103 PHE A CA  1 
ATOM   157  C C   . PHE A 1 23  ? -10.748 6.457   3.147   1.00 16.24 ? 103 PHE A C   1 
ATOM   158  O O   . PHE A 1 23  ? -9.816  7.218   2.920   1.00 14.73 ? 103 PHE A O   1 
ATOM   159  C CB  . PHE A 1 23  ? -9.558  5.448   5.086   1.00 15.59 ? 103 PHE A CB  1 
ATOM   160  C CG  . PHE A 1 23  ? -9.518  5.119   6.562   1.00 14.28 ? 103 PHE A CG  1 
ATOM   161  C CD1 . PHE A 1 23  ? -9.420  6.139   7.518   1.00 13.98 ? 103 PHE A CD1 1 
ATOM   162  C CD2 . PHE A 1 23  ? -9.597  3.788   7.005   1.00 13.55 ? 103 PHE A CD2 1 
ATOM   163  C CE1 . PHE A 1 23  ? -9.372  5.842   8.914   1.00 14.72 ? 103 PHE A CE1 1 
ATOM   164  C CE2 . PHE A 1 23  ? -9.574  3.488   8.376   1.00 14.35 ? 103 PHE A CE2 1 
ATOM   165  C CZ  . PHE A 1 23  ? -9.437  4.523   9.331   1.00 14.68 ? 103 PHE A CZ  1 
ATOM   166  N N   . SER A 1 24  ? -11.623 6.096   2.218   1.00 16.59 ? 104 SER A N   1 
ATOM   167  C CA  . SER A 1 24  ? -11.426 6.450   0.800   1.00 17.19 ? 104 SER A CA  1 
ATOM   168  C C   . SER A 1 24  ? -11.345 7.971   0.626   1.00 18.30 ? 104 SER A C   1 
ATOM   169  O O   . SER A 1 24  ? -12.110 8.719   1.245   1.00 18.27 ? 104 SER A O   1 
ATOM   170  C CB  . SER A 1 24  ? -12.534 5.841   -0.065  1.00 18.14 ? 104 SER A CB  1 
ATOM   171  O OG  . SER A 1 24  ? -13.794 6.257   0.432   1.00 19.39 ? 104 SER A OG  1 
ATOM   172  N N   . GLY A 1 25  ? -10.379 8.423   -0.165  1.00 18.96 ? 105 GLY A N   1 
ATOM   173  C CA  . GLY A 1 25  ? -10.169 9.863   -0.460  1.00 19.48 ? 105 GLY A CA  1 
ATOM   174  C C   . GLY A 1 25  ? -9.650  10.758  0.656   1.00 19.97 ? 105 GLY A C   1 
ATOM   175  O O   . GLY A 1 25  ? -9.498  11.993  0.477   1.00 21.12 ? 105 GLY A O   1 
ATOM   176  N N   . GLN A 1 26  ? -9.362  10.179  1.812   1.00 19.82 ? 106 GLN A N   1 
ATOM   177  C CA  . GLN A 1 26  ? -8.991  10.980  2.960   0.50 19.08 ? 106 GLN A CA  1 
ATOM   178  C C   . GLN A 1 26  ? -7.534  11.347  2.973   1.00 19.58 ? 106 GLN A C   1 
ATOM   179  O O   . GLN A 1 26  ? -6.693  10.624  2.420   1.00 19.29 ? 106 GLN A O   1 
ATOM   180  C CB  . GLN A 1 26  ? -9.379  10.263  4.228   0.50 19.21 ? 106 GLN A CB  1 
ATOM   181  C CG  . GLN A 1 26  ? -10.871 9.946   4.210   0.50 19.33 ? 106 GLN A CG  1 
ATOM   182  C CD  . GLN A 1 26  ? -11.382 9.570   5.540   0.50 20.75 ? 106 GLN A CD  1 
ATOM   183  O OE1 . GLN A 1 26  ? -12.545 9.189   5.687   0.50 21.71 ? 106 GLN A OE1 1 
ATOM   184  N NE2 . GLN A 1 26  ? -10.527 9.656   6.535   0.50 21.22 ? 106 GLN A NE2 1 
ATOM   185  N N   . THR A 1 27  ? -7.237  12.481  3.615   1.00 19.73 ? 107 THR A N   1 
ATOM   186  C CA  . THR A 1 27  ? -5.876  12.914  3.810   1.00 19.52 ? 107 THR A CA  1 
ATOM   187  C C   . THR A 1 27  ? -5.347  12.264  5.057   1.00 18.00 ? 107 THR A C   1 
ATOM   188  O O   . THR A 1 27  ? -5.799  12.562  6.178   1.00 18.23 ? 107 THR A O   1 
ATOM   189  C CB  . THR A 1 27  ? -5.784  14.443  3.918   1.00 20.81 ? 107 THR A CB  1 
ATOM   190  O OG1 . THR A 1 27  ? -6.366  14.997  2.754   1.00 23.80 ? 107 THR A OG1 1 
ATOM   191  C CG2 . THR A 1 27  ? -4.347  14.895  3.993   1.00 22.49 ? 107 THR A CG2 1 
ATOM   192  N N   . LEU A 1 28  ? -4.405  11.329  4.852   1.00 15.73 ? 108 LEU A N   1 
ATOM   193  C CA  . LEU A 1 28  ? -3.808  10.550  5.923   1.00 14.87 ? 108 LEU A CA  1 
ATOM   194  C C   . LEU A 1 28  ? -2.267  10.555  5.852   1.00 14.78 ? 108 LEU A C   1 
ATOM   195  O O   . LEU A 1 28  ? -1.612  9.533   6.041   1.00 12.86 ? 108 LEU A O   1 
ATOM   196  C CB  . LEU A 1 28  ? -4.336  9.107   5.889   1.00 14.92 ? 108 LEU A CB  1 
ATOM   197  C CG  . LEU A 1 28  ? -5.875  9.009   5.925   1.00 17.25 ? 108 LEU A CG  1 
ATOM   198  C CD1 . LEU A 1 28  ? -6.332  7.689   5.364   1.00 16.85 ? 108 LEU A CD1 1 
ATOM   199  C CD2 . LEU A 1 28  ? -6.351  9.214   7.331   1.00 17.82 ? 108 LEU A CD2 1 
ATOM   200  N N   . ILE A 1 29  ? -1.707  11.730  5.610   1.00 13.49 ? 109 ILE A N   1 
ATOM   201  C CA  . ILE A 1 29  ? -0.269  11.866  5.494   1.00 14.47 ? 109 ILE A CA  1 
ATOM   202  C C   . ILE A 1 29  ? 0.379   11.458  6.802   1.00 12.97 ? 109 ILE A C   1 
ATOM   203  O O   . ILE A 1 29  ? 0.045   11.983  7.863   1.00 13.74 ? 109 ILE A O   1 
ATOM   204  C CB  . ILE A 1 29  ? 0.066   13.315  5.098   1.00 13.55 ? 109 ILE A CB  1 
ATOM   205  C CG1 . ILE A 1 29  ? -0.459  13.592  3.673   1.00 15.52 ? 109 ILE A CG1 1 
ATOM   206  C CG2 . ILE A 1 29  ? 1.553   13.596  5.308   1.00 13.91 ? 109 ILE A CG2 1 
ATOM   207  C CD1 . ILE A 1 29  ? -0.287  15.076  3.191   1.00 17.39 ? 109 ILE A CD1 1 
ATOM   208  N N   . ARG A 1 30  ? 1.302   10.497  6.748   1.00 12.25 ? 110 ARG A N   1 
ATOM   209  C CA  . ARG A 1 30  ? 2.020   10.052  7.933   1.00 11.50 ? 110 ARG A CA  1 
ATOM   210  C C   . ARG A 1 30  ? 1.116   9.525   9.073   1.00 10.91 ? 110 ARG A C   1 
ATOM   211  O O   . ARG A 1 30  ? 1.532   9.467   10.205  1.00 14.18 ? 110 ARG A O   1 
ATOM   212  C CB  . ARG A 1 30  ? 2.991   11.142  8.434   1.00 11.01 ? 110 ARG A CB  1 
ATOM   213  C CG  . ARG A 1 30  ? 4.124   11.366  7.394   1.00 10.93 ? 110 ARG A CG  1 
ATOM   214  C CD  . ARG A 1 30  ? 4.929   12.593  7.779   1.00 13.43 ? 110 ARG A CD  1 
ATOM   215  N NE  . ARG A 1 30  ? 6.084   12.794  6.895   1.00 15.92 ? 110 ARG A NE  1 
ATOM   216  C CZ  . ARG A 1 30  ? 6.594   13.976  6.578   1.00 17.27 ? 110 ARG A CZ  1 
ATOM   217  N NH1 . ARG A 1 30  ? 6.015   15.091  7.016   1.00 16.57 ? 110 ARG A NH1 1 
ATOM   218  N NH2 . ARG A 1 30  ? 7.673   14.039  5.795   1.00 17.71 ? 110 ARG A NH2 1 
ATOM   219  N N   . GLN A 1 31  ? -0.083  9.093   8.692   1.00 11.75 ? 111 GLN A N   1 
ATOM   220  C CA  . GLN A 1 31  ? -0.970  8.377   9.614   1.00 11.85 ? 111 GLN A CA  1 
ATOM   221  C C   . GLN A 1 31  ? -0.289  7.087   10.104  1.00 12.30 ? 111 GLN A C   1 
ATOM   222  O O   . GLN A 1 31  ? 0.369   6.356   9.312   1.00 12.03 ? 111 GLN A O   1 
ATOM   223  C CB  . GLN A 1 31  ? -2.277  8.043   8.925   1.00 11.75 ? 111 GLN A CB  1 
ATOM   224  C CG  . GLN A 1 31  ? -3.414  7.791   9.932   1.00 13.66 ? 111 GLN A CG  1 
ATOM   225  C CD  . GLN A 1 31  ? -3.797  9.029   10.726  1.00 16.93 ? 111 GLN A CD  1 
ATOM   226  O OE1 . GLN A 1 31  ? -3.790  10.155  10.184  1.00 16.18 ? 111 GLN A OE1 1 
ATOM   227  N NE2 . GLN A 1 31  ? -4.146  8.839   12.016  1.00 12.62 ? 111 GLN A NE2 1 
ATOM   228  N N   . ASP A 1 32  ? -0.442  6.812   11.408  1.00 12.30 ? 112 ASP A N   1 
ATOM   229  C CA  . ASP A 1 32  ? 0.182   5.661   12.056  1.00 12.57 ? 112 ASP A CA  1 
ATOM   230  C C   . ASP A 1 32  ? -0.858  4.512   12.124  1.00 11.48 ? 112 ASP A C   1 
ATOM   231  O O   . ASP A 1 32  ? -1.739  4.513   12.963  1.00 12.91 ? 112 ASP A O   1 
ATOM   232  C CB  . ASP A 1 32  ? 0.664   6.016   13.482  1.00 14.14 ? 112 ASP A CB  1 
ATOM   233  C CG  . ASP A 1 32  ? 1.511   4.909   14.117  1.00 16.15 ? 112 ASP A CG  1 
ATOM   234  O OD1 . ASP A 1 32  ? 1.639   3.793   13.531  1.00 16.12 ? 112 ASP A OD1 1 
ATOM   235  O OD2 . ASP A 1 32  ? 2.090   5.138   15.211  1.00 21.35 ? 112 ASP A OD2 1 
ATOM   236  N N   . PHE A 1 33  ? -0.754  3.562   11.211  1.00 10.26 ? 113 PHE A N   1 
ATOM   237  C CA  . PHE A 1 33  ? -1.554  2.335   11.281  1.00 9.83  ? 113 PHE A CA  1 
ATOM   238  C C   . PHE A 1 33  ? -0.692  1.136   11.697  1.00 9.74  ? 113 PHE A C   1 
ATOM   239  O O   . PHE A 1 33  ? -1.030  -0.018  11.354  1.00 9.93  ? 113 PHE A O   1 
ATOM   240  C CB  . PHE A 1 33  ? -2.164  2.003   9.909   1.00 10.24 ? 113 PHE A CB  1 
ATOM   241  C CG  . PHE A 1 33  ? -3.189  2.963   9.462   1.00 11.73 ? 113 PHE A CG  1 
ATOM   242  C CD1 . PHE A 1 33  ? -4.503  2.877   9.924   1.00 8.65  ? 113 PHE A CD1 1 
ATOM   243  C CD2 . PHE A 1 33  ? -2.869  3.939   8.532   1.00 11.82 ? 113 PHE A CD2 1 
ATOM   244  C CE1 . PHE A 1 33  ? -5.472  3.778   9.450   1.00 12.46 ? 113 PHE A CE1 1 
ATOM   245  C CE2 . PHE A 1 33  ? -3.830  4.856   8.083   1.00 13.03 ? 113 PHE A CE2 1 
ATOM   246  C CZ  . PHE A 1 33  ? -5.118  4.781   8.520   1.00 12.55 ? 113 PHE A CZ  1 
ATOM   247  N N   . LYS A 1 34  ? 0.404   1.370   12.423  1.00 10.09 ? 114 LYS A N   1 
ATOM   248  C CA  . LYS A 1 34  ? 1.240   0.254   12.875  1.00 10.66 ? 114 LYS A CA  1 
ATOM   249  C C   . LYS A 1 34  ? 0.413   -0.785  13.643  1.00 10.88 ? 114 LYS A C   1 
ATOM   250  O O   . LYS A 1 34  ? -0.348  -0.420  14.541  1.00 10.46 ? 114 LYS A O   1 
ATOM   251  C CB  . LYS A 1 34  ? 2.370   0.761   13.782  1.00 11.18 ? 114 LYS A CB  1 
ATOM   252  C CG  . LYS A 1 34  ? 3.214   -0.355  14.356  1.00 11.30 ? 114 LYS A CG  1 
ATOM   253  C CD  . LYS A 1 34  ? 4.490   0.304   14.922  1.00 17.97 ? 114 LYS A CD  1 
ATOM   254  C CE  . LYS A 1 34  ? 5.313   -0.706  15.665  1.00 19.04 ? 114 LYS A CE  1 
ATOM   255  N NZ  . LYS A 1 34  ? 6.293   -0.120  16.642  1.00 23.51 ? 114 LYS A NZ  1 
ATOM   256  N N   . THR A 1 35  ? 0.583   -2.041  13.246  1.00 11.22 ? 115 THR A N   1 
ATOM   257  C CA  . THR A 1 35  ? -0.030  -3.229  13.855  1.00 11.44 ? 115 THR A CA  1 
ATOM   258  C C   . THR A 1 35  ? -1.554  -3.061  14.013  1.00 11.74 ? 115 THR A C   1 
ATOM   259  O O   . THR A 1 35  ? -2.159  -3.570  14.982  1.00 11.62 ? 115 THR A O   1 
ATOM   260  C CB  . THR A 1 35  ? 0.751   -3.735  15.134  1.00 12.51 ? 115 THR A CB  1 
ATOM   261  O OG1 . THR A 1 35  ? 0.299   -5.038  15.544  1.00 14.25 ? 115 THR A OG1 1 
ATOM   262  C CG2 . THR A 1 35  ? 0.699   -2.740  16.336  1.00 14.41 ? 115 THR A CG2 1 
ATOM   263  N N   . SER A 1 36  ? -2.164  -2.355  13.057  1.00 10.39 ? 116 SER A N   1 
ATOM   264  C CA  . SER A 1 36  ? -3.625  -2.361  12.999  1.00 9.95  ? 116 SER A CA  1 
ATOM   265  C C   . SER A 1 36  ? -4.167  -3.461  12.096  1.00 10.08 ? 116 SER A C   1 
ATOM   266  O O   . SER A 1 36  ? -3.472  -3.983  11.215  1.00 9.46  ? 116 SER A O   1 
ATOM   267  C CB  . SER A 1 36  ? -4.157  -1.016  12.571  1.00 9.23  ? 116 SER A CB  1 
ATOM   268  O OG  . SER A 1 36  ? -3.949  -0.119  13.633  1.00 14.70 ? 116 SER A OG  1 
ATOM   269  N N   . ILE A 1 37  ? -5.445  -3.817  12.326  1.00 9.21  ? 117 ILE A N   1 
ATOM   270  C CA  . ILE A 1 37  ? -6.137  -4.737  11.440  1.00 10.67 ? 117 ILE A CA  1 
ATOM   271  C C   . ILE A 1 37  ? -6.976  -3.901  10.484  1.00 10.86 ? 117 ILE A C   1 
ATOM   272  O O   . ILE A 1 37  ? -7.799  -3.073  10.902  1.00 10.51 ? 117 ILE A O   1 
ATOM   273  C CB  . ILE A 1 37  ? -7.071  -5.720  12.216  1.00 10.10 ? 117 ILE A CB  1 
ATOM   274  C CG1 . ILE A 1 37  ? -6.321  -6.447  13.327  1.00 12.29 ? 117 ILE A CG1 1 
ATOM   275  C CG2 . ILE A 1 37  ? -7.656  -6.713  11.209  1.00 12.27 ? 117 ILE A CG2 1 
ATOM   276  C CD1 . ILE A 1 37  ? -7.257  -7.392  14.144  1.00 12.71 ? 117 ILE A CD1 1 
ATOM   277  N N   . LEU A 1 38  ? -6.709  -4.070  9.198   1.00 10.30 ? 118 LEU A N   1 
ATOM   278  C CA  . LEU A 1 38  ? -7.307  -3.268  8.140   1.00 10.28 ? 118 LEU A CA  1 
ATOM   279  C C   . LEU A 1 38  ? -7.904  -4.139  7.036   1.00 11.37 ? 118 LEU A C   1 
ATOM   280  O O   . LEU A 1 38  ? -7.897  -3.755  5.848   1.00 12.51 ? 118 LEU A O   1 
ATOM   281  C CB  . LEU A 1 38  ? -6.288  -2.251  7.574   1.00 9.48  ? 118 LEU A CB  1 
ATOM   282  C CG  . LEU A 1 38  ? -6.010  -1.083  8.528   1.00 9.53  ? 118 LEU A CG  1 
ATOM   283  C CD1 . LEU A 1 38  ? -4.660  -0.448  8.167   1.00 12.30 ? 118 LEU A CD1 1 
ATOM   284  C CD2 . LEU A 1 38  ? -7.127  -0.075  8.445   1.00 9.78  ? 118 LEU A CD2 1 
ATOM   285  N N   . ARG A 1 39  ? -8.359  -5.349  7.414   1.00 12.26 ? 119 ARG A N   1 
ATOM   286  C CA  . ARG A 1 39  ? -8.922  -6.252  6.432   1.00 14.39 ? 119 ARG A CA  1 
ATOM   287  C C   . ARG A 1 39  ? -10.140 -5.603  5.809   1.00 13.73 ? 119 ARG A C   1 
ATOM   288  O O   . ARG A 1 39  ? -10.998 -5.030  6.523   1.00 15.17 ? 119 ARG A O   1 
ATOM   289  C CB  . ARG A 1 39  ? -9.351  -7.589  7.045   1.00 13.88 ? 119 ARG A CB  1 
ATOM   290  C CG  . ARG A 1 39  ? -8.292  -8.384  7.656   1.00 16.96 ? 119 ARG A CG  1 
ATOM   291  C CD  . ARG A 1 39  ? -8.857  -9.829  7.805   1.00 22.08 ? 119 ARG A CD  1 
ATOM   292  N NE  . ARG A 1 39  ? -7.661  -10.574 7.810   1.00 21.48 ? 119 ARG A NE  1 
ATOM   293  C CZ  . ARG A 1 39  ? -7.377  -11.724 7.270   1.00 16.68 ? 119 ARG A CZ  1 
ATOM   294  N NH1 . ARG A 1 39  ? -8.235  -12.528 6.600   1.00 13.74 ? 119 ARG A NH1 1 
ATOM   295  N NH2 . ARG A 1 39  ? -6.135  -12.052 7.442   1.00 16.86 ? 119 ARG A NH2 1 
ATOM   296  N N   . GLN A 1 40  ? -10.182 -5.682  4.487   1.00 15.38 ? 120 GLN A N   1 
ATOM   297  C CA  . GLN A 1 40  ? -11.238 -5.072  3.667   1.00 17.10 ? 120 GLN A CA  1 
ATOM   298  C C   . GLN A 1 40  ? -11.417 -3.564  3.830   1.00 16.67 ? 120 GLN A C   1 
ATOM   299  O O   . GLN A 1 40  ? -12.480 -3.032  3.502   1.00 17.52 ? 120 GLN A O   1 
ATOM   300  C CB  . GLN A 1 40  ? -12.588 -5.749  3.958   1.00 18.05 ? 120 GLN A CB  1 
ATOM   301  C CG  . GLN A 1 40  ? -12.634 -7.216  3.663   1.00 20.17 ? 120 GLN A CG  1 
ATOM   302  C CD  . GLN A 1 40  ? -12.138 -8.119  4.791   1.00 25.04 ? 120 GLN A CD  1 
ATOM   303  O OE1 . GLN A 1 40  ? -12.482 -7.942  5.973   1.00 25.02 ? 120 GLN A OE1 1 
ATOM   304  N NE2 . GLN A 1 40  ? -11.344 -9.117  4.421   1.00 24.71 ? 120 GLN A NE2 1 
ATOM   305  N N   . ALA A 1 41  ? -10.409 -2.866  4.362   1.00 15.81 ? 121 ALA A N   1 
ATOM   306  C CA  . ALA A 1 41  ? -10.523 -1.428  4.564   1.00 14.88 ? 121 ALA A CA  1 
ATOM   307  C C   . ALA A 1 41  ? -10.484 -0.769  3.203   1.00 14.19 ? 121 ALA A C   1 
ATOM   308  O O   . ALA A 1 41  ? -9.873  -1.298  2.283   1.00 14.22 ? 121 ALA A O   1 
ATOM   309  C CB  . ALA A 1 41  ? -9.398  -0.879  5.436   1.00 15.29 ? 121 ALA A CB  1 
ATOM   310  N N   . ASN A 1 42  ? -11.117 0.393   3.100   1.00 14.75 ? 122 ASN A N   1 
ATOM   311  C CA  . ASN A 1 42  ? -11.151 1.164   1.868   1.00 14.42 ? 122 ASN A CA  1 
ATOM   312  C C   . ASN A 1 42  ? -10.254 2.395   1.947   1.00 13.98 ? 122 ASN A C   1 
ATOM   313  O O   . ASN A 1 42  ? -10.560 3.361   2.659   1.00 13.68 ? 122 ASN A O   1 
ATOM   314  C CB  . ASN A 1 42  ? -12.594 1.608   1.590   1.00 15.90 ? 122 ASN A CB  1 
ATOM   315  C CG  . ASN A 1 42  ? -12.781 2.181   0.184   1.00 17.15 ? 122 ASN A CG  1 
ATOM   316  O OD1 . ASN A 1 42  ? -11.834 2.333   -0.579  1.00 15.41 ? 122 ASN A OD1 1 
ATOM   317  N ND2 . ASN A 1 42  ? -14.034 2.512   -0.141  1.00 19.27 ? 122 ASN A ND2 1 
ATOM   318  N N   . PHE A 1 43  ? -9.111  2.341   1.259   1.00 13.01 ? 123 PHE A N   1 
ATOM   319  C CA  . PHE A 1 43  ? -8.224  3.512   1.127   1.00 13.09 ? 123 PHE A CA  1 
ATOM   320  C C   . PHE A 1 43  ? -8.179  4.033   -0.307  1.00 13.32 ? 123 PHE A C   1 
ATOM   321  O O   . PHE A 1 43  ? -7.203  4.647   -0.694  1.00 12.88 ? 123 PHE A O   1 
ATOM   322  C CB  . PHE A 1 43  ? -6.773  3.193   1.547   1.00 12.85 ? 123 PHE A CB  1 
ATOM   323  C CG  . PHE A 1 43  ? -6.598  2.893   3.037   1.00 10.77 ? 123 PHE A CG  1 
ATOM   324  C CD1 . PHE A 1 43  ? -6.475  3.936   3.958   1.00 10.31 ? 123 PHE A CD1 1 
ATOM   325  C CD2 . PHE A 1 43  ? -6.576  1.584   3.502   1.00 12.38 ? 123 PHE A CD2 1 
ATOM   326  C CE1 . PHE A 1 43  ? -6.292  3.706   5.317   1.00 9.79  ? 123 PHE A CE1 1 
ATOM   327  C CE2 . PHE A 1 43  ? -6.414  1.324   4.896   1.00 13.17 ? 123 PHE A CE2 1 
ATOM   328  C CZ  . PHE A 1 43  ? -6.278  2.406   5.794   1.00 12.64 ? 123 PHE A CZ  1 
ATOM   329  N N   . LYS A 1 44  ? -9.212  3.770   -1.101  1.00 13.84 ? 124 LYS A N   1 
ATOM   330  C CA  . LYS A 1 44  ? -9.133  4.148   -2.524  1.00 14.77 ? 124 LYS A CA  1 
ATOM   331  C C   . LYS A 1 44  ? -8.888  5.643   -2.667  1.00 14.86 ? 124 LYS A C   1 
ATOM   332  O O   . LYS A 1 44  ? -9.604  6.439   -2.062  1.00 15.77 ? 124 LYS A O   1 
ATOM   333  C CB  . LYS A 1 44  ? -10.409 3.736   -3.269  1.00 15.86 ? 124 LYS A CB  1 
ATOM   334  C CG  . LYS A 1 44  ? -10.403 4.146   -4.748  1.00 17.57 ? 124 LYS A CG  1 
ATOM   335  C CD  . LYS A 1 44  ? -11.514 3.427   -5.504  1.00 21.29 ? 124 LYS A CD  1 
ATOM   336  C CE  . LYS A 1 44  ? -11.326 3.618   -7.001  1.00 26.07 ? 124 LYS A CE  1 
ATOM   337  N NZ  . LYS A 1 44  ? -12.290 2.804   -7.770  1.00 29.40 ? 124 LYS A NZ  1 
ATOM   338  N N   . GLY A 1 45  ? -7.847  6.020   -3.406  1.00 15.17 ? 125 GLY A N   1 
ATOM   339  C CA  . GLY A 1 45  ? -7.482  7.436   -3.604  1.00 14.83 ? 125 GLY A CA  1 
ATOM   340  C C   . GLY A 1 45  ? -7.091  8.212   -2.369  1.00 15.56 ? 125 GLY A C   1 
ATOM   341  O O   . GLY A 1 45  ? -7.061  9.458   -2.391  1.00 16.23 ? 125 GLY A O   1 
ATOM   342  N N   . ALA A 1 46  ? -6.810  7.505   -1.265  1.00 15.00 ? 126 ALA A N   1 
ATOM   343  C CA  . ALA A 1 46  ? -6.353  8.172   -0.066  1.00 14.73 ? 126 ALA A CA  1 
ATOM   344  C C   . ALA A 1 46  ? -4.944  8.757   -0.260  1.00 15.27 ? 126 ALA A C   1 
ATOM   345  O O   . ALA A 1 46  ? -4.163  8.288   -1.103  1.00 15.07 ? 126 ALA A O   1 
ATOM   346  C CB  . ALA A 1 46  ? -6.374  7.240   1.122   1.00 14.60 ? 126 ALA A CB  1 
ATOM   347  N N   . LYS A 1 47  ? -4.635  9.791   0.506   1.00 15.92 ? 127 LYS A N   1 
ATOM   348  C CA  . LYS A 1 47  ? -3.311  10.378  0.472   1.00 15.77 ? 127 LYS A CA  1 
ATOM   349  C C   . LYS A 1 47  ? -2.570  9.895   1.712   1.00 15.48 ? 127 LYS A C   1 
ATOM   350  O O   . LYS A 1 47  ? -2.864  10.283  2.862   1.00 16.42 ? 127 LYS A O   1 
ATOM   351  C CB  . LYS A 1 47  ? -3.340  11.915  0.355   1.00 18.25 ? 127 LYS A CB  1 
ATOM   352  C CG  . LYS A 1 47  ? -4.187  12.476  -0.770  1.00 20.91 ? 127 LYS A CG  1 
ATOM   353  C CD  . LYS A 1 47  ? -3.853  11.890  -2.149  1.00 27.42 ? 127 LYS A CD  1 
ATOM   354  C CE  . LYS A 1 47  ? -4.636  12.592  -3.280  1.00 27.33 ? 127 LYS A CE  1 
ATOM   355  N NZ  . LYS A 1 47  ? -3.924  12.435  -4.592  1.00 31.67 ? 127 LYS A NZ  1 
ATOM   356  N N   . LEU A 1 48  ? -1.628  8.981   1.473   1.00 14.00 ? 128 LEU A N   1 
ATOM   357  C CA  . LEU A 1 48  ? -0.958  8.271   2.556   1.00 12.14 ? 128 LEU A CA  1 
ATOM   358  C C   . LEU A 1 48  ? 0.575   8.431   2.489   1.00 12.73 ? 128 LEU A C   1 
ATOM   359  O O   . LEU A 1 48  ? 1.337   7.525   2.878   1.00 11.73 ? 128 LEU A O   1 
ATOM   360  C CB  . LEU A 1 48  ? -1.321  6.780   2.486   1.00 11.81 ? 128 LEU A CB  1 
ATOM   361  C CG  . LEU A 1 48  ? -2.742  6.416   2.973   1.00 10.38 ? 128 LEU A CG  1 
ATOM   362  C CD1 . LEU A 1 48  ? -3.316  5.209   2.271   1.00 15.16 ? 128 LEU A CD1 1 
ATOM   363  C CD2 . LEU A 1 48  ? -2.646  6.200   4.479   1.00 9.69  ? 128 LEU A CD2 1 
ATOM   364  N N   . LEU A 1 49  ? 1.029   9.579   1.993   1.00 12.42 ? 129 LEU A N   1 
ATOM   365  C CA  . LEU A 1 49  ? 2.446   9.816   1.968   1.00 13.37 ? 129 LEU A CA  1 
ATOM   366  C C   . LEU A 1 49  ? 3.058   9.573   3.352   1.00 12.97 ? 129 LEU A C   1 
ATOM   367  O O   . LEU A 1 49  ? 2.611   10.156  4.343   1.00 14.19 ? 129 LEU A O   1 
ATOM   368  C CB  . LEU A 1 49  ? 2.753   11.237  1.482   1.00 13.46 ? 129 LEU A CB  1 
ATOM   369  C CG  . LEU A 1 49  ? 4.246   11.617  1.457   1.00 17.25 ? 129 LEU A CG  1 
ATOM   370  C CD1 . LEU A 1 49  ? 4.522   12.488  0.225   1.00 21.31 ? 129 LEU A CD1 1 
ATOM   371  C CD2 . LEU A 1 49  ? 4.757   12.266  2.766   1.00 20.94 ? 129 LEU A CD2 1 
ATOM   372  N N   . GLY A 1 50  ? 4.071   8.718   3.431   1.00 11.23 ? 130 GLY A N   1 
ATOM   373  C CA  . GLY A 1 50  ? 4.825   8.552   4.719   1.00 12.39 ? 130 GLY A CA  1 
ATOM   374  C C   . GLY A 1 50  ? 4.049   7.824   5.830   1.00 10.70 ? 130 GLY A C   1 
ATOM   375  O O   . GLY A 1 50  ? 4.540   7.698   6.961   1.00 12.86 ? 130 GLY A O   1 
ATOM   376  N N   . ALA A 1 51  ? 2.882   7.282   5.473   1.00 11.29 ? 131 ALA A N   1 
ATOM   377  C CA  . ALA A 1 51  ? 2.035   6.549   6.453   1.00 11.52 ? 131 ALA A CA  1 
ATOM   378  C C   . ALA A 1 51  ? 2.751   5.274   6.886   1.00 11.99 ? 131 ALA A C   1 
ATOM   379  O O   . ALA A 1 51  ? 3.556   4.742   6.116   1.00 13.03 ? 131 ALA A O   1 
ATOM   380  C CB  . ALA A 1 51  ? 0.663   6.206   5.820   1.00 11.14 ? 131 ALA A CB  1 
ATOM   381  N N   . SER A 1 52  ? 2.477   4.769   8.095   1.00 11.37 ? 132 SER A N   1 
ATOM   382  C CA  . SER A 1 52  ? 3.074   3.510   8.536   1.00 11.09 ? 132 SER A CA  1 
ATOM   383  C C   . SER A 1 52  ? 2.000   2.422   8.518   1.00 10.51 ? 132 SER A C   1 
ATOM   384  O O   . SER A 1 52  ? 0.974   2.575   9.183   1.00 10.93 ? 132 SER A O   1 
ATOM   385  C CB  . SER A 1 52  ? 3.643   3.585   9.943   1.00 12.28 ? 132 SER A CB  1 
ATOM   386  O OG  . SER A 1 52  ? 4.142   2.317   10.373  1.00 11.06 ? 132 SER A OG  1 
ATOM   387  N N   . PHE A 1 53  ? 2.255   1.373   7.760   1.00 9.49  ? 133 PHE A N   1 
ATOM   388  C CA  . PHE A 1 53  ? 1.450   0.094   7.839   1.00 9.46  ? 133 PHE A CA  1 
ATOM   389  C C   . PHE A 1 53  ? 2.341   -1.019  8.412   1.00 8.96  ? 133 PHE A C   1 
ATOM   390  O O   . PHE A 1 53  ? 2.133   -2.203  8.133   1.00 10.38 ? 133 PHE A O   1 
ATOM   391  C CB  . PHE A 1 53  ? 0.903   -0.292  6.465   1.00 9.54  ? 133 PHE A CB  1 
ATOM   392  C CG  . PHE A 1 53  ? -0.133  0.692   5.951   1.00 9.88  ? 133 PHE A CG  1 
ATOM   393  C CD1 . PHE A 1 53  ? -1.438  0.661   6.438   1.00 8.67  ? 133 PHE A CD1 1 
ATOM   394  C CD2 . PHE A 1 53  ? 0.216   1.668   5.011   1.00 9.26  ? 133 PHE A CD2 1 
ATOM   395  C CE1 . PHE A 1 53  ? -2.386  1.581   5.960   1.00 11.13 ? 133 PHE A CE1 1 
ATOM   396  C CE2 . PHE A 1 53  ? -0.714  2.581   4.547   1.00 9.73  ? 133 PHE A CE2 1 
ATOM   397  C CZ  . PHE A 1 53  ? -2.022  2.528   5.015   1.00 9.72  ? 133 PHE A CZ  1 
ATOM   398  N N   . PHE A 1 54  ? 3.282   -0.627  9.266   1.00 9.31  ? 134 PHE A N   1 
ATOM   399  C CA  . PHE A 1 54  ? 4.251   -1.552  9.829   1.00 10.07 ? 134 PHE A CA  1 
ATOM   400  C C   . PHE A 1 54  ? 3.539   -2.711  10.567  1.00 10.51 ? 134 PHE A C   1 
ATOM   401  O O   . PHE A 1 54  ? 2.851   -2.475  11.556  1.00 10.76 ? 134 PHE A O   1 
ATOM   402  C CB  . PHE A 1 54  ? 5.174   -0.837  10.820  1.00 10.84 ? 134 PHE A CB  1 
ATOM   403  C CG  . PHE A 1 54  ? 6.280   -1.708  11.337  1.00 12.65 ? 134 PHE A CG  1 
ATOM   404  C CD1 . PHE A 1 54  ? 7.544   -1.671  10.715  1.00 14.48 ? 134 PHE A CD1 1 
ATOM   405  C CD2 . PHE A 1 54  ? 6.083   -2.575  12.411  1.00 12.57 ? 134 PHE A CD2 1 
ATOM   406  C CE1 . PHE A 1 54  ? 8.597   -2.474  11.162  1.00 15.33 ? 134 PHE A CE1 1 
ATOM   407  C CE2 . PHE A 1 54  ? 7.153   -3.391  12.875  1.00 16.58 ? 134 PHE A CE2 1 
ATOM   408  C CZ  . PHE A 1 54  ? 8.410   -3.329  12.229  1.00 16.27 ? 134 PHE A CZ  1 
ATOM   409  N N   . ASP A 1 55  ? 3.691   -3.934  10.067  1.00 11.42 ? 135 ASP A N   1 
ATOM   410  C CA  . ASP A 1 55  ? 3.031   -5.113  10.669  1.00 11.53 ? 135 ASP A CA  1 
ATOM   411  C C   . ASP A 1 55  ? 1.503   -4.983  10.744  1.00 11.05 ? 135 ASP A C   1 
ATOM   412  O O   . ASP A 1 55  ? 0.879   -5.641  11.601  1.00 11.48 ? 135 ASP A O   1 
ATOM   413  C CB  . ASP A 1 55  ? 3.557   -5.398  12.078  1.00 10.86 ? 135 ASP A CB  1 
ATOM   414  C CG  . ASP A 1 55  ? 3.842   -6.894  12.307  1.00 12.52 ? 135 ASP A CG  1 
ATOM   415  O OD1 . ASP A 1 55  ? 3.347   -7.744  11.541  1.00 13.53 ? 135 ASP A OD1 1 
ATOM   416  O OD2 . ASP A 1 55  ? 4.656   -7.183  13.206  1.00 12.52 ? 135 ASP A OD2 1 
ATOM   417  N N   . ALA A 1 56  ? 0.912   -4.147  9.891   1.00 10.85 ? 136 ALA A N   1 
ATOM   418  C CA  . ALA A 1 56  ? -0.552  -4.118  9.719   1.00 10.02 ? 136 ALA A CA  1 
ATOM   419  C C   . ALA A 1 56  ? -1.057  -5.310  8.917   1.00 10.29 ? 136 ALA A C   1 
ATOM   420  O O   . ALA A 1 56  ? -0.313  -5.943  8.170   1.00 12.34 ? 136 ALA A O   1 
ATOM   421  C CB  . ALA A 1 56  ? -1.054  -2.773  9.109   1.00 10.24 ? 136 ALA A CB  1 
ATOM   422  N N   . ASP A 1 57  ? -2.335  -5.615  9.074   1.00 10.58 ? 137 ASP A N   1 
ATOM   423  C CA  . ASP A 1 57  ? -2.973  -6.631  8.244   1.00 10.63 ? 137 ASP A CA  1 
ATOM   424  C C   . ASP A 1 57  ? -3.897  -5.953  7.266   1.00 10.68 ? 137 ASP A C   1 
ATOM   425  O O   . ASP A 1 57  ? -4.938  -5.399  7.633   1.00 9.91  ? 137 ASP A O   1 
ATOM   426  C CB  . ASP A 1 57  ? -3.749  -7.635  9.112   1.00 10.72 ? 137 ASP A CB  1 
ATOM   427  C CG  . ASP A 1 57  ? -4.414  -8.742  8.291   1.00 13.72 ? 137 ASP A CG  1 
ATOM   428  O OD1 . ASP A 1 57  ? -4.264  -8.777  7.055   1.00 16.04 ? 137 ASP A OD1 1 
ATOM   429  O OD2 . ASP A 1 57  ? -5.077  -9.611  8.918   1.00 15.51 ? 137 ASP A OD2 1 
ATOM   430  N N   . LEU A 1 58  ? -3.481  -5.956  6.001   1.00 11.12 ? 138 LEU A N   1 
ATOM   431  C CA  . LEU A 1 58  ? -4.222  -5.235  4.964   1.00 12.10 ? 138 LEU A CA  1 
ATOM   432  C C   . LEU A 1 58  ? -5.059  -6.159  4.080   1.00 12.55 ? 138 LEU A C   1 
ATOM   433  O O   . LEU A 1 58  ? -5.538  -5.745  3.011   1.00 12.14 ? 138 LEU A O   1 
ATOM   434  C CB  . LEU A 1 58  ? -3.246  -4.377  4.111   1.00 11.80 ? 138 LEU A CB  1 
ATOM   435  C CG  . LEU A 1 58  ? -2.872  -3.049  4.799   1.00 11.93 ? 138 LEU A CG  1 
ATOM   436  C CD1 . LEU A 1 58  ? -1.507  -2.509  4.342   1.00 14.03 ? 138 LEU A CD1 1 
ATOM   437  C CD2 . LEU A 1 58  ? -3.991  -1.982  4.559   1.00 13.46 ? 138 LEU A CD2 1 
ATOM   438  N N   . THR A 1 59  ? -5.226  -7.405  4.510   1.00 11.51 ? 139 THR A N   1 
ATOM   439  C CA  . THR A 1 59  ? -5.791  -8.416  3.634   1.00 12.80 ? 139 THR A CA  1 
ATOM   440  C C   . THR A 1 59  ? -7.086  -7.928  2.969   1.00 12.46 ? 139 THR A C   1 
ATOM   441  O O   . THR A 1 59  ? -8.012  -7.482  3.665   1.00 13.32 ? 139 THR A O   1 
ATOM   442  C CB  . THR A 1 59  ? -6.077  -9.717  4.427   1.00 12.86 ? 139 THR A CB  1 
ATOM   443  O OG1 . THR A 1 59  ? -4.839  -10.260 4.889   1.00 12.91 ? 139 THR A OG1 1 
ATOM   444  C CG2 . THR A 1 59  ? -6.779  -10.727 3.497   1.00 13.27 ? 139 THR A CG2 1 
ATOM   445  N N   . GLY A 1 60  ? -7.139  -7.958  1.637   1.00 12.26 ? 140 GLY A N   1 
ATOM   446  C CA  . GLY A 1 60  ? -8.361  -7.532  0.918   1.00 13.97 ? 140 GLY A CA  1 
ATOM   447  C C   . GLY A 1 60  ? -8.693  -6.048  0.859   1.00 13.88 ? 140 GLY A C   1 
ATOM   448  O O   . GLY A 1 60  ? -9.786  -5.655  0.387   1.00 13.86 ? 140 GLY A O   1 
ATOM   449  N N   . ALA A 1 61  ? -7.763  -5.220  1.349   1.00 13.33 ? 141 ALA A N   1 
ATOM   450  C CA  . ALA A 1 61  ? -7.977  -3.778  1.365   1.00 13.42 ? 141 ALA A CA  1 
ATOM   451  C C   . ALA A 1 61  ? -7.948  -3.224  -0.060  1.00 13.83 ? 141 ALA A C   1 
ATOM   452  O O   . ALA A 1 61  ? -7.312  -3.816  -0.942  1.00 16.07 ? 141 ALA A O   1 
ATOM   453  C CB  . ALA A 1 61  ? -6.934  -3.094  2.222   1.00 13.18 ? 141 ALA A CB  1 
ATOM   454  N N   . ASP A 1 62  ? -8.616  -2.096  -0.263  1.00 14.41 ? 142 ASP A N   1 
ATOM   455  C CA  . ASP A 1 62  ? -8.514  -1.322  -1.510  1.00 15.44 ? 142 ASP A CA  1 
ATOM   456  C C   . ASP A 1 62  ? -7.553  -0.137  -1.359  1.00 15.34 ? 142 ASP A C   1 
ATOM   457  O O   . ASP A 1 62  ? -7.869  0.864   -0.713  1.00 15.41 ? 142 ASP A O   1 
ATOM   458  C CB  . ASP A 1 62  ? -9.900  -0.856  -1.953  1.00 15.69 ? 142 ASP A CB  1 
ATOM   459  C CG  . ASP A 1 62  ? -9.919  -0.349  -3.405  1.00 18.17 ? 142 ASP A CG  1 
ATOM   460  O OD1 . ASP A 1 62  ? -8.830  -0.231  -4.016  1.00 17.74 ? 142 ASP A OD1 1 
ATOM   461  O OD2 . ASP A 1 62  ? -11.032 -0.041  -3.905  1.00 21.65 ? 142 ASP A OD2 1 
ATOM   462  N N   . LEU A 1 63  ? -6.349  -0.273  -1.899  1.00 14.55 ? 143 LEU A N   1 
ATOM   463  C CA  . LEU A 1 63  ? -5.428  0.861   -1.949  1.00 14.11 ? 143 LEU A CA  1 
ATOM   464  C C   . LEU A 1 63  ? -5.291  1.450   -3.394  1.00 14.09 ? 143 LEU A C   1 
ATOM   465  O O   . LEU A 1 63  ? -4.309  2.142   -3.723  1.00 15.41 ? 143 LEU A O   1 
ATOM   466  C CB  . LEU A 1 63  ? -4.087  0.454   -1.358  1.00 14.94 ? 143 LEU A CB  1 
ATOM   467  C CG  . LEU A 1 63  ? -3.937  0.478   0.178   1.00 13.79 ? 143 LEU A CG  1 
ATOM   468  C CD1 . LEU A 1 63  ? -2.603  -0.182  0.426   1.00 16.95 ? 143 LEU A CD1 1 
ATOM   469  C CD2 . LEU A 1 63  ? -3.838  1.887   0.718   1.00 18.93 ? 143 LEU A CD2 1 
ATOM   470  N N   . SER A 1 64  ? -6.254  1.132   -4.248  1.00 14.82 ? 144 SER A N   1 
ATOM   471  C CA  . SER A 1 64  ? -6.190  1.582   -5.653  1.00 16.07 ? 144 SER A CA  1 
ATOM   472  C C   . SER A 1 64  ? -6.127  3.107   -5.720  1.00 16.21 ? 144 SER A C   1 
ATOM   473  O O   . SER A 1 64  ? -6.758  3.787   -4.909  1.00 17.07 ? 144 SER A O   1 
ATOM   474  C CB  . SER A 1 64  ? -7.326  0.997   -6.505  1.00 16.46 ? 144 SER A CB  1 
ATOM   475  O OG  . SER A 1 64  ? -8.592  1.460   -6.104  1.00 20.29 ? 144 SER A OG  1 
ATOM   476  N N   . GLU A 1 65  ? -5.282  3.619   -6.610  1.00 16.60 ? 145 GLU A N   1 
ATOM   477  C CA  . GLU A 1 65  ? -5.076  5.062   -6.816  1.00 18.31 ? 145 GLU A CA  1 
ATOM   478  C C   . GLU A 1 65  ? -4.610  5.845   -5.573  1.00 17.97 ? 145 GLU A C   1 
ATOM   479  O O   . GLU A 1 65  ? -4.655  7.087   -5.532  1.00 18.22 ? 145 GLU A O   1 
ATOM   480  C CB  . GLU A 1 65  ? -6.332  5.686   -7.478  1.00 18.88 ? 145 GLU A CB  1 
ATOM   481  C CG  . GLU A 1 65  ? -6.380  5.534   -9.042  1.00 25.43 ? 145 GLU A CG  1 
ATOM   482  C CD  . GLU A 1 65  ? -5.571  6.606   -9.837  1.00 31.44 ? 145 GLU A CD  1 
ATOM   483  O OE1 . GLU A 1 65  ? -4.344  6.794   -9.615  1.00 37.02 ? 145 GLU A OE1 1 
ATOM   484  O OE2 . GLU A 1 65  ? -6.163  7.251   -10.737 1.00 37.41 ? 145 GLU A OE2 1 
ATOM   485  N N   . ALA A 1 66  ? -4.157  5.120   -4.553  1.00 16.71 ? 146 ALA A N   1 
ATOM   486  C CA  . ALA A 1 66  ? -3.613  5.757   -3.369  1.00 15.89 ? 146 ALA A CA  1 
ATOM   487  C C   . ALA A 1 66  ? -2.231  6.362   -3.605  1.00 15.69 ? 146 ALA A C   1 
ATOM   488  O O   . ALA A 1 66  ? -1.430  5.827   -4.379  1.00 16.12 ? 146 ALA A O   1 
ATOM   489  C CB  . ALA A 1 66  ? -3.562  4.761   -2.214  1.00 16.58 ? 146 ALA A CB  1 
ATOM   490  N N   . ASP A 1 67  ? -1.954  7.471   -2.919  1.00 14.99 ? 147 ASP A N   1 
ATOM   491  C CA  . ASP A 1 67  ? -0.616  8.035   -2.819  1.00 14.69 ? 147 ASP A CA  1 
ATOM   492  C C   . ASP A 1 67  ? 0.075   7.390   -1.630  1.00 13.63 ? 147 ASP A C   1 
ATOM   493  O O   . ASP A 1 67  ? -0.243  7.688   -0.489  1.00 13.62 ? 147 ASP A O   1 
ATOM   494  C CB  . ASP A 1 67  ? -0.711  9.559   -2.665  1.00 15.06 ? 147 ASP A CB  1 
ATOM   495  C CG  . ASP A 1 67  ? 0.643   10.242  -2.541  1.00 18.88 ? 147 ASP A CG  1 
ATOM   496  O OD1 . ASP A 1 67  ? 1.703   9.557   -2.572  1.00 17.12 ? 147 ASP A OD1 1 
ATOM   497  O OD2 . ASP A 1 67  ? 0.645   11.495  -2.386  1.00 19.29 ? 147 ASP A OD2 1 
ATOM   498  N N   . LEU A 1 68  ? 0.978   6.434   -1.900  1.00 13.13 ? 148 LEU A N   1 
ATOM   499  C CA  . LEU A 1 68  ? 1.703   5.686   -0.862  1.00 13.10 ? 148 LEU A CA  1 
ATOM   500  C C   . LEU A 1 68  ? 3.200   6.028   -0.860  1.00 13.21 ? 148 LEU A C   1 
ATOM   501  O O   . LEU A 1 68  ? 4.015   5.262   -0.372  1.00 12.87 ? 148 LEU A O   1 
ATOM   502  C CB  . LEU A 1 68  ? 1.511   4.172   -1.078  1.00 11.37 ? 148 LEU A CB  1 
ATOM   503  C CG  . LEU A 1 68  ? 0.047   3.693   -1.089  1.00 14.22 ? 148 LEU A CG  1 
ATOM   504  C CD1 . LEU A 1 68  ? -0.043  2.247   -1.651  1.00 14.41 ? 148 LEU A CD1 1 
ATOM   505  C CD2 . LEU A 1 68  ? -0.541  3.824   0.315   1.00 15.94 ? 148 LEU A CD2 1 
ATOM   506  N N   . ARG A 1 69  ? 3.571   7.184   -1.415  1.00 13.34 ? 149 ARG A N   1 
ATOM   507  C CA  . ARG A 1 69  ? 4.982   7.533   -1.445  1.00 14.24 ? 149 ARG A CA  1 
ATOM   508  C C   . ARG A 1 69  ? 5.596   7.515   -0.061  1.00 13.29 ? 149 ARG A C   1 
ATOM   509  O O   . ARG A 1 69  ? 5.090   8.143   0.889   1.00 13.30 ? 149 ARG A O   1 
ATOM   510  C CB  . ARG A 1 69  ? 5.186   8.903   -2.109  1.00 14.52 ? 149 ARG A CB  1 
ATOM   511  C CG  . ARG A 1 69  ? 4.750   8.896   -3.585  1.00 16.58 ? 149 ARG A CG  1 
ATOM   512  C CD  . ARG A 1 69  ? 4.819   10.316  -4.135  1.00 19.11 ? 149 ARG A CD  1 
ATOM   513  N NE  . ARG A 1 69  ? 3.858   11.199  -3.468  1.00 18.86 ? 149 ARG A NE  1 
ATOM   514  C CZ  . ARG A 1 69  ? 3.939   12.532  -3.452  1.00 20.58 ? 149 ARG A CZ  1 
ATOM   515  N NH1 . ARG A 1 69  ? 4.956   13.142  -4.074  1.00 18.49 ? 149 ARG A NH1 1 
ATOM   516  N NH2 . ARG A 1 69  ? 2.989   13.261  -2.837  1.00 18.46 ? 149 ARG A NH2 1 
ATOM   517  N N   . GLY A 1 70  ? 6.692   6.775   0.096   1.00 12.55 ? 150 GLY A N   1 
ATOM   518  C CA  . GLY A 1 70  ? 7.434   6.720   1.329   1.00 12.47 ? 150 GLY A CA  1 
ATOM   519  C C   . GLY A 1 70  ? 6.740   5.973   2.485   1.00 11.78 ? 150 GLY A C   1 
ATOM   520  O O   . GLY A 1 70  ? 7.224   5.976   3.632   1.00 13.31 ? 150 GLY A O   1 
ATOM   521  N N   . ALA A 1 71  ? 5.613   5.326   2.175   1.00 11.37 ? 151 ALA A N   1 
ATOM   522  C CA  . ALA A 1 71  ? 4.908   4.571   3.226   1.00 11.46 ? 151 ALA A CA  1 
ATOM   523  C C   . ALA A 1 71  ? 5.684   3.334   3.611   1.00 12.29 ? 151 ALA A C   1 
ATOM   524  O O   . ALA A 1 71  ? 6.449   2.789   2.792   1.00 12.84 ? 151 ALA A O   1 
ATOM   525  C CB  . ALA A 1 71  ? 3.526   4.191   2.773   1.00 10.67 ? 151 ALA A CB  1 
ATOM   526  N N   . ASP A 1 72  ? 5.439   2.861   4.833   1.00 12.84 ? 152 ASP A N   1 
ATOM   527  C CA  . ASP A 1 72  ? 6.160   1.684   5.316   1.00 12.06 ? 152 ASP A CA  1 
ATOM   528  C C   . ASP A 1 72  ? 5.224   0.481   5.367   1.00 12.93 ? 152 ASP A C   1 
ATOM   529  O O   . ASP A 1 72  ? 4.274   0.477   6.163   1.00 11.30 ? 152 ASP A O   1 
ATOM   530  C CB  . ASP A 1 72  ? 6.743   1.932   6.682   1.00 13.15 ? 152 ASP A CB  1 
ATOM   531  C CG  . ASP A 1 72  ? 7.647   0.781   7.159   1.00 14.11 ? 152 ASP A CG  1 
ATOM   532  O OD1 . ASP A 1 72  ? 8.028   -0.080  6.333   1.00 18.51 ? 152 ASP A OD1 1 
ATOM   533  O OD2 . ASP A 1 72  ? 7.982   0.744   8.345   1.00 20.43 ? 152 ASP A OD2 1 
ATOM   534  N N   . PHE A 1 73  ? 5.488   -0.520  4.524   1.00 11.65 ? 153 PHE A N   1 
ATOM   535  C CA  . PHE A 1 73  ? 4.702   -1.736  4.555   1.00 12.51 ? 153 PHE A CA  1 
ATOM   536  C C   . PHE A 1 73  ? 5.525   -2.893  5.151   1.00 12.07 ? 153 PHE A C   1 
ATOM   537  O O   . PHE A 1 73  ? 5.169   -4.056  4.986   1.00 12.19 ? 153 PHE A O   1 
ATOM   538  C CB  . PHE A 1 73  ? 4.236   -2.130  3.153   1.00 14.24 ? 153 PHE A CB  1 
ATOM   539  C CG  . PHE A 1 73  ? 3.213   -1.212  2.582   1.00 13.84 ? 153 PHE A CG  1 
ATOM   540  C CD1 . PHE A 1 73  ? 1.853   -1.419  2.827   1.00 13.31 ? 153 PHE A CD1 1 
ATOM   541  C CD2 . PHE A 1 73  ? 3.599   -0.149  1.785   1.00 14.60 ? 153 PHE A CD2 1 
ATOM   542  C CE1 . PHE A 1 73  ? 0.895   -0.556  2.284   1.00 14.26 ? 153 PHE A CE1 1 
ATOM   543  C CE2 . PHE A 1 73  ? 2.657   0.699   1.255   1.00 14.25 ? 153 PHE A CE2 1 
ATOM   544  C CZ  . PHE A 1 73  ? 1.304   0.490   1.501   1.00 14.76 ? 153 PHE A CZ  1 
ATOM   545  N N   . SER A 1 74  ? 6.617   -2.577  5.829   1.00 11.54 ? 154 SER A N   1 
ATOM   546  C CA  . SER A 1 74  ? 7.460   -3.653  6.374   1.00 12.10 ? 154 SER A CA  1 
ATOM   547  C C   . SER A 1 74  ? 6.616   -4.557  7.261   1.00 11.85 ? 154 SER A C   1 
ATOM   548  O O   . SER A 1 74  ? 5.854   -4.059  8.071   1.00 11.41 ? 154 SER A O   1 
ATOM   549  C CB  . SER A 1 74  ? 8.628   -3.074  7.149   1.00 12.07 ? 154 SER A CB  1 
ATOM   550  O OG  . SER A 1 74  ? 9.404   -2.273  6.262   1.00 14.14 ? 154 SER A OG  1 
ATOM   551  N N   . LEU A 1 75  ? 6.773   -5.868  7.071   1.00 12.27 ? 155 LEU A N   1 
ATOM   552  C CA  . LEU A 1 75  ? 6.097   -6.915  7.892   1.00 12.69 ? 155 LEU A CA  1 
ATOM   553  C C   . LEU A 1 75  ? 4.586   -6.972  7.701   1.00 13.43 ? 155 LEU A C   1 
ATOM   554  O O   . LEU A 1 75  ? 3.911   -7.771  8.370   1.00 13.88 ? 155 LEU A O   1 
ATOM   555  C CB  . LEU A 1 75  ? 6.377   -6.759  9.400   1.00 12.22 ? 155 LEU A CB  1 
ATOM   556  C CG  . LEU A 1 75  ? 7.825   -6.557  9.875   1.00 12.33 ? 155 LEU A CG  1 
ATOM   557  C CD1 . LEU A 1 75  ? 7.969   -6.777  11.355  1.00 13.08 ? 155 LEU A CD1 1 
ATOM   558  C CD2 . LEU A 1 75  ? 8.708   -7.488  9.116   1.00 14.56 ? 155 LEU A CD2 1 
ATOM   559  N N   . ALA A 1 76  ? 4.045   -6.120  6.835   1.00 13.35 ? 156 ALA A N   1 
ATOM   560  C CA  . ALA A 1 76  ? 2.600   -6.092  6.621   1.00 12.74 ? 156 ALA A CA  1 
ATOM   561  C C   . ALA A 1 76  ? 2.118   -7.307  5.836   1.00 13.79 ? 156 ALA A C   1 
ATOM   562  O O   . ALA A 1 76  ? 2.843   -7.873  4.981   1.00 13.17 ? 156 ALA A O   1 
ATOM   563  C CB  . ALA A 1 76  ? 2.163   -4.771  5.887   1.00 12.20 ? 156 ALA A CB  1 
ATOM   564  N N   . ASN A 1 77  ? 0.881   -7.680  6.131   1.00 13.24 ? 157 ASN A N   1 
ATOM   565  C CA  . ASN A 1 77  ? 0.139   -8.649  5.330   1.00 14.36 ? 157 ASN A CA  1 
ATOM   566  C C   . ASN A 1 77  ? -0.626  -7.866  4.252   1.00 13.39 ? 157 ASN A C   1 
ATOM   567  O O   . ASN A 1 77  ? -1.636  -7.230  4.530   1.00 14.11 ? 157 ASN A O   1 
ATOM   568  C CB  . ASN A 1 77  ? -0.796  -9.448  6.254   1.00 13.83 ? 157 ASN A CB  1 
ATOM   569  C CG  . ASN A 1 77  ? -1.534  -10.533 5.533   1.00 17.15 ? 157 ASN A CG  1 
ATOM   570  O OD1 . ASN A 1 77  ? -1.520  -10.581 4.303   1.00 19.76 ? 157 ASN A OD1 1 
ATOM   571  N ND2 . ASN A 1 77  ? -2.177  -11.429 6.288   1.00 15.36 ? 157 ASN A ND2 1 
ATOM   572  N N   . VAL A 1 78  ? -0.110  -7.899  3.038   1.00 14.21 ? 158 VAL A N   1 
ATOM   573  C CA  . VAL A 1 78  ? -0.694  -7.175  1.922   1.00 14.88 ? 158 VAL A CA  1 
ATOM   574  C C   . VAL A 1 78  ? -1.244  -8.178  0.915   1.00 16.00 ? 158 VAL A C   1 
ATOM   575  O O   . VAL A 1 78  ? -1.038  -8.054  -0.295  1.00 16.60 ? 158 VAL A O   1 
ATOM   576  C CB  . VAL A 1 78  ? 0.352   -6.176  1.320   1.00 15.82 ? 158 VAL A CB  1 
ATOM   577  C CG1 . VAL A 1 78  ? -0.365  -5.085  0.508   1.00 15.95 ? 158 VAL A CG1 1 
ATOM   578  C CG2 . VAL A 1 78  ? 1.104   -5.495  2.454   1.00 14.66 ? 158 VAL A CG2 1 
ATOM   579  N N   . THR A 1 79  ? -1.927  -9.199  1.425   1.00 15.71 ? 159 THR A N   1 
ATOM   580  C CA  . THR A 1 79  ? -2.464  -10.244 0.553   1.00 17.01 ? 159 THR A CA  1 
ATOM   581  C C   . THR A 1 79  ? -3.801  -9.811  -0.027  1.00 17.05 ? 159 THR A C   1 
ATOM   582  O O   . THR A 1 79  ? -4.631  -9.233  0.667   1.00 15.91 ? 159 THR A O   1 
ATOM   583  C CB  . THR A 1 79  ? -2.623  -11.621 1.295   1.00 18.25 ? 159 THR A CB  1 
ATOM   584  O OG1 . THR A 1 79  ? -3.584  -11.479 2.323   1.00 21.59 ? 159 THR A OG1 1 
ATOM   585  C CG2 . THR A 1 79  ? -1.333  -12.084 1.922   1.00 18.34 ? 159 THR A CG2 1 
ATOM   586  N N   . LYS A 1 80  ? -4.020  -10.093 -1.312  1.00 17.55 ? 160 LYS A N   1 
ATOM   587  C CA  . LYS A 1 80  ? -5.322  -9.812  -1.954  1.00 19.08 ? 160 LYS A CA  1 
ATOM   588  C C   . LYS A 1 80  ? -5.768  -8.338  -1.881  1.00 17.56 ? 160 LYS A C   1 
ATOM   589  O O   . LYS A 1 80  ? -6.960  -8.022  -1.831  1.00 18.68 ? 160 LYS A O   1 
ATOM   590  C CB  . LYS A 1 80  ? -6.401  -10.751 -1.408  1.00 18.91 ? 160 LYS A CB  1 
ATOM   591  C CG  . LYS A 1 80  ? -6.178  -12.221 -1.724  1.00 21.96 ? 160 LYS A CG  1 
ATOM   592  C CD  . LYS A 1 80  ? -7.355  -13.083 -1.199  1.00 22.08 ? 160 LYS A CD  1 
ATOM   593  C CE  . LYS A 1 80  ? -6.990  -14.566 -1.190  1.00 27.88 ? 160 LYS A CE  1 
ATOM   594  N NZ  . LYS A 1 80  ? -7.087  -15.142 -2.578  1.00 31.24 ? 160 LYS A NZ  1 
ATOM   595  N N   . VAL A 1 81  ? -4.784  -7.456  -1.926  1.00 16.43 ? 161 VAL A N   1 
ATOM   596  C CA  . VAL A 1 81  ? -5.004  -6.028  -1.823  1.00 16.34 ? 161 VAL A CA  1 
ATOM   597  C C   . VAL A 1 81  ? -5.035  -5.483  -3.233  1.00 16.67 ? 161 VAL A C   1 
ATOM   598  O O   . VAL A 1 81  ? -4.261  -5.917  -4.074  1.00 17.35 ? 161 VAL A O   1 
ATOM   599  C CB  . VAL A 1 81  ? -3.832  -5.355  -1.061  1.00 15.14 ? 161 VAL A CB  1 
ATOM   600  C CG1 . VAL A 1 81  ? -3.877  -3.827  -1.183  1.00 14.31 ? 161 VAL A CG1 1 
ATOM   601  C CG2 . VAL A 1 81  ? -3.822  -5.780  0.431   1.00 15.90 ? 161 VAL A CG2 1 
ATOM   602  N N   . ASN A 1 82  ? -5.921  -4.523  -3.479  1.00 16.31 ? 162 ASN A N   1 
ATOM   603  C CA  . ASN A 1 82  ? -5.945  -3.859  -4.757  1.00 16.84 ? 162 ASN A CA  1 
ATOM   604  C C   . ASN A 1 82  ? -4.984  -2.679  -4.731  1.00 16.19 ? 162 ASN A C   1 
ATOM   605  O O   . ASN A 1 82  ? -5.173  -1.718  -3.966  1.00 16.74 ? 162 ASN A O   1 
ATOM   606  C CB  . ASN A 1 82  ? -7.364  -3.430  -5.095  1.00 17.52 ? 162 ASN A CB  1 
ATOM   607  C CG  . ASN A 1 82  ? -7.509  -2.984  -6.536  1.00 18.73 ? 162 ASN A CG  1 
ATOM   608  O OD1 . ASN A 1 82  ? -6.523  -2.799  -7.249  1.00 18.52 ? 162 ASN A OD1 1 
ATOM   609  N ND2 . ASN A 1 82  ? -8.755  -2.805  -6.970  1.00 22.22 ? 162 ASN A ND2 1 
ATOM   610  N N   . LEU A 1 83  ? -3.910  -2.793  -5.512  1.00 15.54 ? 163 LEU A N   1 
ATOM   611  C CA  . LEU A 1 83  ? -2.947  -1.712  -5.636  1.00 15.25 ? 163 LEU A CA  1 
ATOM   612  C C   . LEU A 1 83  ? -2.900  -1.076  -7.051  1.00 15.99 ? 163 LEU A C   1 
ATOM   613  O O   . LEU A 1 83  ? -1.920  -0.416  -7.403  1.00 15.74 ? 163 LEU A O   1 
ATOM   614  C CB  . LEU A 1 83  ? -1.540  -2.139  -5.201  1.00 15.94 ? 163 LEU A CB  1 
ATOM   615  C CG  . LEU A 1 83  ? -1.249  -2.335  -3.688  1.00 15.73 ? 163 LEU A CG  1 
ATOM   616  C CD1 . LEU A 1 83  ? 0.080   -3.100  -3.578  1.00 17.91 ? 163 LEU A CD1 1 
ATOM   617  C CD2 . LEU A 1 83  ? -1.180  -1.046  -2.953  1.00 17.36 ? 163 LEU A CD2 1 
ATOM   618  N N   . THR A 1 84  ? -3.975  -1.259  -7.802  1.00 17.70 ? 164 THR A N   1 
ATOM   619  C CA  . THR A 1 84  ? -4.082  -0.698  -9.153  1.00 18.90 ? 164 THR A CA  1 
ATOM   620  C C   . THR A 1 84  ? -3.840  0.806   -9.090  1.00 18.92 ? 164 THR A C   1 
ATOM   621  O O   . THR A 1 84  ? -4.505  1.525   -8.310  1.00 17.88 ? 164 THR A O   1 
ATOM   622  C CB  . THR A 1 84  ? -5.470  -0.948  -9.762  1.00 18.69 ? 164 THR A CB  1 
ATOM   623  O OG1 . THR A 1 84  ? -5.724  -2.348  -9.868  1.00 21.21 ? 164 THR A OG1 1 
ATOM   624  C CG2 . THR A 1 84  ? -5.568  -0.303  -11.167 1.00 20.93 ? 164 THR A CG2 1 
ATOM   625  N N   . ASN A 1 85  ? -2.863  1.259   -9.877  1.00 19.76 ? 165 ASN A N   1 
ATOM   626  C CA  . ASN A 1 85  ? -2.474  2.658   -9.993  1.00 19.74 ? 165 ASN A CA  1 
ATOM   627  C C   . ASN A 1 85  ? -1.950  3.331   -8.715  1.00 19.11 ? 165 ASN A C   1 
ATOM   628  O O   . ASN A 1 85  ? -1.856  4.558   -8.645  1.00 19.46 ? 165 ASN A O   1 
ATOM   629  C CB  . ASN A 1 85  ? -3.627  3.480   -10.591 1.00 19.66 ? 165 ASN A CB  1 
ATOM   630  C CG  . ASN A 1 85  ? -3.843  3.189   -12.069 1.00 22.75 ? 165 ASN A CG  1 
ATOM   631  O OD1 . ASN A 1 85  ? -2.891  3.202   -12.845 1.00 25.26 ? 165 ASN A OD1 1 
ATOM   632  N ND2 . ASN A 1 85  ? -5.088  2.956   -12.459 1.00 28.27 ? 165 ASN A ND2 1 
ATOM   633  N N   . ALA A 1 86  ? -1.589  2.533   -7.716  1.00 17.41 ? 166 ALA A N   1 
ATOM   634  C CA  . ALA A 1 86  ? -1.093  3.069   -6.482  1.00 16.20 ? 166 ALA A CA  1 
ATOM   635  C C   . ALA A 1 86  ? 0.337   3.542   -6.699  1.00 16.24 ? 166 ALA A C   1 
ATOM   636  O O   . ALA A 1 86  ? 1.131   2.882   -7.415  1.00 17.46 ? 166 ALA A O   1 
ATOM   637  C CB  . ALA A 1 86  ? -1.169  2.007   -5.360  1.00 15.68 ? 166 ALA A CB  1 
ATOM   638  N N   . ASN A 1 87  ? 0.668   4.681   -6.123  1.00 14.58 ? 167 ASN A N   1 
ATOM   639  C CA  . ASN A 1 87  ? 2.034   5.183   -6.202  1.00 16.01 ? 167 ASN A CA  1 
ATOM   640  C C   . ASN A 1 87  ? 2.837   4.806   -4.947  1.00 14.77 ? 167 ASN A C   1 
ATOM   641  O O   . ASN A 1 87  ? 2.631   5.355   -3.855  1.00 14.92 ? 167 ASN A O   1 
ATOM   642  C CB  . ASN A 1 87  ? 2.093   6.698   -6.522  1.00 15.83 ? 167 ASN A CB  1 
ATOM   643  C CG  . ASN A 1 87  ? 3.517   7.196   -6.728  1.00 18.66 ? 167 ASN A CG  1 
ATOM   644  O OD1 . ASN A 1 87  ? 4.477   6.423   -6.677  1.00 19.04 ? 167 ASN A OD1 1 
ATOM   645  N ND2 . ASN A 1 87  ? 3.667   8.497   -6.970  1.00 19.03 ? 167 ASN A ND2 1 
ATOM   646  N N   . LEU A 1 88  ? 3.724   3.806   -5.074  1.00 14.60 ? 168 LEU A N   1 
ATOM   647  C CA  . LEU A 1 88  ? 4.575   3.440   -3.936  1.00 14.20 ? 168 LEU A CA  1 
ATOM   648  C C   . LEU A 1 88  ? 5.985   4.009   -3.992  1.00 15.61 ? 168 LEU A C   1 
ATOM   649  O O   . LEU A 1 88  ? 6.882   3.494   -3.349  1.00 14.31 ? 168 LEU A O   1 
ATOM   650  C CB  . LEU A 1 88  ? 4.607   1.889   -3.715  1.00 14.21 ? 168 LEU A CB  1 
ATOM   651  C CG  . LEU A 1 88  ? 3.228   1.274   -3.425  1.00 13.56 ? 168 LEU A CG  1 
ATOM   652  C CD1 . LEU A 1 88  ? 2.548   0.840   -4.716  1.00 15.74 ? 168 LEU A CD1 1 
ATOM   653  C CD2 . LEU A 1 88  ? 3.359   0.080   -2.524  1.00 16.71 ? 168 LEU A CD2 1 
ATOM   654  N N   . GLU A 1 89  ? 6.185   5.077   -4.773  1.00 15.98 ? 169 GLU A N   1 
ATOM   655  C CA  . GLU A 1 89  ? 7.538   5.599   -4.910  1.00 17.97 ? 169 GLU A CA  1 
ATOM   656  C C   . GLU A 1 89  ? 8.227   5.772   -3.554  1.00 17.31 ? 169 GLU A C   1 
ATOM   657  O O   . GLU A 1 89  ? 7.733   6.489   -2.654  1.00 17.16 ? 169 GLU A O   1 
ATOM   658  C CB  . GLU A 1 89  ? 7.494   6.889   -5.736  1.00 19.70 ? 169 GLU A CB  1 
ATOM   659  C CG  . GLU A 1 89  ? 8.743   7.721   -5.799  1.00 25.21 ? 169 GLU A CG  1 
ATOM   660  C CD  . GLU A 1 89  ? 8.347   9.206   -6.009  1.00 31.09 ? 169 GLU A CD  1 
ATOM   661  O OE1 . GLU A 1 89  ? 7.413   9.493   -6.822  1.00 33.98 ? 169 GLU A OE1 1 
ATOM   662  O OE2 . GLU A 1 89  ? 8.947   10.070  -5.342  1.00 35.39 ? 169 GLU A OE2 1 
ATOM   663  N N   . GLY A 1 90  ? 9.360   5.087   -3.370  1.00 16.39 ? 170 GLY A N   1 
ATOM   664  C CA  . GLY A 1 90  ? 10.155  5.221   -2.158  1.00 16.57 ? 170 GLY A CA  1 
ATOM   665  C C   . GLY A 1 90  ? 9.593   4.622   -0.873  1.00 16.71 ? 170 GLY A C   1 
ATOM   666  O O   . GLY A 1 90  ? 10.077  4.897   0.238   1.00 17.36 ? 170 GLY A O   1 
ATOM   667  N N   . ALA A 1 91  ? 8.547   3.832   -1.028  1.00 16.10 ? 171 ALA A N   1 
ATOM   668  C CA  . ALA A 1 91  ? 8.030   3.056   0.109   1.00 15.61 ? 171 ALA A CA  1 
ATOM   669  C C   . ALA A 1 91  ? 9.026   1.980   0.552   1.00 17.09 ? 171 ALA A C   1 
ATOM   670  O O   . ALA A 1 91  ? 10.021  1.696   -0.159  1.00 16.84 ? 171 ALA A O   1 
ATOM   671  C CB  . ALA A 1 91  ? 6.658   2.422   -0.247  1.00 15.84 ? 171 ALA A CB  1 
ATOM   672  N N   . THR A 1 92  ? 8.784   1.405   1.727   1.00 16.96 ? 172 THR A N   1 
ATOM   673  C CA  . THR A 1 92  ? 9.585   0.259   2.203   1.00 18.47 ? 172 THR A CA  1 
ATOM   674  C C   . THR A 1 92  ? 8.712   -0.947  2.460   1.00 17.97 ? 172 THR A C   1 
ATOM   675  O O   . THR A 1 92  ? 7.544   -0.778  2.789   1.00 17.77 ? 172 THR A O   1 
ATOM   676  C CB  . THR A 1 92  ? 10.398  0.608   3.459   1.00 19.95 ? 172 THR A CB  1 
ATOM   677  O OG1 . THR A 1 92  ? 9.589   1.346   4.371   1.00 22.14 ? 172 THR A OG1 1 
ATOM   678  C CG2 . THR A 1 92  ? 11.574  1.484   3.073   1.00 22.03 ? 172 THR A CG2 1 
ATOM   679  N N   . MET A 1 93  ? 9.273   -2.149  2.274   1.00 16.74 ? 173 MET A N   1 
ATOM   680  C CA  . MET A 1 93  ? 8.543   -3.386  2.507   1.00 16.62 ? 173 MET A CA  1 
ATOM   681  C C   . MET A 1 93  ? 9.525   -4.472  2.936   1.00 17.24 ? 173 MET A C   1 
ATOM   682  O O   . MET A 1 93  ? 9.676   -5.481  2.263   1.00 16.99 ? 173 MET A O   1 
ATOM   683  C CB  . MET A 1 93  ? 7.601   -3.787  1.320   1.00 16.14 ? 173 MET A CB  1 
ATOM   684  C CG  . MET A 1 93  ? 8.225   -3.723  -0.096  1.00 19.43 ? 173 MET A CG  1 
ATOM   685  S SD  . MET A 1 93  ? 6.955   -3.801  -1.435  1.00 16.03 ? 173 MET A SD  1 
ATOM   686  C CE  . MET A 1 93  ? 6.207   -2.177  -1.304  1.00 22.21 ? 173 MET A CE  1 
ATOM   687  N N   . MET A 1 94  ? 10.183  -4.238  4.072   1.00 17.00 ? 174 MET A N   1 
ATOM   688  C CA  . MET A 1 94  ? 11.145  -5.200  4.649   1.00 18.38 ? 174 MET A CA  1 
ATOM   689  C C   . MET A 1 94  ? 10.558  -6.449  5.287   1.00 18.57 ? 174 MET A C   1 
ATOM   690  O O   . MET A 1 94  ? 9.396   -6.481  5.756   1.00 16.28 ? 174 MET A O   1 
ATOM   691  C CB  . MET A 1 94  ? 12.009  -4.523  5.700   1.00 18.67 ? 174 MET A CB  1 
ATOM   692  C CG  . MET A 1 94  ? 12.949  -3.503  5.128   1.00 20.22 ? 174 MET A CG  1 
ATOM   693  S SD  . MET A 1 94  ? 13.820  -2.658  6.470   1.00 19.92 ? 174 MET A SD  1 
ATOM   694  C CE  . MET A 1 94  ? 12.856  -1.155  6.616   1.00 24.44 ? 174 MET A CE  1 
ATOM   695  N N   . GLY A 1 95  ? 11.385  -7.487  5.298   1.00 18.43 ? 175 GLY A N   1 
ATOM   696  C CA  . GLY A 1 95  ? 11.035  -8.747  5.955   1.00 19.82 ? 175 GLY A CA  1 
ATOM   697  C C   . GLY A 1 95  ? 9.901   -9.509  5.306   1.00 21.10 ? 175 GLY A C   1 
ATOM   698  O O   . GLY A 1 95  ? 9.663   -9.403  4.109   1.00 20.66 ? 175 GLY A O   1 
ATOM   699  N N   . ASN A 1 96  ? 9.230   -10.280 6.149   1.00 22.77 ? 176 ASN A N   1 
ATOM   700  C CA  . ASN A 1 96  ? 8.159   -11.203 5.824   1.00 24.99 ? 176 ASN A CA  1 
ATOM   701  C C   . ASN A 1 96  ? 6.844   -10.528 5.437   1.00 25.07 ? 176 ASN A C   1 
ATOM   702  O O   . ASN A 1 96  ? 5.798   -10.826 6.026   1.00 26.25 ? 176 ASN A O   1 
ATOM   703  C CB  . ASN A 1 96  ? 7.874   -11.999 7.090   1.00 26.25 ? 176 ASN A CB  1 
ATOM   704  C CG  . ASN A 1 96  ? 7.663   -11.080 8.315   1.00 28.78 ? 176 ASN A CG  1 
ATOM   705  O OD1 . ASN A 1 96  ? 8.637   -10.628 8.912   1.00 34.97 ? 176 ASN A OD1 1 
ATOM   706  N ND2 . ASN A 1 96  ? 6.395   -10.772 8.655   1.00 31.33 ? 176 ASN A ND2 1 
ATOM   707  N N   . THR A 1 97  ? 6.897   -9.640  4.460   1.00 25.65 ? 177 THR A N   1 
ATOM   708  C CA  . THR A 1 97  ? 5.697   -8.985  3.930   1.00 26.24 ? 177 THR A CA  1 
ATOM   709  C C   . THR A 1 97  ? 5.171   -9.929  2.863   1.00 26.14 ? 177 THR A C   1 
ATOM   710  O O   . THR A 1 97  ? 5.961   -10.476 2.079   1.00 28.50 ? 177 THR A O   1 
ATOM   711  C CB  . THR A 1 97  ? 6.069   -7.627  3.282   1.00 26.21 ? 177 THR A CB  1 
ATOM   712  O OG1 . THR A 1 97  ? 6.937   -6.893  4.162   1.00 30.66 ? 177 THR A OG1 1 
ATOM   713  C CG2 . THR A 1 97  ? 4.834   -6.785  2.986   1.00 25.57 ? 177 THR A CG2 1 
ATOM   714  N N   . SER A 1 98  ? 3.862   -10.142 2.820   1.00 23.69 ? 178 SER A N   1 
ATOM   715  C CA  . SER A 1 98  ? 3.297   -10.934 1.729   1.00 22.09 ? 178 SER A CA  1 
ATOM   716  C C   . SER A 1 98  ? 2.444   -10.066 0.828   1.00 20.88 ? 178 SER A C   1 
ATOM   717  O O   . SER A 1 98  ? 1.588   -9.359  1.317   1.00 18.74 ? 178 SER A O   1 
ATOM   718  C CB  . SER A 1 98  ? 2.463   -12.099 2.251   1.00 23.21 ? 178 SER A CB  1 
ATOM   719  O OG  . SER A 1 98  ? 1.919   -12.784 1.134   1.00 25.63 ? 178 SER A OG  1 
ATOM   720  N N   . PHE A 1 99  ? 2.694   -10.111 -0.483  1.00 20.24 ? 179 PHE A N   1 
ATOM   721  C CA  . PHE A 1 99  ? 1.791   -9.476  -1.479  1.00 20.89 ? 179 PHE A CA  1 
ATOM   722  C C   . PHE A 1 99  ? 0.987   -10.526 -2.272  1.00 20.66 ? 179 PHE A C   1 
ATOM   723  O O   . PHE A 1 99  ? 0.361   -10.198 -3.281  1.00 20.72 ? 179 PHE A O   1 
ATOM   724  C CB  . PHE A 1 99  ? 2.563   -8.552  -2.454  1.00 20.84 ? 179 PHE A CB  1 
ATOM   725  C CG  . PHE A 1 99  ? 2.824   -7.153  -1.932  1.00 22.30 ? 179 PHE A CG  1 
ATOM   726  C CD1 . PHE A 1 99  ? 2.343   -6.043  -2.628  1.00 23.01 ? 179 PHE A CD1 1 
ATOM   727  C CD2 . PHE A 1 99  ? 3.570   -6.934  -0.784  1.00 24.34 ? 179 PHE A CD2 1 
ATOM   728  C CE1 . PHE A 1 99  ? 2.573   -4.734  -2.176  1.00 23.80 ? 179 PHE A CE1 1 
ATOM   729  C CE2 . PHE A 1 99  ? 3.801   -5.616  -0.311  1.00 27.32 ? 179 PHE A CE2 1 
ATOM   730  C CZ  . PHE A 1 99  ? 3.301   -4.510  -1.011  1.00 24.23 ? 179 PHE A CZ  1 
ATOM   731  N N   . LYS A 1 100 ? 0.995   -11.784 -1.816  1.00 20.84 ? 180 LYS A N   1 
ATOM   732  C CA  . LYS A 1 100 ? 0.308   -12.871 -2.545  1.00 20.67 ? 180 LYS A CA  1 
ATOM   733  C C   . LYS A 1 100 ? -1.136  -12.531 -2.913  1.00 19.38 ? 180 LYS A C   1 
ATOM   734  O O   . LYS A 1 100 ? -1.950  -12.160 -2.043  1.00 18.96 ? 180 LYS A O   1 
ATOM   735  C CB  . LYS A 1 100 ? 0.367   -14.177 -1.742  1.00 21.42 ? 180 LYS A CB  1 
ATOM   736  C CG  . LYS A 1 100 ? -0.507  -15.305 -2.305  1.00 25.80 ? 180 LYS A CG  1 
ATOM   737  C CD  . LYS A 1 100 ? -0.065  -16.659 -1.796  1.00 31.32 ? 180 LYS A CD  1 
ATOM   738  C CE  . LYS A 1 100 ? -0.904  -17.780 -2.390  1.00 32.05 ? 180 LYS A CE  1 
ATOM   739  N NZ  . LYS A 1 100 ? -0.494  -19.096 -1.834  1.00 33.62 ? 180 LYS A NZ  1 
ATOM   740  N N   . GLY A 1 101 ? -1.465  -12.644 -4.203  1.00 18.25 ? 181 GLY A N   1 
ATOM   741  C CA  . GLY A 1 101 ? -2.838  -12.428 -4.628  1.00 17.78 ? 181 GLY A CA  1 
ATOM   742  C C   . GLY A 1 101 ? -3.165  -10.968 -4.919  1.00 17.35 ? 181 GLY A C   1 
ATOM   743  O O   . GLY A 1 101 ? -4.260  -10.671 -5.406  1.00 16.63 ? 181 GLY A O   1 
ATOM   744  N N   . SER A 1 102 ? -2.225  -10.054 -4.647  1.00 17.30 ? 182 SER A N   1 
ATOM   745  C CA  . SER A 1 102 ? -2.508  -8.629  -4.825  1.00 17.91 ? 182 SER A CA  1 
ATOM   746  C C   . SER A 1 102 ? -2.506  -8.211  -6.296  1.00 18.19 ? 182 SER A C   1 
ATOM   747  O O   . SER A 1 102 ? -1.811  -8.807  -7.129  1.00 18.89 ? 182 SER A O   1 
ATOM   748  C CB  . SER A 1 102 ? -1.571  -7.782  -3.987  1.00 18.45 ? 182 SER A CB  1 
ATOM   749  O OG  . SER A 1 102 ? -1.954  -7.986  -2.615  1.00 20.65 ? 182 SER A OG  1 
ATOM   750  N N   . ASN A 1 103 ? -3.342  -7.236  -6.612  1.00 18.08 ? 183 ASN A N   1 
ATOM   751  C CA  . ASN A 1 103 ? -3.391  -6.699  -7.969  1.00 18.93 ? 183 ASN A CA  1 
ATOM   752  C C   . ASN A 1 103 ? -2.515  -5.471  -8.022  1.00 18.83 ? 183 ASN A C   1 
ATOM   753  O O   . ASN A 1 103 ? -2.821  -4.470  -7.378  1.00 19.04 ? 183 ASN A O   1 
ATOM   754  C CB  . ASN A 1 103 ? -4.856  -6.375  -8.346  1.00 19.24 ? 183 ASN A CB  1 
ATOM   755  C CG  . ASN A 1 103 ? -4.986  -5.722  -9.736  1.00 19.87 ? 183 ASN A CG  1 
ATOM   756  O OD1 . ASN A 1 103 ? -3.994  -5.492  -10.430 1.00 20.87 ? 183 ASN A OD1 1 
ATOM   757  N ND2 . ASN A 1 103 ? -6.219  -5.416  -10.127 1.00 24.97 ? 183 ASN A ND2 1 
ATOM   758  N N   . ILE A 1 104 ? -1.422  -5.532  -8.782  1.00 18.39 ? 184 ILE A N   1 
ATOM   759  C CA  . ILE A 1 104 ? -0.472  -4.421  -8.860  1.00 19.00 ? 184 ILE A CA  1 
ATOM   760  C C   . ILE A 1 104 ? -0.393  -3.776  -10.245 1.00 19.89 ? 184 ILE A C   1 
ATOM   761  O O   . ILE A 1 104 ? 0.637   -3.185  -10.586 1.00 20.46 ? 184 ILE A O   1 
ATOM   762  C CB  . ILE A 1 104 ? 0.933   -4.805  -8.392  1.00 18.29 ? 184 ILE A CB  1 
ATOM   763  C CG1 . ILE A 1 104 ? 1.514   -5.958  -9.244  1.00 17.37 ? 184 ILE A CG1 1 
ATOM   764  C CG2 . ILE A 1 104 ? 0.887   -5.163  -6.884  1.00 17.76 ? 184 ILE A CG2 1 
ATOM   765  C CD1 . ILE A 1 104 ? 2.995   -6.173  -9.040  1.00 14.68 ? 184 ILE A CD1 1 
ATOM   766  N N   . THR A 1 105 ? -1.480  -3.902  -10.993 1.00 21.24 ? 185 THR A N   1 
ATOM   767  C CA  . THR A 1 105 ? -1.576  -3.345  -12.346 1.00 23.25 ? 185 THR A CA  1 
ATOM   768  C C   . THR A 1 105 ? -1.421  -1.846  -12.231 1.00 22.92 ? 185 THR A C   1 
ATOM   769  O O   . THR A 1 105 ? -2.266  -1.185  -11.616 1.00 24.31 ? 185 THR A O   1 
ATOM   770  C CB  . THR A 1 105 ? -2.947  -3.623  -12.989 1.00 23.15 ? 185 THR A CB  1 
ATOM   771  O OG1 . THR A 1 105 ? -3.180  -5.026  -13.064 1.00 25.49 ? 185 THR A OG1 1 
ATOM   772  C CG2 . THR A 1 105 ? -3.010  -3.033  -14.434 1.00 25.14 ? 185 THR A CG2 1 
ATOM   773  N N   . GLY A 1 106 ? -0.349  -1.313  -12.812 1.00 23.14 ? 186 GLY A N   1 
ATOM   774  C CA  . GLY A 1 106 ? -0.094  0.128   -12.827 1.00 21.66 ? 186 GLY A CA  1 
ATOM   775  C C   . GLY A 1 106 ? 0.427   0.674   -11.509 1.00 21.16 ? 186 GLY A C   1 
ATOM   776  O O   . GLY A 1 106 ? 0.561   1.876   -11.337 1.00 20.91 ? 186 GLY A O   1 
ATOM   777  N N   . ALA A 1 107 ? 0.777   -0.203  -10.567 1.00 20.22 ? 187 ALA A N   1 
ATOM   778  C CA  . ALA A 1 107 ? 1.447   0.265   -9.348  1.00 19.72 ? 187 ALA A CA  1 
ATOM   779  C C   . ALA A 1 107 ? 2.863   0.808   -9.612  1.00 19.79 ? 187 ALA A C   1 
ATOM   780  O O   . ALA A 1 107 ? 3.597   0.298   -10.467 1.00 21.11 ? 187 ALA A O   1 
ATOM   781  C CB  . ALA A 1 107 ? 1.494   -0.865  -8.302  1.00 19.15 ? 187 ALA A CB  1 
ATOM   782  N N   . ASP A 1 108 ? 3.281   1.812   -8.875  1.00 19.32 ? 188 ASP A N   1 
ATOM   783  C CA  . ASP A 1 108 ? 4.623   2.335   -9.068  1.00 19.35 ? 188 ASP A CA  1 
ATOM   784  C C   . ASP A 1 108 ? 5.568   2.013   -7.903  1.00 18.69 ? 188 ASP A C   1 
ATOM   785  O O   . ASP A 1 108 ? 5.458   2.569   -6.813  1.00 17.05 ? 188 ASP A O   1 
ATOM   786  C CB  . ASP A 1 108 ? 4.550   3.850   -9.393  1.00 19.77 ? 188 ASP A CB  1 
ATOM   787  C CG  . ASP A 1 108 ? 5.857   4.418   -9.890  1.00 22.58 ? 188 ASP A CG  1 
ATOM   788  O OD1 . ASP A 1 108 ? 6.929   3.973   -9.435  1.00 20.35 ? 188 ASP A OD1 1 
ATOM   789  O OD2 . ASP A 1 108 ? 5.799   5.366   -10.716 1.00 25.82 ? 188 ASP A OD2 1 
ATOM   790  N N   . PHE A 1 109 ? 6.536   1.113   -8.151  1.00 17.67 ? 189 PHE A N   1 
ATOM   791  C CA  . PHE A 1 109 ? 7.466   0.659   -7.138  1.00 16.53 ? 189 PHE A CA  1 
ATOM   792  C C   . PHE A 1 109 ? 8.882   1.303   -7.212  1.00 18.14 ? 189 PHE A C   1 
ATOM   793  O O   . PHE A 1 109 ? 9.838   0.712   -6.743  1.00 17.71 ? 189 PHE A O   1 
ATOM   794  C CB  . PHE A 1 109 ? 7.587   -0.887  -7.190  1.00 16.43 ? 189 PHE A CB  1 
ATOM   795  C CG  . PHE A 1 109 ? 6.351   -1.634  -6.731  1.00 14.08 ? 189 PHE A CG  1 
ATOM   796  C CD1 . PHE A 1 109 ? 6.229   -1.996  -5.391  1.00 16.21 ? 189 PHE A CD1 1 
ATOM   797  C CD2 . PHE A 1 109 ? 5.365   -2.027  -7.632  1.00 14.25 ? 189 PHE A CD2 1 
ATOM   798  C CE1 . PHE A 1 109 ? 5.101   -2.726  -4.933  1.00 15.84 ? 189 PHE A CE1 1 
ATOM   799  C CE2 . PHE A 1 109 ? 4.233   -2.747  -7.210  1.00 14.28 ? 189 PHE A CE2 1 
ATOM   800  C CZ  . PHE A 1 109 ? 4.097   -3.102  -5.844  1.00 16.60 ? 189 PHE A CZ  1 
ATOM   801  N N   . THR A 1 110 ? 9.004   2.509   -7.780  1.00 19.13 ? 190 THR A N   1 
ATOM   802  C CA  . THR A 1 110 ? 10.303  3.237   -7.761  1.00 21.05 ? 190 THR A CA  1 
ATOM   803  C C   . THR A 1 110 ? 11.006  3.348   -6.445  1.00 21.91 ? 190 THR A C   1 
ATOM   804  O O   . THR A 1 110 ? 10.427  3.785   -5.429  1.00 20.93 ? 190 THR A O   1 
ATOM   805  C CB  . THR A 1 110 ? 10.149  4.686   -8.262  1.00 21.06 ? 190 THR A CB  1 
ATOM   806  O OG1 . THR A 1 110 ? 9.790   4.662   -9.626  1.00 21.80 ? 190 THR A OG1 1 
ATOM   807  C CG2 . THR A 1 110 ? 11.460  5.483   -8.068  1.00 23.36 ? 190 THR A CG2 1 
ATOM   808  N N   . ASP A 1 111 ? 12.297  3.011   -6.459  1.00 21.48 ? 191 ASP A N   1 
ATOM   809  C CA  . ASP A 1 111 ? 13.151  3.077   -5.279  1.00 23.31 ? 191 ASP A CA  1 
ATOM   810  C C   . ASP A 1 111 ? 12.574  2.305   -4.103  1.00 22.74 ? 191 ASP A C   1 
ATOM   811  O O   . ASP A 1 111 ? 12.936  2.561   -2.957  1.00 24.17 ? 191 ASP A O   1 
ATOM   812  C CB  . ASP A 1 111 ? 13.395  4.517   -4.824  1.00 24.07 ? 191 ASP A CB  1 
ATOM   813  C CG  . ASP A 1 111 ? 14.421  5.228   -5.631  1.00 27.34 ? 191 ASP A CG  1 
ATOM   814  O OD1 . ASP A 1 111 ? 15.149  4.588   -6.429  1.00 30.52 ? 191 ASP A OD1 1 
ATOM   815  O OD2 . ASP A 1 111 ? 14.492  6.459   -5.441  1.00 31.76 ? 191 ASP A OD2 1 
ATOM   816  N N   . VAL A 1 112 ? 11.690  1.348   -4.377  1.00 21.85 ? 192 VAL A N   1 
ATOM   817  C CA  . VAL A 1 112 ? 11.285  0.460   -3.313  1.00 21.00 ? 192 VAL A CA  1 
ATOM   818  C C   . VAL A 1 112 ? 12.354  -0.613  -3.308  1.00 21.94 ? 192 VAL A C   1 
ATOM   819  O O   . VAL A 1 112 ? 12.490  -1.348  -4.317  1.00 21.31 ? 192 VAL A O   1 
ATOM   820  C CB  . VAL A 1 112 ? 9.879   -0.153  -3.565  1.00 20.56 ? 192 VAL A CB  1 
ATOM   821  C CG1 . VAL A 1 112 ? 9.569   -1.264  -2.529  1.00 20.18 ? 192 VAL A CG1 1 
ATOM   822  C CG2 . VAL A 1 112 ? 8.827   0.957   -3.544  1.00 19.50 ? 192 VAL A CG2 1 
ATOM   823  N N   . PRO A 1 113 ? 13.128  -0.687  -2.211  1.00 21.78 ? 193 PRO A N   1 
ATOM   824  C CA  . PRO A 1 113 ? 14.140  -1.737  -2.114  1.00 22.09 ? 193 PRO A CA  1 
ATOM   825  C C   . PRO A 1 113 ? 13.414  -3.091  -2.044  1.00 21.41 ? 193 PRO A C   1 
ATOM   826  O O   . PRO A 1 113 ? 12.414  -3.223  -1.349  1.00 20.74 ? 193 PRO A O   1 
ATOM   827  C CB  . PRO A 1 113 ? 14.849  -1.425  -0.786  1.00 23.15 ? 193 PRO A CB  1 
ATOM   828  C CG  . PRO A 1 113 ? 14.470  0.004   -0.467  1.00 22.55 ? 193 PRO A CG  1 
ATOM   829  C CD  . PRO A 1 113 ? 13.095  0.148   -0.999  1.00 22.31 ? 193 PRO A CD  1 
ATOM   830  N N   . LEU A 1 114 ? 13.881  -4.066  -2.806  1.00 19.94 ? 194 LEU A N   1 
ATOM   831  C CA  . LEU A 1 114 ? 13.261  -5.381  -2.751  1.00 19.71 ? 194 LEU A CA  1 
ATOM   832  C C   . LEU A 1 114 ? 14.351  -6.439  -2.680  1.00 19.45 ? 194 LEU A C   1 
ATOM   833  O O   . LEU A 1 114 ? 15.406  -6.281  -3.290  1.00 20.03 ? 194 LEU A O   1 
ATOM   834  C CB  . LEU A 1 114 ? 12.387  -5.643  -3.985  1.00 18.83 ? 194 LEU A CB  1 
ATOM   835  C CG  . LEU A 1 114 ? 11.085  -4.849  -4.168  1.00 18.61 ? 194 LEU A CG  1 
ATOM   836  C CD1 . LEU A 1 114 ? 10.457  -5.159  -5.556  1.00 20.42 ? 194 LEU A CD1 1 
ATOM   837  C CD2 . LEU A 1 114 ? 10.119  -5.138  -3.047  1.00 18.18 ? 194 LEU A CD2 1 
ATOM   838  N N   . ARG A 1 115 ? 14.086  -7.493  -1.934  1.00 18.86 ? 195 ARG A N   1 
ATOM   839  C CA  . ARG A 1 115 ? 14.881  -8.707  -2.048  1.00 20.43 ? 195 ARG A CA  1 
ATOM   840  C C   . ARG A 1 115 ? 14.574  -9.389  -3.377  1.00 21.13 ? 195 ARG A C   1 
ATOM   841  O O   . ARG A 1 115 ? 13.464  -9.257  -3.932  1.00 20.30 ? 195 ARG A O   1 
ATOM   842  C CB  . ARG A 1 115 ? 14.563  -9.660  -0.902  1.00 19.67 ? 195 ARG A CB  1 
ATOM   843  C CG  . ARG A 1 115 ? 14.774  -9.078  0.503   1.00 19.09 ? 195 ARG A CG  1 
ATOM   844  C CD  . ARG A 1 115 ? 14.568  -10.153 1.546   1.00 17.79 ? 195 ARG A CD  1 
ATOM   845  N NE  . ARG A 1 115 ? 13.333  -10.911 1.308   1.00 19.81 ? 195 ARG A NE  1 
ATOM   846  C CZ  . ARG A 1 115 ? 12.157  -10.591 1.828   1.00 22.33 ? 195 ARG A CZ  1 
ATOM   847  N NH1 . ARG A 1 115 ? 12.059  -9.525  2.615   1.00 19.85 ? 195 ARG A NH1 1 
ATOM   848  N NH2 . ARG A 1 115 ? 11.077  -11.338 1.570   1.00 23.82 ? 195 ARG A NH2 1 
ATOM   849  N N   . ASP A 1 116 ? 15.566  -10.113 -3.890  1.00 22.37 ? 196 ASP A N   1 
ATOM   850  C CA  . ASP A 1 116 ? 15.357  -10.990 -5.041  1.00 23.37 ? 196 ASP A CA  1 
ATOM   851  C C   . ASP A 1 116 ? 14.019  -11.732 -5.021  1.00 21.87 ? 196 ASP A C   1 
ATOM   852  O O   . ASP A 1 116 ? 13.273  -11.657 -5.998  1.00 21.53 ? 196 ASP A O   1 
ATOM   853  C CB  . ASP A 1 116 ? 16.524  -11.979 -5.166  1.00 24.23 ? 196 ASP A CB  1 
ATOM   854  C CG  . ASP A 1 116 ? 17.838  -11.295 -5.542  1.00 28.62 ? 196 ASP A CG  1 
ATOM   855  O OD1 . ASP A 1 116 ? 17.824  -10.101 -5.937  1.00 33.97 ? 196 ASP A OD1 1 
ATOM   856  O OD2 . ASP A 1 116 ? 18.902  -11.962 -5.449  1.00 32.49 ? 196 ASP A OD2 1 
ATOM   857  N N   . ASP A 1 117 ? 13.694  -12.421 -3.925  1.00 21.30 ? 197 ASP A N   1 
ATOM   858  C CA  . ASP A 1 117 ? 12.460  -13.202 -3.857  1.00 20.62 ? 197 ASP A CA  1 
ATOM   859  C C   . ASP A 1 117 ? 11.170  -12.378 -3.984  1.00 19.48 ? 197 ASP A C   1 
ATOM   860  O O   . ASP A 1 117 ? 10.204  -12.834 -4.579  1.00 18.38 ? 197 ASP A O   1 
ATOM   861  C CB  . ASP A 1 117 ? 12.404  -14.107 -2.612  1.00 21.91 ? 197 ASP A CB  1 
ATOM   862  C CG  . ASP A 1 117 ? 12.291  -13.332 -1.294  1.00 24.59 ? 197 ASP A CG  1 
ATOM   863  O OD1 . ASP A 1 117 ? 11.179  -13.355 -0.691  1.00 28.38 ? 197 ASP A OD1 1 
ATOM   864  O OD2 . ASP A 1 117 ? 13.309  -12.746 -0.848  1.00 27.33 ? 197 ASP A OD2 1 
ATOM   865  N N   . GLN A 1 118 ? 11.167  -11.173 -3.393  1.00 18.65 ? 198 GLN A N   1 
ATOM   866  C CA  . GLN A 1 118 ? 10.044  -10.244 -3.515  1.00 17.29 ? 198 GLN A CA  1 
ATOM   867  C C   . GLN A 1 118 ? 9.919   -9.746  -4.958  1.00 16.63 ? 198 GLN A C   1 
ATOM   868  O O   . GLN A 1 118 ? 8.807   -9.688  -5.511  1.00 15.98 ? 198 GLN A O   1 
ATOM   869  C CB  . GLN A 1 118 ? 10.224  -9.033  -2.592  1.00 16.45 ? 198 GLN A CB  1 
ATOM   870  C CG  . GLN A 1 118 ? 10.314  -9.367  -1.134  1.00 17.46 ? 198 GLN A CG  1 
ATOM   871  C CD  . GLN A 1 118 ? 10.592  -8.153  -0.285  1.00 14.90 ? 198 GLN A CD  1 
ATOM   872  O OE1 . GLN A 1 118 ? 11.550  -7.397  -0.526  1.00 18.75 ? 198 GLN A OE1 1 
ATOM   873  N NE2 . GLN A 1 118 ? 9.742   -7.942  0.715   1.00 16.91 ? 198 GLN A NE2 1 
ATOM   874  N N   . ARG A 1 119 ? 11.053  -9.385  -5.562  1.00 16.48 ? 199 ARG A N   1 
ATOM   875  C CA  . ARG A 1 119 ? 11.042  -8.931  -6.954  1.00 17.53 ? 199 ARG A CA  1 
ATOM   876  C C   . ARG A 1 119 ? 10.568  -10.059 -7.889  1.00 16.97 ? 199 ARG A C   1 
ATOM   877  O O   . ARG A 1 119 ? 9.801   -9.826  -8.831  1.00 16.47 ? 199 ARG A O   1 
ATOM   878  C CB  . ARG A 1 119 ? 12.398  -8.348  -7.367  1.00 17.07 ? 199 ARG A CB  1 
ATOM   879  C CG  . ARG A 1 119 ? 12.373  -7.649  -8.706  1.00 18.82 ? 199 ARG A CG  1 
ATOM   880  C CD  . ARG A 1 119 ? 13.684  -6.938  -9.029  1.00 20.88 ? 199 ARG A CD  1 
ATOM   881  N NE  . ARG A 1 119 ? 14.293  -6.302  -7.860  1.00 28.06 ? 199 ARG A NE  1 
ATOM   882  C CZ  . ARG A 1 119 ? 14.145  -5.029  -7.488  1.00 32.44 ? 199 ARG A CZ  1 
ATOM   883  N NH1 . ARG A 1 119 ? 13.374  -4.181  -8.172  1.00 31.98 ? 199 ARG A NH1 1 
ATOM   884  N NH2 . ARG A 1 119 ? 14.767  -4.607  -6.392  1.00 34.88 ? 199 ARG A NH2 1 
ATOM   885  N N   . VAL A 1 120 ? 10.996  -11.285 -7.605  1.00 16.86 ? 200 VAL A N   1 
ATOM   886  C CA  . VAL A 1 120 ? 10.575  -12.419 -8.424  1.00 16.66 ? 200 VAL A CA  1 
ATOM   887  C C   . VAL A 1 120 ? 9.059   -12.602 -8.407  1.00 16.90 ? 200 VAL A C   1 
ATOM   888  O O   . VAL A 1 120 ? 8.444   -12.781 -9.467  1.00 17.12 ? 200 VAL A O   1 
ATOM   889  C CB  . VAL A 1 120 ? 11.287  -13.745 -8.000  1.00 16.70 ? 200 VAL A CB  1 
ATOM   890  C CG1 . VAL A 1 120 ? 10.652  -14.915 -8.676  1.00 18.26 ? 200 VAL A CG1 1 
ATOM   891  C CG2 . VAL A 1 120 ? 12.765  -13.677 -8.358  1.00 17.49 ? 200 VAL A CG2 1 
ATOM   892  N N   . TYR A 1 121 ? 8.444   -12.527 -7.225  1.00 16.42 ? 201 TYR A N   1 
ATOM   893  C CA  . TYR A 1 121 ? 7.012   -12.714 -7.124  1.00 17.09 ? 201 TYR A CA  1 
ATOM   894  C C   . TYR A 1 121 ? 6.253   -11.558 -7.796  1.00 16.75 ? 201 TYR A C   1 
ATOM   895  O O   . TYR A 1 121 ? 5.339   -11.745 -8.606  1.00 15.56 ? 201 TYR A O   1 
ATOM   896  C CB  . TYR A 1 121 ? 6.512   -12.851 -5.655  1.00 18.21 ? 201 TYR A CB  1 
ATOM   897  C CG  . TYR A 1 121 ? 5.003   -12.983 -5.690  1.00 19.94 ? 201 TYR A CG  1 
ATOM   898  C CD1 . TYR A 1 121 ? 4.408   -14.179 -6.140  1.00 21.32 ? 201 TYR A CD1 1 
ATOM   899  C CD2 . TYR A 1 121 ? 4.151   -11.886 -5.411  1.00 21.34 ? 201 TYR A CD2 1 
ATOM   900  C CE1 . TYR A 1 121 ? 3.027   -14.301 -6.259  1.00 22.68 ? 201 TYR A CE1 1 
ATOM   901  C CE2 . TYR A 1 121 ? 2.750   -12.013 -5.544  1.00 22.18 ? 201 TYR A CE2 1 
ATOM   902  C CZ  . TYR A 1 121 ? 2.204   -13.227 -5.960  1.00 23.47 ? 201 TYR A CZ  1 
ATOM   903  O OH  . TYR A 1 121 ? 0.832   -13.366 -6.082  1.00 23.35 ? 201 TYR A OH  1 
ATOM   904  N N   . LEU A 1 122 ? 6.632   -10.346 -7.409  1.00 15.76 ? 202 LEU A N   1 
ATOM   905  C CA  . LEU A 1 122 ? 5.937   -9.175  -7.918  1.00 15.55 ? 202 LEU A CA  1 
ATOM   906  C C   . LEU A 1 122 ? 6.001   -9.111  -9.447  1.00 15.51 ? 202 LEU A C   1 
ATOM   907  O O   . LEU A 1 122 ? 5.001   -8.769  -10.090 1.00 16.90 ? 202 LEU A O   1 
ATOM   908  C CB  . LEU A 1 122 ? 6.524   -7.897  -7.295  1.00 16.05 ? 202 LEU A CB  1 
ATOM   909  C CG  . LEU A 1 122 ? 6.139   -7.693  -5.821  1.00 14.01 ? 202 LEU A CG  1 
ATOM   910  C CD1 . LEU A 1 122 ? 6.899   -6.518  -5.229  1.00 14.63 ? 202 LEU A CD1 1 
ATOM   911  C CD2 . LEU A 1 122 ? 4.657   -7.510  -5.624  1.00 14.42 ? 202 LEU A CD2 1 
ATOM   912  N N   . CYS A 1 123 ? 7.159   -9.476  -10.003 1.00 15.70 ? 203 CYS A N   1 
ATOM   913  C CA  . CYS A 1 123 ? 7.378   -9.470  -11.465 1.00 16.02 ? 203 CYS A CA  1 
ATOM   914  C C   . CYS A 1 123 ? 6.555   -10.527 -12.193 1.00 17.32 ? 203 CYS A C   1 
ATOM   915  O O   . CYS A 1 123 ? 6.348   -10.397 -13.404 1.00 19.10 ? 203 CYS A O   1 
ATOM   916  C CB  . CYS A 1 123 ? 8.842   -9.648  -11.799 1.00 16.65 ? 203 CYS A CB  1 
ATOM   917  S SG  . CYS A 1 123 ? 9.802   -8.152  -11.523 1.00 16.49 ? 203 CYS A SG  1 
ATOM   918  N N   . LYS A 1 124 ? 6.103   -11.562 -11.477 1.00 16.81 ? 204 LYS A N   1 
ATOM   919  C CA  . LYS A 1 124 ? 5.217   -12.555 -12.069 1.00 17.95 ? 204 LYS A CA  1 
ATOM   920  C C   . LYS A 1 124 ? 3.855   -11.983 -12.261 1.00 19.52 ? 204 LYS A C   1 
ATOM   921  O O   . LYS A 1 124 ? 3.103   -12.456 -13.114 1.00 19.97 ? 204 LYS A O   1 
ATOM   922  C CB  . LYS A 1 124 ? 5.046   -13.799 -11.180 1.00 17.40 ? 204 LYS A CB  1 
ATOM   923  C CG  . LYS A 1 124 ? 6.218   -14.724 -11.235 1.00 18.78 ? 204 LYS A CG  1 
ATOM   924  C CD  . LYS A 1 124 ? 6.046   -15.850 -10.239 1.00 21.97 ? 204 LYS A CD  1 
ATOM   925  C CE  . LYS A 1 124 ? 7.291   -16.733 -10.256 1.00 24.08 ? 204 LYS A CE  1 
ATOM   926  N NZ  . LYS A 1 124 ? 7.226   -17.637 -9.101  1.00 27.05 ? 204 LYS A NZ  1 
ATOM   927  N N   . VAL A 1 125 ? 3.485   -11.022 -11.415 1.00 19.81 ? 205 VAL A N   1 
ATOM   928  C CA  . VAL A 1 125 ? 2.122   -10.513 -11.488 1.00 22.05 ? 205 VAL A CA  1 
ATOM   929  C C   . VAL A 1 125 ? 2.076   -9.061  -11.976 1.00 22.12 ? 205 VAL A C   1 
ATOM   930  O O   . VAL A 1 125 ? 0.983   -8.494  -12.025 1.00 24.29 ? 205 VAL A O   1 
ATOM   931  C CB  . VAL A 1 125 ? 1.353   -10.650 -10.127 1.00 22.69 ? 205 VAL A CB  1 
ATOM   932  C CG1 . VAL A 1 125 ? 1.039   -12.127 -9.792  1.00 24.13 ? 205 VAL A CG1 1 
ATOM   933  C CG2 . VAL A 1 125 ? 2.120   -9.970  -9.010  1.00 21.97 ? 205 VAL A CG2 1 
ATOM   934  N N   . ALA A 1 126 ? 3.242   -8.489  -12.337 1.00 21.49 ? 206 ALA A N   1 
ATOM   935  C CA  . ALA A 1 126 ? 3.395   -7.068  -12.692 1.00 22.22 ? 206 ALA A CA  1 
ATOM   936  C C   . ALA A 1 126 ? 3.079   -6.720  -14.137 1.00 24.10 ? 206 ALA A C   1 
ATOM   937  O O   . ALA A 1 126 ? 3.596   -7.343  -15.079 1.00 24.64 ? 206 ALA A O   1 
ATOM   938  C CB  . ALA A 1 126 ? 4.806   -6.556  -12.338 1.00 21.94 ? 206 ALA A CB  1 
ATOM   939  N N   . ASP A 1 127 ? 2.247   -5.697  -14.298 1.00 25.77 ? 207 ASP A N   1 
ATOM   940  C CA  . ASP A 1 127 ? 1.945   -5.139  -15.613 1.00 27.84 ? 207 ASP A CA  1 
ATOM   941  C C   . ASP A 1 127 ? 1.394   -3.707  -15.519 1.00 27.57 ? 207 ASP A C   1 
ATOM   942  O O   . ASP A 1 127 ? 1.191   -3.179  -14.429 1.00 26.63 ? 207 ASP A O   1 
ATOM   943  C CB  . ASP A 1 127 ? 1.051   -6.099  -16.433 1.00 28.35 ? 207 ASP A CB  1 
ATOM   944  C CG  . ASP A 1 127 ? -0.390  -6.165  -15.956 1.00 32.70 ? 207 ASP A CG  1 
ATOM   945  O OD1 . ASP A 1 127 ? -0.793  -5.478  -14.986 1.00 38.68 ? 207 ASP A OD1 1 
ATOM   946  O OD2 . ASP A 1 127 ? -1.152  -6.920  -16.594 1.00 37.79 ? 207 ASP A OD2 1 
ATOM   947  N N   . GLY A 1 128 ? 1.220   -3.052  -16.661 1.00 28.24 ? 208 GLY A N   1 
ATOM   948  C CA  . GLY A 1 128 ? 0.521   -1.783  -16.665 1.00 27.80 ? 208 GLY A CA  1 
ATOM   949  C C   . GLY A 1 128 ? 1.382   -0.572  -16.505 1.00 28.08 ? 208 GLY A C   1 
ATOM   950  O O   . GLY A 1 128 ? 2.615   -0.654  -16.260 1.00 28.10 ? 208 GLY A O   1 
ATOM   951  N N   . VAL A 1 129 ? 0.713   0.575   -16.652 1.00 27.57 ? 209 VAL A N   1 
ATOM   952  C CA  . VAL A 1 129 ? 1.331   1.866   -16.475 1.00 28.33 ? 209 VAL A CA  1 
ATOM   953  C C   . VAL A 1 129 ? 0.492   2.605   -15.449 1.00 27.33 ? 209 VAL A C   1 
ATOM   954  O O   . VAL A 1 129 ? -0.736  2.518   -15.451 1.00 27.32 ? 209 VAL A O   1 
ATOM   955  C CB  . VAL A 1 129 ? 1.371   2.731   -17.781 1.00 28.03 ? 209 VAL A CB  1 
ATOM   956  C CG1 . VAL A 1 129 ? 2.469   3.781   -17.677 1.00 29.78 ? 209 VAL A CG1 1 
ATOM   957  C CG2 . VAL A 1 129 ? 1.607   1.851   -19.014 1.00 30.22 ? 209 VAL A CG2 1 
ATOM   958  N N   . ASN A 1 130 ? 1.184   3.319   -14.593 1.00 27.41 ? 210 ASN A N   1 
ATOM   959  C CA  . ASN A 1 130 ? 0.558   4.075   -13.517 1.00 27.51 ? 210 ASN A CA  1 
ATOM   960  C C   . ASN A 1 130 ? -0.229  5.267   -14.071 1.00 27.74 ? 210 ASN A C   1 
ATOM   961  O O   . ASN A 1 130 ? 0.390   6.190   -14.620 1.00 29.19 ? 210 ASN A O   1 
ATOM   962  C CB  . ASN A 1 130 ? 1.649   4.540   -12.570 1.00 26.47 ? 210 ASN A CB  1 
ATOM   963  C CG  . ASN A 1 130 ? 1.097   5.216   -11.333 1.00 27.54 ? 210 ASN A CG  1 
ATOM   964  O OD1 . ASN A 1 130 ? 0.983   6.432   -11.295 1.00 25.27 ? 210 ASN A OD1 1 
ATOM   965  N ND2 . ASN A 1 130 ? 0.760   4.433   -10.317 1.00 25.69 ? 210 ASN A ND2 1 
ATOM   966  N N   . ALA A 1 131 ? -1.561  5.229   -13.929 1.00 27.48 ? 211 ALA A N   1 
ATOM   967  C CA  . ALA A 1 131 ? -2.470  6.301   -14.427 1.00 27.26 ? 211 ALA A CA  1 
ATOM   968  C C   . ALA A 1 131 ? -1.991  7.676   -14.022 1.00 26.83 ? 211 ALA A C   1 
ATOM   969  O O   . ALA A 1 131 ? -2.377  8.672   -14.643 1.00 27.04 ? 211 ALA A O   1 
ATOM   970  C CB  . ALA A 1 131 ? -3.886  6.104   -13.919 1.00 28.05 ? 211 ALA A CB  1 
ATOM   971  N N   . THR A 1 132 ? -1.181  7.720   -12.963 1.00 26.74 ? 212 THR A N   1 
ATOM   972  C CA  . THR A 1 132 ? -0.673  8.961   -12.371 1.00 26.92 ? 212 THR A CA  1 
ATOM   973  C C   . THR A 1 132 ? 0.708   9.331   -12.868 1.00 26.99 ? 212 THR A C   1 
ATOM   974  O O   . THR A 1 132 ? 0.926   10.467  -13.274 1.00 26.84 ? 212 THR A O   1 
ATOM   975  C CB  . THR A 1 132 ? -0.723  8.937   -10.784 1.00 27.01 ? 212 THR A CB  1 
ATOM   976  O OG1 . THR A 1 132 ? -2.091  8.937   -10.359 1.00 28.52 ? 212 THR A OG1 1 
ATOM   977  C CG2 . THR A 1 132 ? 0.005   10.118  -10.173 1.00 25.46 ? 212 THR A CG2 1 
ATOM   978  N N   . THR A 1 133 ? 1.642   8.378   -12.871 1.00 27.25 ? 213 THR A N   1 
ATOM   979  C CA  . THR A 1 133 ? 3.038   8.703   -13.182 1.00 27.49 ? 213 THR A CA  1 
ATOM   980  C C   . THR A 1 133 ? 3.497   8.290   -14.596 1.00 27.47 ? 213 THR A C   1 
ATOM   981  O O   . THR A 1 133 ? 4.539   8.727   -15.060 1.00 27.92 ? 213 THR A O   1 
ATOM   982  C CB  . THR A 1 133 ? 4.065   8.095   -12.168 1.00 28.16 ? 213 THR A CB  1 
ATOM   983  O OG1 . THR A 1 133 ? 4.116   6.669   -12.330 1.00 26.13 ? 213 THR A OG1 1 
ATOM   984  C CG2 . THR A 1 133 ? 3.738   8.469   -10.705 1.00 28.78 ? 213 THR A CG2 1 
ATOM   985  N N   . GLY A 1 134 ? 2.758   7.427   -15.266 1.00 28.23 ? 214 GLY A N   1 
ATOM   986  C CA  . GLY A 1 134 ? 3.245   6.949   -16.562 1.00 29.19 ? 214 GLY A CA  1 
ATOM   987  C C   . GLY A 1 134 ? 4.584   6.197   -16.462 1.00 29.83 ? 214 GLY A C   1 
ATOM   988  O O   . GLY A 1 134 ? 5.330   6.066   -17.452 1.00 29.99 ? 214 GLY A O   1 
ATOM   989  N N   . ASN A 1 135 ? 4.921   5.738   -15.258 1.00 29.35 ? 215 ASN A N   1 
ATOM   990  C CA  . ASN A 1 135 ? 6.017   4.781   -15.091 1.00 28.64 ? 215 ASN A CA  1 
ATOM   991  C C   . ASN A 1 135 ? 5.478   3.367   -15.330 1.00 28.35 ? 215 ASN A C   1 
ATOM   992  O O   . ASN A 1 135 ? 4.322   3.049   -15.008 1.00 29.08 ? 215 ASN A O   1 
ATOM   993  C CB  . ASN A 1 135 ? 6.705   4.933   -13.737 1.00 28.89 ? 215 ASN A CB  1 
ATOM   994  C CG  . ASN A 1 135 ? 7.681   6.070   -13.705 1.00 30.34 ? 215 ASN A CG  1 
ATOM   995  O OD1 . ASN A 1 135 ? 8.199   6.485   -14.756 1.00 31.87 ? 215 ASN A OD1 1 
ATOM   996  N ND2 . ASN A 1 135 ? 7.971   6.581   -12.505 1.00 28.69 ? 215 ASN A ND2 1 
ATOM   997  N N   . ALA A 1 136 ? 6.277   2.513   -15.957 1.00 26.66 ? 216 ALA A N   1 
ATOM   998  C CA  . ALA A 1 136 ? 5.772   1.181   -16.265 1.00 25.42 ? 216 ALA A CA  1 
ATOM   999  C C   . ALA A 1 136 ? 6.073   0.295   -15.062 1.00 23.75 ? 216 ALA A C   1 
ATOM   1000 O O   . ALA A 1 136 ? 7.198   0.322   -14.553 1.00 23.24 ? 216 ALA A O   1 
ATOM   1001 C CB  . ALA A 1 136 ? 6.424   0.624   -17.530 1.00 25.58 ? 216 ALA A CB  1 
ATOM   1002 N N   . THR A 1 137 ? 5.067   -0.452  -14.597 1.00 22.92 ? 217 THR A N   1 
ATOM   1003 C CA  . THR A 1 137 ? 5.179   -1.152  -13.291 1.00 22.97 ? 217 THR A CA  1 
ATOM   1004 C C   . THR A 1 137 ? 6.380   -2.058  -13.295 1.00 22.08 ? 217 THR A C   1 
ATOM   1005 O O   . THR A 1 137 ? 7.168   -2.027  -12.372 1.00 22.40 ? 217 THR A O   1 
ATOM   1006 C CB  . THR A 1 137 ? 3.904   -1.937  -12.910 1.00 21.69 ? 217 THR A CB  1 
ATOM   1007 O OG1 . THR A 1 137 ? 2.838   -1.005  -12.708 1.00 22.60 ? 217 THR A OG1 1 
ATOM   1008 C CG2 . THR A 1 137 ? 4.112   -2.762  -11.599 1.00 22.54 ? 217 THR A CG2 1 
ATOM   1009 N N   . ARG A 1 138 ? 6.545   -2.791  -14.393 1.00 23.09 ? 218 ARG A N   1 
ATOM   1010 C CA  . ARG A 1 138 ? 7.691   -3.694  -14.621 1.00 23.12 ? 218 ARG A CA  1 
ATOM   1011 C C   . ARG A 1 138 ? 9.038   -3.000  -14.606 1.00 23.14 ? 218 ARG A C   1 
ATOM   1012 O O   . ARG A 1 138 ? 10.018  -3.594  -14.173 1.00 22.87 ? 218 ARG A O   1 
ATOM   1013 C CB  . ARG A 1 138 ? 7.514   -4.435  -15.946 1.00 24.46 ? 218 ARG A CB  1 
ATOM   1014 C CG  . ARG A 1 138 ? 6.273   -5.311  -16.007 1.00 24.59 ? 218 ARG A CG  1 
ATOM   1015 C CD  . ARG A 1 138 ? 6.282   -6.212  -17.222 1.00 29.11 ? 218 ARG A CD  1 
ATOM   1016 N NE  . ARG A 1 138 ? 7.345   -7.222  -17.192 1.00 31.53 ? 218 ARG A NE  1 
ATOM   1017 C CZ  . ARG A 1 138 ? 7.349   -8.300  -16.400 1.00 34.10 ? 218 ARG A CZ  1 
ATOM   1018 N NH1 . ARG A 1 138 ? 6.368   -8.518  -15.533 1.00 32.33 ? 218 ARG A NH1 1 
ATOM   1019 N NH2 . ARG A 1 138 ? 8.348   -9.163  -16.458 1.00 32.95 ? 218 ARG A NH2 1 
ATOM   1020 N N   . ASP A 1 139 ? 9.098   -1.755  -15.100 1.00 22.74 ? 219 ASP A N   1 
ATOM   1021 C CA  . ASP A 1 139 ? 10.342  -0.983  -15.061 0.50 22.44 ? 219 ASP A CA  1 
ATOM   1022 C C   . ASP A 1 139 ? 10.682  -0.513  -13.671 1.00 22.61 ? 219 ASP A C   1 
ATOM   1023 O O   . ASP A 1 139 ? 11.845  -0.545  -13.258 1.00 23.92 ? 219 ASP A O   1 
ATOM   1024 C CB  . ASP A 1 139 ? 10.280  0.208   -16.016 0.50 22.24 ? 219 ASP A CB  1 
ATOM   1025 C CG  . ASP A 1 139 ? 10.245  -0.213  -17.460 0.50 21.88 ? 219 ASP A CG  1 
ATOM   1026 O OD1 . ASP A 1 139 ? 10.779  -1.304  -17.764 0.50 21.49 ? 219 ASP A OD1 1 
ATOM   1027 O OD2 . ASP A 1 139 ? 9.695   0.546   -18.286 0.50 21.38 ? 219 ASP A OD2 1 
ATOM   1028 N N   . THR A 1 140 ? 9.672   -0.057  -12.920 1.00 23.11 ? 220 THR A N   1 
ATOM   1029 C CA  . THR A 1 140 ? 9.913   0.383   -11.557 1.00 23.78 ? 220 THR A CA  1 
ATOM   1030 C C   . THR A 1 140 ? 10.397  -0.782  -10.727 1.00 21.93 ? 220 THR A C   1 
ATOM   1031 O O   . THR A 1 140 ? 11.163  -0.594  -9.792  1.00 23.21 ? 220 THR A O   1 
ATOM   1032 C CB  . THR A 1 140 ? 8.648   1.033   -10.920 1.00 23.85 ? 220 THR A CB  1 
ATOM   1033 O OG1 . THR A 1 140 ? 7.618   0.053   -10.764 1.00 24.81 ? 220 THR A OG1 1 
ATOM   1034 C CG2 . THR A 1 140 ? 8.143   2.161   -11.820 1.00 24.60 ? 220 THR A CG2 1 
ATOM   1035 N N   . LEU A 1 141 ? 9.957   -1.984  -11.105 1.00 21.39 ? 221 LEU A N   1 
ATOM   1036 C CA  . LEU A 1 141 ? 10.362  -3.226  -10.442 1.00 20.38 ? 221 LEU A CA  1 
ATOM   1037 C C   . LEU A 1 141 ? 11.636  -3.824  -11.037 1.00 20.60 ? 221 LEU A C   1 
ATOM   1038 O O   . LEU A 1 141 ? 12.211  -4.745  -10.465 1.00 19.66 ? 221 LEU A O   1 
ATOM   1039 C CB  . LEU A 1 141 ? 9.241   -4.277  -10.561 1.00 20.20 ? 221 LEU A CB  1 
ATOM   1040 C CG  . LEU A 1 141 ? 8.023   -4.104  -9.650  1.00 18.36 ? 221 LEU A CG  1 
ATOM   1041 C CD1 . LEU A 1 141 ? 6.898   -5.035  -9.981  1.00 16.11 ? 221 LEU A CD1 1 
ATOM   1042 C CD2 . LEU A 1 141 ? 8.422   -4.230  -8.179  1.00 16.37 ? 221 LEU A CD2 1 
ATOM   1043 N N   . LEU A 1 142 ? 12.044  -3.301  -12.197 1.00 22.26 ? 222 LEU A N   1 
ATOM   1044 C CA  . LEU A 1 142 ? 13.268  -3.742  -12.874 1.00 22.61 ? 222 LEU A CA  1 
ATOM   1045 C C   . LEU A 1 142 ? 13.186  -5.230  -13.170 1.00 23.39 ? 222 LEU A C   1 
ATOM   1046 O O   . LEU A 1 142 ? 14.112  -6.005  -12.858 1.00 23.94 ? 222 LEU A O   1 
ATOM   1047 C CB  . LEU A 1 142 ? 14.509  -3.421  -12.043 1.00 23.20 ? 222 LEU A CB  1 
ATOM   1048 C CG  . LEU A 1 142 ? 14.752  -1.924  -11.789 1.00 25.56 ? 222 LEU A CG  1 
ATOM   1049 C CD1 . LEU A 1 142 ? 15.829  -1.749  -10.735 1.00 26.47 ? 222 LEU A CD1 1 
ATOM   1050 C CD2 . LEU A 1 142 ? 15.120  -1.215  -13.112 1.00 25.81 ? 222 LEU A CD2 1 
ATOM   1051 N N   . CYS A 1 143 ? 12.066  -5.626  -13.769 1.00 23.71 ? 223 CYS A N   1 
ATOM   1052 C CA  . CYS A 1 143 ? 11.831  -7.035  -14.040 1.00 24.95 ? 223 CYS A CA  1 
ATOM   1053 C C   . CYS A 1 143 ? 12.797  -7.599  -15.075 1.00 27.07 ? 223 CYS A C   1 
ATOM   1054 O O   . CYS A 1 143 ? 13.277  -8.712  -14.899 1.00 27.19 ? 223 CYS A O   1 
ATOM   1055 C CB  . CYS A 1 143 ? 10.387  -7.282  -14.443 1.00 24.18 ? 223 CYS A CB  1 
ATOM   1056 S SG  . CYS A 1 143 ? 9.247   -6.911  -13.076 1.00 20.86 ? 223 CYS A SG  1 
ATOM   1057 N N   . ASN A 1 144 ? 13.114  -6.797  -16.096 1.00 29.19 ? 224 ASN A N   1 
ATOM   1058 C CA  . ASN A 1 144 ? 13.845  -7.277  -17.269 1.00 32.05 ? 224 ASN A CA  1 
ATOM   1059 C C   . ASN A 1 144 ? 15.196  -6.552  -17.474 1.00 33.12 ? 224 ASN A C   1 
ATOM   1060 O O   . ASN A 1 144 ? 15.584  -6.216  -18.609 1.00 33.96 ? 224 ASN A O   1 
ATOM   1061 C CB  . ASN A 1 144 ? 12.946  -7.220  -18.519 1.00 32.39 ? 224 ASN A CB  1 
ATOM   1062 C CG  . ASN A 1 144 ? 11.455  -7.527  -18.198 1.00 36.81 ? 224 ASN A CG  1 
ATOM   1063 O OD1 . ASN A 1 144 ? 11.116  -8.631  -17.741 1.00 39.92 ? 224 ASN A OD1 1 
ATOM   1064 N ND2 . ASN A 1 144 ? 10.576  -6.536  -18.413 1.00 38.02 ? 224 ASN A ND2 1 
ATOM   1065 N N   . LEU A 1 145 ? 15.887  -6.320  -16.355 1.00 33.70 ? 225 LEU A N   1 
ATOM   1066 C CA  . LEU A 1 145 ? 17.337  -5.982  -16.301 1.00 34.84 ? 225 LEU A CA  1 
ATOM   1067 C C   . LEU A 1 145 ? 17.750  -5.183  -15.066 1.00 34.81 ? 225 LEU A C   1 
ATOM   1068 O O   . LEU A 1 145 ? 17.240  -4.089  -14.830 1.00 36.64 ? 225 LEU A O   1 
ATOM   1069 C CB  . LEU A 1 145 ? 17.847  -5.307  -17.577 1.00 33.86 ? 225 LEU A CB  1 
ATOM   1070 C CG  . LEU A 1 145 ? 19.308  -5.557  -17.943 1.00 34.04 ? 225 LEU A CG  1 
ATOM   1071 C CD1 . LEU A 1 145 ? 19.630  -7.055  -18.183 1.00 31.11 ? 225 LEU A CD1 1 
ATOM   1072 C CD2 . LEU A 1 145 ? 19.619  -4.795  -19.143 1.00 26.12 ? 225 LEU A CD2 1 
HETATM 1073 S S   . SO4 B 2 .   ? -1.810  14.002  15.289  0.50 22.27 ? 500 SO4 A S   1 
HETATM 1074 O O1  . SO4 B 2 .   ? -1.768  13.071  16.417  0.50 23.99 ? 500 SO4 A O1  1 
HETATM 1075 O O2  . SO4 B 2 .   ? -1.965  15.385  15.744  0.50 22.47 ? 500 SO4 A O2  1 
HETATM 1076 O O3  . SO4 B 2 .   ? -3.010  13.701  14.482  0.50 24.38 ? 500 SO4 A O3  1 
HETATM 1077 O O4  . SO4 B 2 .   ? -0.608  13.892  14.497  0.50 20.75 ? 500 SO4 A O4  1 
HETATM 1078 O O   . HOH C 3 .   ? 1.065   -7.371  14.650  1.00 18.56 ? 233 HOH A O   1 
HETATM 1079 O O   . HOH C 3 .   ? 11.652  -2.503  1.227   1.00 21.50 ? 234 HOH A O   1 
HETATM 1080 O O   . HOH C 3 .   ? -9.475  -2.146  18.317  1.00 21.48 ? 235 HOH A O   1 
HETATM 1081 O O   . HOH C 3 .   ? 7.584   -13.347 9.944   1.00 25.77 ? 236 HOH A O   1 
HETATM 1082 O O   . HOH C 3 .   ? 1.832   13.860  15.026  1.00 23.23 ? 237 HOH A O   1 
HETATM 1083 O O   . HOH C 3 .   ? -1.358  -7.784  -10.555 1.00 26.63 ? 238 HOH A O   1 
HETATM 1084 O O   . HOH C 3 .   ? 4.486   3.865   13.556  1.00 28.96 ? 239 HOH A O   1 
HETATM 1085 O O   . HOH C 3 .   ? -5.626  12.079  9.606   1.00 26.45 ? 240 HOH A O   1 
HETATM 1086 O O   . HOH C 3 .   ? -12.226 -9.678  8.288   1.00 23.88 ? 241 HOH A O   1 
HETATM 1087 O O   . HOH C 3 .   ? -11.828 7.259   -3.446  1.00 27.07 ? 242 HOH A O   1 
HETATM 1088 O O   . HOH C 3 .   ? 6.843   2.398   10.007  1.00 23.03 ? 243 HOH A O   1 
HETATM 1089 O O   . HOH C 3 .   ? 18.211  -10.542 -2.057  1.00 24.46 ? 244 HOH A O   1 
HETATM 1090 O O   . HOH C 3 .   ? -1.565  11.142  -15.366 1.00 26.53 ? 245 HOH A O   1 
HETATM 1091 O O   . HOH C 3 .   ? 4.006   16.381  -4.097  1.00 31.56 ? 246 HOH A O   1 
HETATM 1092 O O   . HOH C 3 .   ? 8.136   -10.375 1.215   1.00 24.38 ? 247 HOH A O   1 
HETATM 1093 O O   . HOH C 3 .   ? -8.457  -6.326  -8.503  1.00 29.91 ? 248 HOH A O   1 
HETATM 1094 O O   . HOH C 3 .   ? 9.680   -13.225 -11.835 1.00 24.74 ? 249 HOH A O   1 
HETATM 1095 O O   . HOH C 3 .   ? 12.817  -5.467  0.984   1.00 21.47 ? 250 HOH A O   1 
HETATM 1096 O O   . HOH C 3 .   ? -6.352  -9.047  -6.029  1.00 31.25 ? 251 HOH A O   1 
HETATM 1097 O O   . HOH C 3 .   ? -6.872  -2.499  19.827  1.00 25.91 ? 252 HOH A O   1 
HETATM 1098 O O   . HOH C 3 .   ? 2.947   -10.971 5.828   1.00 31.35 ? 253 HOH A O   1 
HETATM 1099 O O   . HOH C 3 .   ? -3.141  14.114  6.877   1.00 29.00 ? 254 HOH A O   1 
HETATM 1100 O O   . HOH C 3 .   ? 9.553   -15.476 -5.089  1.00 23.59 ? 255 HOH A O   1 
HETATM 1101 O O   . HOH C 3 .   ? 2.855   11.511  14.399  1.00 30.52 ? 256 HOH A O   1 
HETATM 1102 O O   . HOH C 3 .   ? 18.084  -7.040  -20.804 1.00 35.69 ? 257 HOH A O   1 
HETATM 1103 O O   . HOH C 3 .   ? -14.118 8.526   3.172   1.00 30.77 ? 258 HOH A O   1 
HETATM 1104 O O   . HOH C 3 .   ? 13.370  1.196   -8.335  1.00 34.08 ? 259 HOH A O   1 
HETATM 1105 O O   . HOH C 3 .   ? -18.542 4.877   5.123   1.00 44.74 ? 260 HOH A O   1 
HETATM 1106 O O   . HOH C 3 .   ? 2.984   3.020   16.833  1.00 33.24 ? 261 HOH A O   1 
HETATM 1107 O O   . HOH C 3 .   ? 7.337   12.954  -5.022  1.00 35.25 ? 262 HOH A O   1 
HETATM 1108 O O   . HOH C 3 .   ? 4.715   -2.543  -16.371 1.00 27.00 ? 263 HOH A O   1 
HETATM 1109 O O   . HOH C 3 .   ? 4.999   6.993   9.648   1.00 40.38 ? 264 HOH A O   1 
HETATM 1110 O O   . HOH C 3 .   ? -9.356  13.766  5.000   1.00 30.45 ? 265 HOH A O   1 
HETATM 1111 O O   . HOH C 3 .   ? -10.197 3.825   16.596  1.00 28.74 ? 266 HOH A O   1 
HETATM 1112 O O   . HOH C 3 .   ? -0.237  11.892  0.563   1.00 30.53 ? 267 HOH A O   1 
HETATM 1113 O O   . HOH C 3 .   ? 9.202   -11.685 -15.369 1.00 32.86 ? 268 HOH A O   1 
HETATM 1114 O O   . HOH C 3 .   ? 7.859   7.746   -8.991  1.00 24.17 ? 269 HOH A O   1 
HETATM 1115 O O   . HOH C 3 .   ? 1.873   7.243   16.948  1.00 30.78 ? 270 HOH A O   1 
HETATM 1116 O O   . HOH C 3 .   ? 10.507  -0.402  9.277   1.00 26.99 ? 271 HOH A O   1 
HETATM 1117 O O   . HOH C 3 .   ? -8.960  12.079  16.351  1.00 25.58 ? 272 HOH A O   1 
HETATM 1118 O O   . HOH C 3 .   ? -1.166  13.157  -3.669  1.00 32.79 ? 273 HOH A O   1 
HETATM 1119 O O   . HOH C 3 .   ? 1.043   10.081  -6.214  1.00 31.59 ? 274 HOH A O   1 
HETATM 1120 O O   . HOH C 3 .   ? -6.895  -3.255  -12.217 1.00 31.69 ? 275 HOH A O   1 
HETATM 1121 O O   . HOH C 3 .   ? 11.476  -1.664  -6.603  1.00 27.55 ? 276 HOH A O   1 
HETATM 1122 O O   . HOH C 3 .   ? -3.601  0.676   -14.389 1.00 28.39 ? 277 HOH A O   1 
HETATM 1123 O O   . HOH C 3 .   ? -1.209  -11.415 -7.607  1.00 32.06 ? 278 HOH A O   1 
HETATM 1124 O O   . HOH C 3 .   ? -3.852  -8.325  -11.577 1.00 41.54 ? 279 HOH A O   1 
HETATM 1125 O O   . HOH C 3 .   ? -13.130 0.702   -2.805  1.00 37.98 ? 280 HOH A O   1 
HETATM 1126 O O   . HOH C 3 .   ? -4.256  3.314   19.651  1.00 32.16 ? 281 HOH A O   1 
HETATM 1127 O O   . HOH C 3 .   ? -0.445  11.688  18.153  1.00 45.20 ? 282 HOH A O   1 
HETATM 1128 O O   . HOH C 3 .   ? -11.664 -7.259  -0.328  1.00 25.92 ? 283 HOH A O   1 
HETATM 1129 O O   . HOH C 3 .   ? 5.416   -11.035 -1.670  1.00 36.97 ? 284 HOH A O   1 
HETATM 1130 O O   . HOH C 3 .   ? 4.485   -10.041 -15.529 1.00 41.43 ? 285 HOH A O   1 
HETATM 1131 O O   . HOH C 3 .   ? -11.371 -3.979  -0.626  1.00 36.65 ? 286 HOH A O   1 
HETATM 1132 O O   . HOH C 3 .   ? -2.574  -0.373  -16.872 1.00 42.28 ? 287 HOH A O   1 
HETATM 1133 O O   . HOH C 3 .   ? -1.047  15.775  18.236  1.00 38.68 ? 288 HOH A O   1 
HETATM 1134 O O   . HOH C 3 .   ? -17.228 5.554   12.116  1.00 34.21 ? 289 HOH A O   1 
HETATM 1135 O O   . HOH C 3 .   ? 9.202   8.981   -1.848  1.00 34.00 ? 290 HOH A O   1 
HETATM 1136 O O   . HOH C 3 .   ? -10.001 -4.192  -2.772  1.00 34.02 ? 291 HOH A O   1 
HETATM 1137 O O   . HOH C 3 .   ? -4.097  9.838   -5.192  1.00 46.87 ? 292 HOH A O   1 
HETATM 1138 O O   . HOH C 3 .   ? -10.299 -2.172  -9.336  1.00 32.31 ? 293 HOH A O   1 
HETATM 1139 O O   . HOH C 3 .   ? -4.819  10.522  19.209  1.00 29.93 ? 294 HOH A O   1 
HETATM 1140 O O   . HOH C 3 .   ? -8.581  4.517   19.672  1.00 34.73 ? 295 HOH A O   1 
HETATM 1141 O O   . HOH C 3 .   ? 16.566  -3.320  -4.363  1.00 35.46 ? 296 HOH A O   1 
HETATM 1142 O O   . HOH C 3 .   ? 8.293   0.124   14.504  1.00 36.99 ? 297 HOH A O   1 
HETATM 1143 O O   . HOH C 3 .   ? 14.627  -13.399 2.803   1.00 36.58 ? 298 HOH A O   1 
HETATM 1144 O O   . HOH C 3 .   ? -11.405 -8.654  13.703  1.00 41.52 ? 299 HOH A O   1 
HETATM 1145 O O   . HOH C 3 .   ? -17.119 4.854   16.171  1.00 37.29 ? 300 HOH A O   1 
HETATM 1146 O O   . HOH C 3 .   ? 16.271  -7.226  -6.091  1.00 39.09 ? 301 HOH A O   1 
HETATM 1147 O O   . HOH C 3 .   ? 9.231   3.951   4.758   1.00 34.52 ? 302 HOH A O   1 
HETATM 1148 O O   . HOH C 3 .   ? -12.539 11.867  1.465   1.00 36.80 ? 303 HOH A O   1 
HETATM 1149 O O   . HOH C 3 .   ? -2.702  -3.833  -17.827 1.00 47.47 ? 304 HOH A O   1 
HETATM 1150 O O   . HOH C 3 .   ? 14.381  7.166   -8.174  1.00 44.23 ? 305 HOH A O   1 
HETATM 1151 O O   . HOH C 3 .   ? 16.028  -12.963 -2.004  1.00 30.96 ? 306 HOH A O   1 
HETATM 1152 O O   . HOH C 3 .   ? -10.976 -8.420  11.207  1.00 37.11 ? 307 HOH A O   1 
HETATM 1153 O O   . HOH C 3 .   ? 0.856   -8.436  9.881   1.00 24.30 ? 308 HOH A O   1 
HETATM 1154 O O   . HOH C 3 .   ? -8.639  -6.554  -3.350  1.00 31.04 ? 309 HOH A O   1 
HETATM 1155 O O   . HOH C 3 .   ? 11.734  5.832   -11.162 1.00 26.16 ? 310 HOH A O   1 
HETATM 1156 O O   . HOH C 3 .   ? 7.363   4.831   -18.881 1.00 29.04 ? 311 HOH A O   1 
HETATM 1157 O O   . HOH C 3 .   ? 1.029   1.025   17.005  1.00 25.10 ? 312 HOH A O   1 
HETATM 1158 O O   . HOH C 3 .   ? -0.321  -5.160  -19.595 1.00 30.73 ? 313 HOH A O   1 
HETATM 1159 O O   . HOH C 3 .   ? 16.916  -8.116  -14.029 1.00 39.59 ? 314 HOH A O   1 
HETATM 1160 O O   . HOH C 3 .   ? 11.438  8.458   -10.706 1.00 26.78 ? 315 HOH A O   1 
HETATM 1161 O O   . HOH C 3 .   ? -7.385  -6.661  -5.810  1.00 32.55 ? 316 HOH A O   1 
HETATM 1162 O O   . HOH C 3 .   ? 7.385   4.967   9.487   1.00 35.54 ? 317 HOH A O   1 
HETATM 1163 O O   . HOH C 3 .   ? 16.615  -9.117  -16.480 1.00 38.87 ? 318 HOH A O   1 
HETATM 1164 O O   . HOH C 3 .   ? -11.412 1.352   16.028  1.00 34.94 ? 319 HOH A O   1 
HETATM 1165 O O   . HOH C 3 .   ? 12.853  3.327   0.253   1.00 34.62 ? 320 HOH A O   1 
HETATM 1166 O O   . HOH C 3 .   ? 13.708  -1.046  2.768   1.00 33.32 ? 321 HOH A O   1 
HETATM 1167 O O   . HOH C 3 .   ? -4.221  14.583  9.030   1.00 42.32 ? 322 HOH A O   1 
HETATM 1168 O O   . HOH C 3 .   ? 15.554  -4.924  0.256   1.00 28.16 ? 323 HOH A O   1 
HETATM 1169 O O   . HOH C 3 .   ? -10.744 -4.009  -5.318  1.00 35.67 ? 324 HOH A O   1 
HETATM 1170 O O   . HOH C 3 .   ? 3.425   7.599   11.584  1.00 37.93 ? 325 HOH A O   1 
HETATM 1171 O O   . HOH C 3 .   ? 2.403   12.145  -6.589  1.00 35.77 ? 326 HOH A O   1 
HETATM 1172 O O   . HOH C 3 .   ? -14.485 3.858   -2.639  1.00 37.89 ? 327 HOH A O   1 
HETATM 1173 O O   . HOH C 3 .   ? 15.056  3.122   -8.980  1.00 41.48 ? 328 HOH A O   1 
HETATM 1174 O O   . HOH C 3 .   ? -16.269 3.057   14.720  1.00 33.03 ? 329 HOH A O   1 
HETATM 1175 O O   . HOH C 3 .   ? -6.053  -13.426 -5.132  1.00 40.91 ? 330 HOH A O   1 
HETATM 1176 O O   . HOH C 3 .   ? -0.895  -8.308  12.274  0.50 18.39 ? 331 HOH A O   1 
HETATM 1177 O O   . HOH C 3 .   ? 16.101  -11.892 -15.077 1.00 24.41 ? 332 HOH A O   1 
HETATM 1178 O O   . HOH C 3 .   ? -4.212  -0.438  20.973  0.50 15.55 ? 333 HOH A O   1 
HETATM 1179 O O   . HOH C 3 .   ? 3.987   -10.108 10.193  1.00 34.15 ? 334 HOH A O   1 
HETATM 1180 O O   . HOH C 3 .   ? 10.392  -18.647 -9.698  1.00 34.32 ? 335 HOH A O   1 
# 
